data_5WUF
# 
_entry.id   5WUF 
# 
_audit_conform.dict_name       mmcif_pdbx.dic 
_audit_conform.dict_version    5.398 
_audit_conform.dict_location   http://mmcif.pdb.org/dictionaries/ascii/mmcif_pdbx.dic 
# 
loop_
_database_2.database_id 
_database_2.database_code 
_database_2.pdbx_database_accession 
_database_2.pdbx_DOI 
PDB   5WUF         pdb_00005wuf 10.2210/pdb5wuf/pdb 
WWPDB D_1300002395 ?            ?                   
# 
loop_
_pdbx_audit_revision_history.ordinal 
_pdbx_audit_revision_history.data_content_type 
_pdbx_audit_revision_history.major_revision 
_pdbx_audit_revision_history.minor_revision 
_pdbx_audit_revision_history.revision_date 
1 'Structure model' 1 0 2017-08-09 
2 'Structure model' 1 1 2024-11-06 
# 
_pdbx_audit_revision_details.ordinal             1 
_pdbx_audit_revision_details.revision_ordinal    1 
_pdbx_audit_revision_details.data_content_type   'Structure model' 
_pdbx_audit_revision_details.provider            repository 
_pdbx_audit_revision_details.type                'Initial release' 
_pdbx_audit_revision_details.description         ? 
_pdbx_audit_revision_details.details             ? 
# 
loop_
_pdbx_audit_revision_group.ordinal 
_pdbx_audit_revision_group.revision_ordinal 
_pdbx_audit_revision_group.data_content_type 
_pdbx_audit_revision_group.group 
1 2 'Structure model' 'Data collection'      
2 2 'Structure model' 'Database references'  
3 2 'Structure model' 'Derived calculations' 
4 2 'Structure model' 'Structure summary'    
# 
loop_
_pdbx_audit_revision_category.ordinal 
_pdbx_audit_revision_category.revision_ordinal 
_pdbx_audit_revision_category.data_content_type 
_pdbx_audit_revision_category.category 
1 2 'Structure model' chem_comp_atom            
2 2 'Structure model' chem_comp_bond            
3 2 'Structure model' database_2                
4 2 'Structure model' pdbx_entry_details        
5 2 'Structure model' pdbx_modification_feature 
6 2 'Structure model' struct_conn               
# 
loop_
_pdbx_audit_revision_item.ordinal 
_pdbx_audit_revision_item.revision_ordinal 
_pdbx_audit_revision_item.data_content_type 
_pdbx_audit_revision_item.item 
1  2 'Structure model' '_database_2.pdbx_DOI'                
2  2 'Structure model' '_database_2.pdbx_database_accession' 
3  2 'Structure model' '_struct_conn.conn_type_id'           
4  2 'Structure model' '_struct_conn.id'                     
5  2 'Structure model' '_struct_conn.pdbx_dist_value'        
6  2 'Structure model' '_struct_conn.pdbx_leaving_atom_flag' 
7  2 'Structure model' '_struct_conn.ptnr1_auth_comp_id'     
8  2 'Structure model' '_struct_conn.ptnr1_auth_seq_id'      
9  2 'Structure model' '_struct_conn.ptnr1_label_atom_id'    
10 2 'Structure model' '_struct_conn.ptnr1_label_comp_id'    
11 2 'Structure model' '_struct_conn.ptnr1_label_seq_id'     
12 2 'Structure model' '_struct_conn.ptnr2_auth_comp_id'     
13 2 'Structure model' '_struct_conn.ptnr2_auth_seq_id'      
14 2 'Structure model' '_struct_conn.ptnr2_label_asym_id'    
15 2 'Structure model' '_struct_conn.ptnr2_label_atom_id'    
16 2 'Structure model' '_struct_conn.ptnr2_label_comp_id'    
17 2 'Structure model' '_struct_conn.ptnr2_label_seq_id'     
# 
_pdbx_database_status.status_code                     REL 
_pdbx_database_status.status_code_sf                  REL 
_pdbx_database_status.status_code_mr                  ? 
_pdbx_database_status.entry_id                        5WUF 
_pdbx_database_status.recvd_initial_deposition_date   2016-12-17 
_pdbx_database_status.SG_entry                        Y 
_pdbx_database_status.deposit_site                    PDBJ 
_pdbx_database_status.process_site                    PDBJ 
_pdbx_database_status.status_code_cs                  ? 
_pdbx_database_status.methods_development_category    ? 
_pdbx_database_status.pdb_format_compatible           Y 
_pdbx_database_status.status_code_nmr_data            ? 
# 
loop_
_pdbx_database_related.db_name 
_pdbx_database_related.details 
_pdbx_database_related.db_id 
_pdbx_database_related.content_type 
PDB         . 5WUC            unspecified 
PDB         . 5WUD            unspecified 
PDB         . 5WUE            unspecified 
TargetTrack . NYCOMPS-GO.1863 unspecified 
# 
loop_
_audit_author.name 
_audit_author.pdbx_ordinal 
_audit_author.identifier_ORCID 
'Mao, Y.'                                                     1  ? 
'Gao, F.'                                                     2  ? 
'Su, M.'                                                      3  ? 
'Wang, X.H.'                                                  4  ? 
'Zeng, Y.'                                                    5  ? 
'Bruni, R.'                                                   6  ? 
'Kloss, B.'                                                   7  ? 
'Hendrickson, W.A.'                                           8  ? 
'Chen, Y.H.'                                                  9  ? 
'New York Consortium on Membrane Protein Structure (NYCOMPS)' 10 ? 
# 
_citation.abstract                  ? 
_citation.abstract_id_CAS           ? 
_citation.book_id_ISBN              ? 
_citation.book_publisher            ? 
_citation.book_publisher_city       ? 
_citation.book_title                ? 
_citation.coordinate_linkage        ? 
_citation.country                   UK 
_citation.database_id_Medline       ? 
_citation.details                   ? 
_citation.id                        primary 
_citation.journal_abbrev            'Nat Commun' 
_citation.journal_id_ASTM           ? 
_citation.journal_id_CSD            ? 
_citation.journal_id_ISSN           2041-1723 
_citation.journal_full              ? 
_citation.journal_issue             ? 
_citation.journal_volume            8 
_citation.language                  ? 
_citation.page_first                15103 
_citation.page_last                 15103 
_citation.title                     'Structural basis for conductance through TRIC cation channels.' 
_citation.year                      2017 
_citation.database_id_CSD           ? 
_citation.pdbx_database_id_DOI      10.1038/ncomms15103 
_citation.pdbx_database_id_PubMed   28524849 
_citation.unpublished_flag          ? 
# 
loop_
_citation_author.citation_id 
_citation_author.name 
_citation_author.ordinal 
_citation_author.identifier_ORCID 
primary 'Su, M.'            1  ? 
primary 'Gao, F.'           2  ? 
primary 'Yuan, Q.'          3  ? 
primary 'Mao, Y.'           4  ? 
primary 'Li, D.L.'          5  ? 
primary 'Guo, Y.'           6  ? 
primary 'Yang, C.'          7  ? 
primary 'Wang, X.H.'        8  ? 
primary 'Bruni, R.'         9  ? 
primary 'Kloss, B.'         10 ? 
primary 'Zhao, H.'          11 ? 
primary 'Zeng, Y.'          12 ? 
primary 'Zhang, F.B.'       13 ? 
primary 'Marks, A.R.'       14 ? 
primary 'Hendrickson, W.A.' 15 ? 
primary 'Chen, Y.H.'        16 ? 
# 
loop_
_entity.id 
_entity.type 
_entity.src_method 
_entity.pdbx_description 
_entity.formula_weight 
_entity.pdbx_number_of_molecules 
_entity.pdbx_ec 
_entity.pdbx_mutation 
_entity.pdbx_fragment 
_entity.details 
1 polymer     man 'Putative membrane protein' 27795.861 1  ? ? ? ? 
2 non-polymer syn 'CADMIUM ION'               112.411   4  ? ? ? ? 
3 water       nat water                       18.015    27 ? ? ? ? 
# 
_entity_poly.entity_id                      1 
_entity_poly.type                           'polypeptide(L)' 
_entity_poly.nstd_linkage                   no 
_entity_poly.nstd_monomer                   yes 
_entity_poly.pdbx_seq_one_letter_code       
;(MSE)NDFLFYLDIFGVIVFALSGAL(MSE)AGRYQLDPFGVVVLASVTAVGGGTIRDVILQTPVFWVEKPYYLYVILAT
AILTIVLIRQPKRIPKRFLLIADALGLALFAVLGTQKALYLGAPIPVAVVLGTITGIAGG(MSE)IRDVLCNVIP(MSE)
ILREEIYALAA(MSE)LGGSLFIILHGLNWNDTNA(MSE)IVSISAALALRLAAIYWHVSLPAFHIVEKPKKEKGTTKII
EKKAAAENLYFQGLEDYKDDDDKHHHHHHHHHH
;
_entity_poly.pdbx_seq_one_letter_code_can   
;MNDFLFYLDIFGVIVFALSGALMAGRYQLDPFGVVVLASVTAVGGGTIRDVILQTPVFWVEKPYYLYVILATAILTIVLI
RQPKRIPKRFLLIADALGLALFAVLGTQKALYLGAPIPVAVVLGTITGIAGGMIRDVLCNVIPMILREEIYALAAMLGGS
LFIILHGLNWNDTNAMIVSISAALALRLAAIYWHVSLPAFHIVEKPKKEKGTTKIIEKKAAAENLYFQGLEDYKDDDDKH
HHHHHHHHH
;
_entity_poly.pdbx_strand_id                 A 
_entity_poly.pdbx_target_identifier         NYCOMPS-GO.1863 
# 
loop_
_pdbx_entity_nonpoly.entity_id 
_pdbx_entity_nonpoly.name 
_pdbx_entity_nonpoly.comp_id 
2 'CADMIUM ION' CD  
3 water         HOH 
# 
loop_
_entity_poly_seq.entity_id 
_entity_poly_seq.num 
_entity_poly_seq.mon_id 
_entity_poly_seq.hetero 
1 1   MSE n 
1 2   ASN n 
1 3   ASP n 
1 4   PHE n 
1 5   LEU n 
1 6   PHE n 
1 7   TYR n 
1 8   LEU n 
1 9   ASP n 
1 10  ILE n 
1 11  PHE n 
1 12  GLY n 
1 13  VAL n 
1 14  ILE n 
1 15  VAL n 
1 16  PHE n 
1 17  ALA n 
1 18  LEU n 
1 19  SER n 
1 20  GLY n 
1 21  ALA n 
1 22  LEU n 
1 23  MSE n 
1 24  ALA n 
1 25  GLY n 
1 26  ARG n 
1 27  TYR n 
1 28  GLN n 
1 29  LEU n 
1 30  ASP n 
1 31  PRO n 
1 32  PHE n 
1 33  GLY n 
1 34  VAL n 
1 35  VAL n 
1 36  VAL n 
1 37  LEU n 
1 38  ALA n 
1 39  SER n 
1 40  VAL n 
1 41  THR n 
1 42  ALA n 
1 43  VAL n 
1 44  GLY n 
1 45  GLY n 
1 46  GLY n 
1 47  THR n 
1 48  ILE n 
1 49  ARG n 
1 50  ASP n 
1 51  VAL n 
1 52  ILE n 
1 53  LEU n 
1 54  GLN n 
1 55  THR n 
1 56  PRO n 
1 57  VAL n 
1 58  PHE n 
1 59  TRP n 
1 60  VAL n 
1 61  GLU n 
1 62  LYS n 
1 63  PRO n 
1 64  TYR n 
1 65  TYR n 
1 66  LEU n 
1 67  TYR n 
1 68  VAL n 
1 69  ILE n 
1 70  LEU n 
1 71  ALA n 
1 72  THR n 
1 73  ALA n 
1 74  ILE n 
1 75  LEU n 
1 76  THR n 
1 77  ILE n 
1 78  VAL n 
1 79  LEU n 
1 80  ILE n 
1 81  ARG n 
1 82  GLN n 
1 83  PRO n 
1 84  LYS n 
1 85  ARG n 
1 86  ILE n 
1 87  PRO n 
1 88  LYS n 
1 89  ARG n 
1 90  PHE n 
1 91  LEU n 
1 92  LEU n 
1 93  ILE n 
1 94  ALA n 
1 95  ASP n 
1 96  ALA n 
1 97  LEU n 
1 98  GLY n 
1 99  LEU n 
1 100 ALA n 
1 101 LEU n 
1 102 PHE n 
1 103 ALA n 
1 104 VAL n 
1 105 LEU n 
1 106 GLY n 
1 107 THR n 
1 108 GLN n 
1 109 LYS n 
1 110 ALA n 
1 111 LEU n 
1 112 TYR n 
1 113 LEU n 
1 114 GLY n 
1 115 ALA n 
1 116 PRO n 
1 117 ILE n 
1 118 PRO n 
1 119 VAL n 
1 120 ALA n 
1 121 VAL n 
1 122 VAL n 
1 123 LEU n 
1 124 GLY n 
1 125 THR n 
1 126 ILE n 
1 127 THR n 
1 128 GLY n 
1 129 ILE n 
1 130 ALA n 
1 131 GLY n 
1 132 GLY n 
1 133 MSE n 
1 134 ILE n 
1 135 ARG n 
1 136 ASP n 
1 137 VAL n 
1 138 LEU n 
1 139 CYS n 
1 140 ASN n 
1 141 VAL n 
1 142 ILE n 
1 143 PRO n 
1 144 MSE n 
1 145 ILE n 
1 146 LEU n 
1 147 ARG n 
1 148 GLU n 
1 149 GLU n 
1 150 ILE n 
1 151 TYR n 
1 152 ALA n 
1 153 LEU n 
1 154 ALA n 
1 155 ALA n 
1 156 MSE n 
1 157 LEU n 
1 158 GLY n 
1 159 GLY n 
1 160 SER n 
1 161 LEU n 
1 162 PHE n 
1 163 ILE n 
1 164 ILE n 
1 165 LEU n 
1 166 HIS n 
1 167 GLY n 
1 168 LEU n 
1 169 ASN n 
1 170 TRP n 
1 171 ASN n 
1 172 ASP n 
1 173 THR n 
1 174 ASN n 
1 175 ALA n 
1 176 MSE n 
1 177 ILE n 
1 178 VAL n 
1 179 SER n 
1 180 ILE n 
1 181 SER n 
1 182 ALA n 
1 183 ALA n 
1 184 LEU n 
1 185 ALA n 
1 186 LEU n 
1 187 ARG n 
1 188 LEU n 
1 189 ALA n 
1 190 ALA n 
1 191 ILE n 
1 192 TYR n 
1 193 TRP n 
1 194 HIS n 
1 195 VAL n 
1 196 SER n 
1 197 LEU n 
1 198 PRO n 
1 199 ALA n 
1 200 PHE n 
1 201 HIS n 
1 202 ILE n 
1 203 VAL n 
1 204 GLU n 
1 205 LYS n 
1 206 PRO n 
1 207 LYS n 
1 208 LYS n 
1 209 GLU n 
1 210 LYS n 
1 211 GLY n 
1 212 THR n 
1 213 THR n 
1 214 LYS n 
1 215 ILE n 
1 216 ILE n 
1 217 GLU n 
1 218 LYS n 
1 219 LYS n 
1 220 ALA n 
1 221 ALA n 
1 222 ALA n 
1 223 GLU n 
1 224 ASN n 
1 225 LEU n 
1 226 TYR n 
1 227 PHE n 
1 228 GLN n 
1 229 GLY n 
1 230 LEU n 
1 231 GLU n 
1 232 ASP n 
1 233 TYR n 
1 234 LYS n 
1 235 ASP n 
1 236 ASP n 
1 237 ASP n 
1 238 ASP n 
1 239 LYS n 
1 240 HIS n 
1 241 HIS n 
1 242 HIS n 
1 243 HIS n 
1 244 HIS n 
1 245 HIS n 
1 246 HIS n 
1 247 HIS n 
1 248 HIS n 
1 249 HIS n 
# 
_entity_src_gen.entity_id                          1 
_entity_src_gen.pdbx_src_id                        1 
_entity_src_gen.pdbx_alt_source_flag               sample 
_entity_src_gen.pdbx_seq_type                      'Biological sequence' 
_entity_src_gen.pdbx_beg_seq_num                   1 
_entity_src_gen.pdbx_end_seq_num                   269 
_entity_src_gen.gene_src_common_name               ? 
_entity_src_gen.gene_src_genus                     ? 
_entity_src_gen.pdbx_gene_src_gene                 CPS_4741 
_entity_src_gen.gene_src_species                   ? 
_entity_src_gen.gene_src_strain                    '34H / ATCC BAA-681' 
_entity_src_gen.gene_src_tissue                    ? 
_entity_src_gen.gene_src_tissue_fraction           ? 
_entity_src_gen.gene_src_details                   ? 
_entity_src_gen.pdbx_gene_src_fragment             ? 
_entity_src_gen.pdbx_gene_src_scientific_name      'Colwellia psychrerythraea' 
_entity_src_gen.pdbx_gene_src_ncbi_taxonomy_id     167879 
_entity_src_gen.pdbx_gene_src_variant              ? 
_entity_src_gen.pdbx_gene_src_cell_line            ? 
_entity_src_gen.pdbx_gene_src_atcc                 ? 
_entity_src_gen.pdbx_gene_src_organ                ? 
_entity_src_gen.pdbx_gene_src_organelle            ? 
_entity_src_gen.pdbx_gene_src_cell                 ? 
_entity_src_gen.pdbx_gene_src_cellular_location    ? 
_entity_src_gen.host_org_common_name               ? 
_entity_src_gen.pdbx_host_org_scientific_name      'Escherichia coli' 
_entity_src_gen.pdbx_host_org_ncbi_taxonomy_id     866768 
_entity_src_gen.host_org_genus                     ? 
_entity_src_gen.pdbx_host_org_gene                 ? 
_entity_src_gen.pdbx_host_org_organ                ? 
_entity_src_gen.host_org_species                   ? 
_entity_src_gen.pdbx_host_org_tissue               ? 
_entity_src_gen.pdbx_host_org_tissue_fraction      ? 
_entity_src_gen.pdbx_host_org_strain               
;'BL21-Gold(DE3)pLysS AG'
;
_entity_src_gen.pdbx_host_org_variant              ? 
_entity_src_gen.pdbx_host_org_cell_line            ? 
_entity_src_gen.pdbx_host_org_atcc                 ? 
_entity_src_gen.pdbx_host_org_culture_collection   ? 
_entity_src_gen.pdbx_host_org_cell                 ? 
_entity_src_gen.pdbx_host_org_organelle            ? 
_entity_src_gen.pdbx_host_org_cellular_location    ? 
_entity_src_gen.pdbx_host_org_vector_type          ? 
_entity_src_gen.pdbx_host_org_vector               ? 
_entity_src_gen.host_org_details                   ? 
_entity_src_gen.expression_system_id               ? 
_entity_src_gen.plasmid_name                       ? 
_entity_src_gen.plasmid_details                    ? 
_entity_src_gen.pdbx_description                   ? 
# 
loop_
_chem_comp.id 
_chem_comp.type 
_chem_comp.mon_nstd_flag 
_chem_comp.name 
_chem_comp.pdbx_synonyms 
_chem_comp.formula 
_chem_comp.formula_weight 
ALA 'L-peptide linking' y ALANINE          ? 'C3 H7 N O2'     89.093  
ARG 'L-peptide linking' y ARGININE         ? 'C6 H15 N4 O2 1' 175.209 
ASN 'L-peptide linking' y ASPARAGINE       ? 'C4 H8 N2 O3'    132.118 
ASP 'L-peptide linking' y 'ASPARTIC ACID'  ? 'C4 H7 N O4'     133.103 
CD  non-polymer         . 'CADMIUM ION'    ? 'Cd 2'           112.411 
CYS 'L-peptide linking' y CYSTEINE         ? 'C3 H7 N O2 S'   121.158 
GLN 'L-peptide linking' y GLUTAMINE        ? 'C5 H10 N2 O3'   146.144 
GLU 'L-peptide linking' y 'GLUTAMIC ACID'  ? 'C5 H9 N O4'     147.129 
GLY 'peptide linking'   y GLYCINE          ? 'C2 H5 N O2'     75.067  
HIS 'L-peptide linking' y HISTIDINE        ? 'C6 H10 N3 O2 1' 156.162 
HOH non-polymer         . WATER            ? 'H2 O'           18.015  
ILE 'L-peptide linking' y ISOLEUCINE       ? 'C6 H13 N O2'    131.173 
LEU 'L-peptide linking' y LEUCINE          ? 'C6 H13 N O2'    131.173 
LYS 'L-peptide linking' y LYSINE           ? 'C6 H15 N2 O2 1' 147.195 
MSE 'L-peptide linking' n SELENOMETHIONINE ? 'C5 H11 N O2 Se' 196.106 
PHE 'L-peptide linking' y PHENYLALANINE    ? 'C9 H11 N O2'    165.189 
PRO 'L-peptide linking' y PROLINE          ? 'C5 H9 N O2'     115.130 
SER 'L-peptide linking' y SERINE           ? 'C3 H7 N O3'     105.093 
THR 'L-peptide linking' y THREONINE        ? 'C4 H9 N O3'     119.119 
TRP 'L-peptide linking' y TRYPTOPHAN       ? 'C11 H12 N2 O2'  204.225 
TYR 'L-peptide linking' y TYROSINE         ? 'C9 H11 N O3'    181.189 
VAL 'L-peptide linking' y VALINE           ? 'C5 H11 N O2'    117.146 
# 
loop_
_pdbx_poly_seq_scheme.asym_id 
_pdbx_poly_seq_scheme.entity_id 
_pdbx_poly_seq_scheme.seq_id 
_pdbx_poly_seq_scheme.mon_id 
_pdbx_poly_seq_scheme.ndb_seq_num 
_pdbx_poly_seq_scheme.pdb_seq_num 
_pdbx_poly_seq_scheme.auth_seq_num 
_pdbx_poly_seq_scheme.pdb_mon_id 
_pdbx_poly_seq_scheme.auth_mon_id 
_pdbx_poly_seq_scheme.pdb_strand_id 
_pdbx_poly_seq_scheme.pdb_ins_code 
_pdbx_poly_seq_scheme.hetero 
A 1 1   MSE 1   1   ?   ?   ?   A . n 
A 1 2   ASN 2   2   ?   ?   ?   A . n 
A 1 3   ASP 3   3   ?   ?   ?   A . n 
A 1 4   PHE 4   4   4   PHE PHE A . n 
A 1 5   LEU 5   5   5   LEU LEU A . n 
A 1 6   PHE 6   6   6   PHE PHE A . n 
A 1 7   TYR 7   7   7   TYR TYR A . n 
A 1 8   LEU 8   8   8   LEU LEU A . n 
A 1 9   ASP 9   9   9   ASP ASP A . n 
A 1 10  ILE 10  10  10  ILE ILE A . n 
A 1 11  PHE 11  11  11  PHE PHE A . n 
A 1 12  GLY 12  12  12  GLY GLY A . n 
A 1 13  VAL 13  13  13  VAL VAL A . n 
A 1 14  ILE 14  14  14  ILE ILE A . n 
A 1 15  VAL 15  15  15  VAL VAL A . n 
A 1 16  PHE 16  16  16  PHE PHE A . n 
A 1 17  ALA 17  17  17  ALA ALA A . n 
A 1 18  LEU 18  18  18  LEU LEU A . n 
A 1 19  SER 19  19  19  SER SER A . n 
A 1 20  GLY 20  20  20  GLY GLY A . n 
A 1 21  ALA 21  21  21  ALA ALA A . n 
A 1 22  LEU 22  22  22  LEU LEU A . n 
A 1 23  MSE 23  23  23  MSE MSE A . n 
A 1 24  ALA 24  24  24  ALA ALA A . n 
A 1 25  GLY 25  25  25  GLY GLY A . n 
A 1 26  ARG 26  26  26  ARG ARG A . n 
A 1 27  TYR 27  27  27  TYR TYR A . n 
A 1 28  GLN 28  28  28  GLN GLN A . n 
A 1 29  LEU 29  29  29  LEU LEU A . n 
A 1 30  ASP 30  30  30  ASP ASP A . n 
A 1 31  PRO 31  31  31  PRO PRO A . n 
A 1 32  PHE 32  32  32  PHE PHE A . n 
A 1 33  GLY 33  33  33  GLY GLY A . n 
A 1 34  VAL 34  34  34  VAL VAL A . n 
A 1 35  VAL 35  35  35  VAL VAL A . n 
A 1 36  VAL 36  36  36  VAL VAL A . n 
A 1 37  LEU 37  37  37  LEU LEU A . n 
A 1 38  ALA 38  38  38  ALA ALA A . n 
A 1 39  SER 39  39  39  SER SER A . n 
A 1 40  VAL 40  40  40  VAL VAL A . n 
A 1 41  THR 41  41  41  THR THR A . n 
A 1 42  ALA 42  42  42  ALA ALA A . n 
A 1 43  VAL 43  43  43  VAL VAL A . n 
A 1 44  GLY 44  44  44  GLY GLY A . n 
A 1 45  GLY 45  45  45  GLY GLY A . n 
A 1 46  GLY 46  46  46  GLY GLY A . n 
A 1 47  THR 47  47  47  THR THR A . n 
A 1 48  ILE 48  48  48  ILE ILE A . n 
A 1 49  ARG 49  49  49  ARG ARG A . n 
A 1 50  ASP 50  50  50  ASP ASP A . n 
A 1 51  VAL 51  51  51  VAL VAL A . n 
A 1 52  ILE 52  52  52  ILE ILE A . n 
A 1 53  LEU 53  53  53  LEU LEU A . n 
A 1 54  GLN 54  54  54  GLN GLN A . n 
A 1 55  THR 55  55  55  THR THR A . n 
A 1 56  PRO 56  56  56  PRO PRO A . n 
A 1 57  VAL 57  57  57  VAL VAL A . n 
A 1 58  PHE 58  58  58  PHE PHE A . n 
A 1 59  TRP 59  59  59  TRP TRP A . n 
A 1 60  VAL 60  60  60  VAL VAL A . n 
A 1 61  GLU 61  61  61  GLU GLU A . n 
A 1 62  LYS 62  62  62  LYS LYS A . n 
A 1 63  PRO 63  63  63  PRO PRO A . n 
A 1 64  TYR 64  64  64  TYR TYR A . n 
A 1 65  TYR 65  65  65  TYR TYR A . n 
A 1 66  LEU 66  66  66  LEU LEU A . n 
A 1 67  TYR 67  67  67  TYR TYR A . n 
A 1 68  VAL 68  68  68  VAL VAL A . n 
A 1 69  ILE 69  69  69  ILE ILE A . n 
A 1 70  LEU 70  70  70  LEU LEU A . n 
A 1 71  ALA 71  71  71  ALA ALA A . n 
A 1 72  THR 72  72  72  THR THR A . n 
A 1 73  ALA 73  73  73  ALA ALA A . n 
A 1 74  ILE 74  74  74  ILE ILE A . n 
A 1 75  LEU 75  75  75  LEU LEU A . n 
A 1 76  THR 76  76  76  THR THR A . n 
A 1 77  ILE 77  77  77  ILE ILE A . n 
A 1 78  VAL 78  78  78  VAL VAL A . n 
A 1 79  LEU 79  79  79  LEU LEU A . n 
A 1 80  ILE 80  80  80  ILE ILE A . n 
A 1 81  ARG 81  81  81  ARG ALA A . n 
A 1 82  GLN 82  82  82  GLN ALA A . n 
A 1 83  PRO 83  83  83  PRO PRO A . n 
A 1 84  LYS 84  84  84  LYS ALA A . n 
A 1 85  ARG 85  85  85  ARG ALA A . n 
A 1 86  ILE 86  86  86  ILE ALA A . n 
A 1 87  PRO 87  87  87  PRO PRO A . n 
A 1 88  LYS 88  88  88  LYS ALA A . n 
A 1 89  ARG 89  89  89  ARG ALA A . n 
A 1 90  PHE 90  90  90  PHE PHE A . n 
A 1 91  LEU 91  91  91  LEU LEU A . n 
A 1 92  LEU 92  92  92  LEU LEU A . n 
A 1 93  ILE 93  93  93  ILE ILE A . n 
A 1 94  ALA 94  94  94  ALA ALA A . n 
A 1 95  ASP 95  95  95  ASP ASP A . n 
A 1 96  ALA 96  96  96  ALA ALA A . n 
A 1 97  LEU 97  97  97  LEU LEU A . n 
A 1 98  GLY 98  98  98  GLY GLY A . n 
A 1 99  LEU 99  99  99  LEU LEU A . n 
A 1 100 ALA 100 100 100 ALA ALA A . n 
A 1 101 LEU 101 101 101 LEU LEU A . n 
A 1 102 PHE 102 102 102 PHE PHE A . n 
A 1 103 ALA 103 103 103 ALA ALA A . n 
A 1 104 VAL 104 104 104 VAL VAL A . n 
A 1 105 LEU 105 105 105 LEU LEU A . n 
A 1 106 GLY 106 106 106 GLY GLY A . n 
A 1 107 THR 107 107 107 THR THR A . n 
A 1 108 GLN 108 108 108 GLN GLN A . n 
A 1 109 LYS 109 109 109 LYS LYS A . n 
A 1 110 ALA 110 110 110 ALA ALA A . n 
A 1 111 LEU 111 111 111 LEU LEU A . n 
A 1 112 TYR 112 112 112 TYR TYR A . n 
A 1 113 LEU 113 113 113 LEU LEU A . n 
A 1 114 GLY 114 114 114 GLY GLY A . n 
A 1 115 ALA 115 115 115 ALA ALA A . n 
A 1 116 PRO 116 116 116 PRO PRO A . n 
A 1 117 ILE 117 117 117 ILE ILE A . n 
A 1 118 PRO 118 118 118 PRO PRO A . n 
A 1 119 VAL 119 119 119 VAL VAL A . n 
A 1 120 ALA 120 120 120 ALA ALA A . n 
A 1 121 VAL 121 121 121 VAL VAL A . n 
A 1 122 VAL 122 122 122 VAL VAL A . n 
A 1 123 LEU 123 123 123 LEU LEU A . n 
A 1 124 GLY 124 124 124 GLY GLY A . n 
A 1 125 THR 125 125 125 THR THR A . n 
A 1 126 ILE 126 126 126 ILE ILE A . n 
A 1 127 THR 127 127 127 THR THR A . n 
A 1 128 GLY 128 128 128 GLY GLY A . n 
A 1 129 ILE 129 129 129 ILE ILE A . n 
A 1 130 ALA 130 130 130 ALA ALA A . n 
A 1 131 GLY 131 131 131 GLY GLY A . n 
A 1 132 GLY 132 132 132 GLY GLY A . n 
A 1 133 MSE 133 133 133 MSE MSE A . n 
A 1 134 ILE 134 134 134 ILE ILE A . n 
A 1 135 ARG 135 135 135 ARG ARG A . n 
A 1 136 ASP 136 136 136 ASP ASP A . n 
A 1 137 VAL 137 137 137 VAL VAL A . n 
A 1 138 LEU 138 138 138 LEU LEU A . n 
A 1 139 CYS 139 139 139 CYS CYS A . n 
A 1 140 ASN 140 140 140 ASN ASN A . n 
A 1 141 VAL 141 141 141 VAL VAL A . n 
A 1 142 ILE 142 142 142 ILE ILE A . n 
A 1 143 PRO 143 143 143 PRO PRO A . n 
A 1 144 MSE 144 144 144 MSE MSE A . n 
A 1 145 ILE 145 145 145 ILE ILE A . n 
A 1 146 LEU 146 146 146 LEU LEU A . n 
A 1 147 ARG 147 147 147 ARG ARG A . n 
A 1 148 GLU 148 148 148 GLU GLU A . n 
A 1 149 GLU 149 149 149 GLU GLU A . n 
A 1 150 ILE 150 150 150 ILE ILE A . n 
A 1 151 TYR 151 151 151 TYR TYR A . n 
A 1 152 ALA 152 152 152 ALA ALA A . n 
A 1 153 LEU 153 153 153 LEU LEU A . n 
A 1 154 ALA 154 154 154 ALA ALA A . n 
A 1 155 ALA 155 155 155 ALA ALA A . n 
A 1 156 MSE 156 156 156 MSE MSE A . n 
A 1 157 LEU 157 157 157 LEU LEU A . n 
A 1 158 GLY 158 158 158 GLY GLY A . n 
A 1 159 GLY 159 159 159 GLY GLY A . n 
A 1 160 SER 160 160 160 SER SER A . n 
A 1 161 LEU 161 161 161 LEU LEU A . n 
A 1 162 PHE 162 162 162 PHE PHE A . n 
A 1 163 ILE 163 163 163 ILE ILE A . n 
A 1 164 ILE 164 164 164 ILE ILE A . n 
A 1 165 LEU 165 165 165 LEU LEU A . n 
A 1 166 HIS 166 166 166 HIS HIS A . n 
A 1 167 GLY 167 167 167 GLY GLY A . n 
A 1 168 LEU 168 168 168 LEU LEU A . n 
A 1 169 ASN 169 169 169 ASN ASN A . n 
A 1 170 TRP 170 170 170 TRP TRP A . n 
A 1 171 ASN 171 171 171 ASN ASN A . n 
A 1 172 ASP 172 172 172 ASP ASP A . n 
A 1 173 THR 173 173 173 THR THR A . n 
A 1 174 ASN 174 174 174 ASN ASN A . n 
A 1 175 ALA 175 175 175 ALA ALA A . n 
A 1 176 MSE 176 176 176 MSE MSE A . n 
A 1 177 ILE 177 177 177 ILE ILE A . n 
A 1 178 VAL 178 178 178 VAL VAL A . n 
A 1 179 SER 179 179 179 SER SER A . n 
A 1 180 ILE 180 180 180 ILE ILE A . n 
A 1 181 SER 181 181 181 SER SER A . n 
A 1 182 ALA 182 182 182 ALA ALA A . n 
A 1 183 ALA 183 183 183 ALA ALA A . n 
A 1 184 LEU 184 184 184 LEU LEU A . n 
A 1 185 ALA 185 185 185 ALA ALA A . n 
A 1 186 LEU 186 186 186 LEU LEU A . n 
A 1 187 ARG 187 187 187 ARG ARG A . n 
A 1 188 LEU 188 188 188 LEU LEU A . n 
A 1 189 ALA 189 189 189 ALA ALA A . n 
A 1 190 ALA 190 190 190 ALA ALA A . n 
A 1 191 ILE 191 191 191 ILE ILE A . n 
A 1 192 TYR 192 192 192 TYR TYR A . n 
A 1 193 TRP 193 193 193 TRP TRP A . n 
A 1 194 HIS 194 194 194 HIS HIS A . n 
A 1 195 VAL 195 195 195 VAL VAL A . n 
A 1 196 SER 196 196 196 SER SER A . n 
A 1 197 LEU 197 197 197 LEU LEU A . n 
A 1 198 PRO 198 198 198 PRO PRO A . n 
A 1 199 ALA 199 199 ?   ?   ?   A . n 
A 1 200 PHE 200 200 ?   ?   ?   A . n 
A 1 201 HIS 201 201 ?   ?   ?   A . n 
A 1 202 ILE 202 202 ?   ?   ?   A . n 
A 1 203 VAL 203 203 ?   ?   ?   A . n 
A 1 204 GLU 204 204 ?   ?   ?   A . n 
A 1 205 LYS 205 205 ?   ?   ?   A . n 
A 1 206 PRO 206 206 ?   ?   ?   A . n 
A 1 207 LYS 207 207 ?   ?   ?   A . n 
A 1 208 LYS 208 208 ?   ?   ?   A . n 
A 1 209 GLU 209 209 ?   ?   ?   A . n 
A 1 210 LYS 210 210 ?   ?   ?   A . n 
A 1 211 GLY 211 211 ?   ?   ?   A . n 
A 1 212 THR 212 212 ?   ?   ?   A . n 
A 1 213 THR 213 213 ?   ?   ?   A . n 
A 1 214 LYS 214 214 ?   ?   ?   A . n 
A 1 215 ILE 215 215 ?   ?   ?   A . n 
A 1 216 ILE 216 216 ?   ?   ?   A . n 
A 1 217 GLU 217 217 ?   ?   ?   A . n 
A 1 218 LYS 218 218 ?   ?   ?   A . n 
A 1 219 LYS 219 219 ?   ?   ?   A . n 
A 1 220 ALA 220 220 ?   ?   ?   A . n 
A 1 221 ALA 221 221 ?   ?   ?   A . n 
A 1 222 ALA 222 222 ?   ?   ?   A . n 
A 1 223 GLU 223 223 ?   ?   ?   A . n 
A 1 224 ASN 224 224 ?   ?   ?   A . n 
A 1 225 LEU 225 225 ?   ?   ?   A . n 
A 1 226 TYR 226 226 ?   ?   ?   A . n 
A 1 227 PHE 227 227 ?   ?   ?   A . n 
A 1 228 GLN 228 228 ?   ?   ?   A . n 
A 1 229 GLY 229 229 ?   ?   ?   A . n 
A 1 230 LEU 230 230 ?   ?   ?   A . n 
A 1 231 GLU 231 231 ?   ?   ?   A . n 
A 1 232 ASP 232 232 ?   ?   ?   A . n 
A 1 233 TYR 233 233 ?   ?   ?   A . n 
A 1 234 LYS 234 234 ?   ?   ?   A . n 
A 1 235 ASP 235 235 ?   ?   ?   A . n 
A 1 236 ASP 236 236 ?   ?   ?   A . n 
A 1 237 ASP 237 237 ?   ?   ?   A . n 
A 1 238 ASP 238 238 ?   ?   ?   A . n 
A 1 239 LYS 239 239 ?   ?   ?   A . n 
A 1 240 HIS 240 240 ?   ?   ?   A . n 
A 1 241 HIS 241 241 ?   ?   ?   A . n 
A 1 242 HIS 242 242 ?   ?   ?   A . n 
A 1 243 HIS 243 243 ?   ?   ?   A . n 
A 1 244 HIS 244 244 ?   ?   ?   A . n 
A 1 245 HIS 245 245 ?   ?   ?   A . n 
A 1 246 HIS 246 246 ?   ?   ?   A . n 
A 1 247 HIS 247 247 ?   ?   ?   A . n 
A 1 248 HIS 248 248 ?   ?   ?   A . n 
A 1 249 HIS 249 249 ?   ?   ?   A . n 
# 
loop_
_pdbx_nonpoly_scheme.asym_id 
_pdbx_nonpoly_scheme.entity_id 
_pdbx_nonpoly_scheme.mon_id 
_pdbx_nonpoly_scheme.ndb_seq_num 
_pdbx_nonpoly_scheme.pdb_seq_num 
_pdbx_nonpoly_scheme.auth_seq_num 
_pdbx_nonpoly_scheme.pdb_mon_id 
_pdbx_nonpoly_scheme.auth_mon_id 
_pdbx_nonpoly_scheme.pdb_strand_id 
_pdbx_nonpoly_scheme.pdb_ins_code 
B 2 CD  1  301 1  CD  CD  A . 
C 2 CD  1  302 2  CD  CD  A . 
D 2 CD  1  303 3  CD  CD  A . 
E 2 CD  1  304 4  CD  CD  A . 
F 3 HOH 1  401 8  HOH HOH A . 
F 3 HOH 2  402 19 HOH HOH A . 
F 3 HOH 3  403 16 HOH HOH A . 
F 3 HOH 4  404 21 HOH HOH A . 
F 3 HOH 5  405 15 HOH HOH A . 
F 3 HOH 6  406 27 HOH HOH A . 
F 3 HOH 7  407 23 HOH HOH A . 
F 3 HOH 8  408 4  HOH HOH A . 
F 3 HOH 9  409 1  HOH HOH A . 
F 3 HOH 10 410 26 HOH HOH A . 
F 3 HOH 11 411 2  HOH HOH A . 
F 3 HOH 12 412 3  HOH HOH A . 
F 3 HOH 13 413 25 HOH HOH A . 
F 3 HOH 14 414 22 HOH HOH A . 
F 3 HOH 15 415 7  HOH HOH A . 
F 3 HOH 16 416 5  HOH HOH A . 
F 3 HOH 17 417 14 HOH HOH A . 
F 3 HOH 18 418 10 HOH HOH A . 
F 3 HOH 19 419 18 HOH HOH A . 
F 3 HOH 20 420 13 HOH HOH A . 
F 3 HOH 21 421 6  HOH HOH A . 
F 3 HOH 22 422 11 HOH HOH A . 
F 3 HOH 23 423 12 HOH HOH A . 
F 3 HOH 24 424 17 HOH HOH A . 
F 3 HOH 25 425 20 HOH HOH A . 
F 3 HOH 26 426 24 HOH HOH A . 
F 3 HOH 27 427 9  HOH HOH A . 
# 
loop_
_pdbx_unobs_or_zero_occ_atoms.id 
_pdbx_unobs_or_zero_occ_atoms.PDB_model_num 
_pdbx_unobs_or_zero_occ_atoms.polymer_flag 
_pdbx_unobs_or_zero_occ_atoms.occupancy_flag 
_pdbx_unobs_or_zero_occ_atoms.auth_asym_id 
_pdbx_unobs_or_zero_occ_atoms.auth_comp_id 
_pdbx_unobs_or_zero_occ_atoms.auth_seq_id 
_pdbx_unobs_or_zero_occ_atoms.PDB_ins_code 
_pdbx_unobs_or_zero_occ_atoms.auth_atom_id 
_pdbx_unobs_or_zero_occ_atoms.label_alt_id 
_pdbx_unobs_or_zero_occ_atoms.label_asym_id 
_pdbx_unobs_or_zero_occ_atoms.label_comp_id 
_pdbx_unobs_or_zero_occ_atoms.label_seq_id 
_pdbx_unobs_or_zero_occ_atoms.label_atom_id 
1  1 Y 1 A ARG 81 ? CG  ? A ARG 81 CG  
2  1 Y 1 A ARG 81 ? CD  ? A ARG 81 CD  
3  1 Y 1 A ARG 81 ? NE  ? A ARG 81 NE  
4  1 Y 1 A ARG 81 ? CZ  ? A ARG 81 CZ  
5  1 Y 1 A ARG 81 ? NH1 ? A ARG 81 NH1 
6  1 Y 1 A ARG 81 ? NH2 ? A ARG 81 NH2 
7  1 Y 1 A GLN 82 ? CG  ? A GLN 82 CG  
8  1 Y 1 A GLN 82 ? CD  ? A GLN 82 CD  
9  1 Y 1 A GLN 82 ? OE1 ? A GLN 82 OE1 
10 1 Y 1 A GLN 82 ? NE2 ? A GLN 82 NE2 
11 1 Y 1 A LYS 84 ? CG  ? A LYS 84 CG  
12 1 Y 1 A LYS 84 ? CD  ? A LYS 84 CD  
13 1 Y 1 A LYS 84 ? CE  ? A LYS 84 CE  
14 1 Y 1 A LYS 84 ? NZ  ? A LYS 84 NZ  
15 1 Y 1 A ARG 85 ? CG  ? A ARG 85 CG  
16 1 Y 1 A ARG 85 ? CD  ? A ARG 85 CD  
17 1 Y 1 A ARG 85 ? NE  ? A ARG 85 NE  
18 1 Y 1 A ARG 85 ? CZ  ? A ARG 85 CZ  
19 1 Y 1 A ARG 85 ? NH1 ? A ARG 85 NH1 
20 1 Y 1 A ARG 85 ? NH2 ? A ARG 85 NH2 
21 1 Y 1 A ILE 86 ? CG1 ? A ILE 86 CG1 
22 1 Y 1 A ILE 86 ? CG2 ? A ILE 86 CG2 
23 1 Y 1 A ILE 86 ? CD1 ? A ILE 86 CD1 
24 1 Y 1 A LYS 88 ? CG  ? A LYS 88 CG  
25 1 Y 1 A LYS 88 ? CD  ? A LYS 88 CD  
26 1 Y 1 A LYS 88 ? CE  ? A LYS 88 CE  
27 1 Y 1 A LYS 88 ? NZ  ? A LYS 88 NZ  
28 1 Y 1 A ARG 89 ? CG  ? A ARG 89 CG  
29 1 Y 1 A ARG 89 ? CD  ? A ARG 89 CD  
30 1 Y 1 A ARG 89 ? NE  ? A ARG 89 NE  
31 1 Y 1 A ARG 89 ? CZ  ? A ARG 89 CZ  
32 1 Y 1 A ARG 89 ? NH1 ? A ARG 89 NH1 
33 1 Y 1 A ARG 89 ? NH2 ? A ARG 89 NH2 
# 
loop_
_software.citation_id 
_software.classification 
_software.compiler_name 
_software.compiler_version 
_software.contact_author 
_software.contact_author_email 
_software.date 
_software.description 
_software.dependencies 
_software.hardware 
_software.language 
_software.location 
_software.mods 
_software.name 
_software.os 
_software.os_version 
_software.type 
_software.version 
_software.pdbx_ordinal 
? refinement        ? ? ? ? ? ? ? ? ? ? ? PHENIX      ? ? ? dev_2481 1 
? 'data scaling'    ? ? ? ? ? ? ? ? ? ? ? Aimless     ? ? ? 0.5.28   2 
? 'data extraction' ? ? ? ? ? ? ? ? ? ? ? PDB_EXTRACT ? ? ? 3.22     3 
? 'data reduction'  ? ? ? ? ? ? ? ? ? ? ? XDS         ? ? ? .        4 
? phasing           ? ? ? ? ? ? ? ? ? ? ? PHENIX      ? ? ? dev_2481 5 
# 
_cell.angle_alpha                  90.000 
_cell.angle_alpha_esd              ? 
_cell.angle_beta                   90.000 
_cell.angle_beta_esd               ? 
_cell.angle_gamma                  120.000 
_cell.angle_gamma_esd              ? 
_cell.entry_id                     5WUF 
_cell.details                      ? 
_cell.formula_units_Z              ? 
_cell.length_a                     91.312 
_cell.length_a_esd                 ? 
_cell.length_b                     91.312 
_cell.length_b_esd                 ? 
_cell.length_c                     252.799 
_cell.length_c_esd                 ? 
_cell.volume                       ? 
_cell.volume_esd                   ? 
_cell.Z_PDB                        18 
_cell.reciprocal_angle_alpha       ? 
_cell.reciprocal_angle_beta        ? 
_cell.reciprocal_angle_gamma       ? 
_cell.reciprocal_angle_alpha_esd   ? 
_cell.reciprocal_angle_beta_esd    ? 
_cell.reciprocal_angle_gamma_esd   ? 
_cell.reciprocal_length_a          ? 
_cell.reciprocal_length_b          ? 
_cell.reciprocal_length_c          ? 
_cell.reciprocal_length_a_esd      ? 
_cell.reciprocal_length_b_esd      ? 
_cell.reciprocal_length_c_esd      ? 
_cell.pdbx_unique_axis             ? 
# 
_symmetry.entry_id                         5WUF 
_symmetry.cell_setting                     ? 
_symmetry.Int_Tables_number                155 
_symmetry.space_group_name_Hall            ? 
_symmetry.space_group_name_H-M             'H 3 2' 
_symmetry.pdbx_full_space_group_name_H-M   ? 
# 
_exptl.absorpt_coefficient_mu     ? 
_exptl.absorpt_correction_T_max   ? 
_exptl.absorpt_correction_T_min   ? 
_exptl.absorpt_correction_type    ? 
_exptl.absorpt_process_details    ? 
_exptl.entry_id                   5WUF 
_exptl.crystals_number            1 
_exptl.details                    ? 
_exptl.method                     'X-RAY DIFFRACTION' 
_exptl.method_details             ? 
# 
_exptl_crystal.colour                      ? 
_exptl_crystal.density_diffrn              ? 
_exptl_crystal.density_Matthews            3.65 
_exptl_crystal.density_method              ? 
_exptl_crystal.density_percent_sol         66.29 
_exptl_crystal.description                 'The entry contains friedel pairs in F_plus/minus columns and I_plus/minus columns' 
_exptl_crystal.F_000                       ? 
_exptl_crystal.id                          1 
_exptl_crystal.preparation                 ? 
_exptl_crystal.size_max                    ? 
_exptl_crystal.size_mid                    ? 
_exptl_crystal.size_min                    ? 
_exptl_crystal.size_rad                    ? 
_exptl_crystal.colour_lustre               ? 
_exptl_crystal.colour_modifier             ? 
_exptl_crystal.colour_primary              ? 
_exptl_crystal.density_meas                ? 
_exptl_crystal.density_meas_esd            ? 
_exptl_crystal.density_meas_gt             ? 
_exptl_crystal.density_meas_lt             ? 
_exptl_crystal.density_meas_temp           ? 
_exptl_crystal.density_meas_temp_esd       ? 
_exptl_crystal.density_meas_temp_gt        ? 
_exptl_crystal.density_meas_temp_lt        ? 
_exptl_crystal.pdbx_crystal_image_url      ? 
_exptl_crystal.pdbx_crystal_image_format   ? 
_exptl_crystal.pdbx_mosaicity              ? 
_exptl_crystal.pdbx_mosaicity_esd          ? 
# 
_exptl_crystal_grow.apparatus       ? 
_exptl_crystal_grow.atmosphere      ? 
_exptl_crystal_grow.crystal_id      1 
_exptl_crystal_grow.details         ? 
_exptl_crystal_grow.method          'VAPOR DIFFUSION, SITTING DROP' 
_exptl_crystal_grow.method_ref      ? 
_exptl_crystal_grow.pH              8.5 
_exptl_crystal_grow.pressure        ? 
_exptl_crystal_grow.pressure_esd    ? 
_exptl_crystal_grow.seeding         ? 
_exptl_crystal_grow.seeding_ref     ? 
_exptl_crystal_grow.temp            277 
_exptl_crystal_grow.temp_details    ? 
_exptl_crystal_grow.temp_esd        ? 
_exptl_crystal_grow.time            ? 
_exptl_crystal_grow.pdbx_details    'PEG400 38%, NaCl 100mM, CdCl2 100mM, Tris-HCl, pH 8.5, 100mM' 
_exptl_crystal_grow.pdbx_pH_range   ? 
# 
_diffrn.ambient_environment    ? 
_diffrn.ambient_temp           100 
_diffrn.ambient_temp_details   ? 
_diffrn.ambient_temp_esd       ? 
_diffrn.crystal_id             1 
_diffrn.crystal_support        ? 
_diffrn.crystal_treatment      ? 
_diffrn.details                ? 
_diffrn.id                     1 
_diffrn.ambient_pressure       ? 
_diffrn.ambient_pressure_esd   ? 
_diffrn.ambient_pressure_gt    ? 
_diffrn.ambient_pressure_lt    ? 
_diffrn.ambient_temp_gt        ? 
_diffrn.ambient_temp_lt        ? 
# 
_diffrn_detector.details                      ? 
_diffrn_detector.detector                     PIXEL 
_diffrn_detector.diffrn_id                    1 
_diffrn_detector.type                         'DECTRIS PILATUS3 S 6M' 
_diffrn_detector.area_resol_mean              ? 
_diffrn_detector.dtime                        ? 
_diffrn_detector.pdbx_frames_total            ? 
_diffrn_detector.pdbx_collection_time_total   ? 
_diffrn_detector.pdbx_collection_date         2015-01-28 
# 
_diffrn_radiation.collimation                      ? 
_diffrn_radiation.diffrn_id                        1 
_diffrn_radiation.filter_edge                      ? 
_diffrn_radiation.inhomogeneity                    ? 
_diffrn_radiation.monochromator                    ? 
_diffrn_radiation.polarisn_norm                    ? 
_diffrn_radiation.polarisn_ratio                   ? 
_diffrn_radiation.probe                            ? 
_diffrn_radiation.type                             ? 
_diffrn_radiation.xray_symbol                      ? 
_diffrn_radiation.wavelength_id                    1 
_diffrn_radiation.pdbx_monochromatic_or_laue_m_l   M 
_diffrn_radiation.pdbx_wavelength_list             ? 
_diffrn_radiation.pdbx_wavelength                  ? 
_diffrn_radiation.pdbx_diffrn_protocol             'SINGLE WAVELENGTH' 
_diffrn_radiation.pdbx_analyzer                    ? 
_diffrn_radiation.pdbx_scattering_type             x-ray 
# 
_diffrn_radiation_wavelength.id           1 
_diffrn_radiation_wavelength.wavelength   0.97876 
_diffrn_radiation_wavelength.wt           1.0 
# 
_diffrn_source.current                     ? 
_diffrn_source.details                     ? 
_diffrn_source.diffrn_id                   1 
_diffrn_source.power                       ? 
_diffrn_source.size                        ? 
_diffrn_source.source                      SYNCHROTRON 
_diffrn_source.target                      ? 
_diffrn_source.type                        'NFPSS BEAMLINE BL19U1' 
_diffrn_source.voltage                     ? 
_diffrn_source.take-off_angle              ? 
_diffrn_source.pdbx_wavelength_list        0.97876 
_diffrn_source.pdbx_wavelength             ? 
_diffrn_source.pdbx_synchrotron_beamline   BL19U1 
_diffrn_source.pdbx_synchrotron_site       NFPSS 
# 
_reflns.B_iso_Wilson_estimate            61.740 
_reflns.entry_id                         5WUF 
_reflns.data_reduction_details           ? 
_reflns.data_reduction_method            ? 
_reflns.d_resolution_high                2.400 
_reflns.d_resolution_low                 45.660 
_reflns.details                          ? 
_reflns.limit_h_max                      ? 
_reflns.limit_h_min                      ? 
_reflns.limit_k_max                      ? 
_reflns.limit_k_min                      ? 
_reflns.limit_l_max                      ? 
_reflns.limit_l_min                      ? 
_reflns.number_all                       ? 
_reflns.number_obs                       30649 
_reflns.observed_criterion               ? 
_reflns.observed_criterion_F_max         ? 
_reflns.observed_criterion_F_min         ? 
_reflns.observed_criterion_I_max         ? 
_reflns.observed_criterion_I_min         ? 
_reflns.observed_criterion_sigma_F       ? 
_reflns.observed_criterion_sigma_I       ? 
_reflns.percent_possible_obs             99.800 
_reflns.R_free_details                   ? 
_reflns.Rmerge_F_all                     ? 
_reflns.Rmerge_F_obs                     ? 
_reflns.Friedel_coverage                 ? 
_reflns.number_gt                        ? 
_reflns.threshold_expression             ? 
_reflns.pdbx_redundancy                  73.600 
_reflns.pdbx_Rmerge_I_obs                0.197 
_reflns.pdbx_Rmerge_I_all                ? 
_reflns.pdbx_Rsym_value                  ? 
_reflns.pdbx_netI_over_av_sigmaI         ? 
_reflns.pdbx_netI_over_sigmaI            20.800 
_reflns.pdbx_res_netI_over_av_sigmaI_2   ? 
_reflns.pdbx_res_netI_over_sigmaI_2      ? 
_reflns.pdbx_chi_squared                 ? 
_reflns.pdbx_scaling_rejects             ? 
_reflns.pdbx_d_res_high_opt              ? 
_reflns.pdbx_d_res_low_opt               ? 
_reflns.pdbx_d_res_opt_method            ? 
_reflns.phase_calculation_details        ? 
_reflns.pdbx_Rrim_I_all                  ? 
_reflns.pdbx_Rpim_I_all                  ? 
_reflns.pdbx_d_opt                       ? 
_reflns.pdbx_number_measured_all         ? 
_reflns.pdbx_diffrn_id                   1 
_reflns.pdbx_ordinal                     1 
_reflns.pdbx_CC_half                     1.000 
_reflns.pdbx_R_split                     ? 
# 
loop_
_reflns_shell.d_res_high 
_reflns_shell.d_res_low 
_reflns_shell.meanI_over_sigI_all 
_reflns_shell.meanI_over_sigI_obs 
_reflns_shell.number_measured_all 
_reflns_shell.number_measured_obs 
_reflns_shell.number_possible 
_reflns_shell.number_unique_all 
_reflns_shell.number_unique_obs 
_reflns_shell.percent_possible_all 
_reflns_shell.percent_possible_obs 
_reflns_shell.Rmerge_F_all 
_reflns_shell.Rmerge_F_obs 
_reflns_shell.Rmerge_I_all 
_reflns_shell.Rmerge_I_obs 
_reflns_shell.meanI_over_sigI_gt 
_reflns_shell.meanI_over_uI_all 
_reflns_shell.meanI_over_uI_gt 
_reflns_shell.number_measured_gt 
_reflns_shell.number_unique_gt 
_reflns_shell.percent_possible_gt 
_reflns_shell.Rmerge_F_gt 
_reflns_shell.Rmerge_I_gt 
_reflns_shell.pdbx_redundancy 
_reflns_shell.pdbx_Rsym_value 
_reflns_shell.pdbx_chi_squared 
_reflns_shell.pdbx_netI_over_sigmaI_all 
_reflns_shell.pdbx_netI_over_sigmaI_obs 
_reflns_shell.pdbx_Rrim_I_all 
_reflns_shell.pdbx_Rpim_I_all 
_reflns_shell.pdbx_rejects 
_reflns_shell.pdbx_ordinal 
_reflns_shell.pdbx_diffrn_id 
_reflns_shell.pdbx_CC_half 
_reflns_shell.pdbx_R_split 
2.400 2.490  ? ? ? ? ? ? ? 98.100 ? ? ? ? 0.4538 ? ? ? ? ? ? ? ? 40.100 ? ? ? ? ? ? ? 1 1 0.596 ? 
8.980 45.660 ? ? ? ? ? ? ? 99.400 ? ? ? ? 0.077  ? ? ? ? ? ? ? ? 60.200 ? ? ? ? ? ? ? 2 1 1.000 ? 
# 
_refine.aniso_B[1][1]                            ? 
_refine.aniso_B[1][2]                            ? 
_refine.aniso_B[1][3]                            ? 
_refine.aniso_B[2][2]                            ? 
_refine.aniso_B[2][3]                            ? 
_refine.aniso_B[3][3]                            ? 
_refine.B_iso_max                                213.450 
_refine.B_iso_mean                               74.0891 
_refine.B_iso_min                                37.300 
_refine.correlation_coeff_Fo_to_Fc               ? 
_refine.correlation_coeff_Fo_to_Fc_free          ? 
_refine.details                                  
'The entry contains friedel pairs in F_plus/minus columns and I_plus/minus columns' 
_refine.diff_density_max                         ? 
_refine.diff_density_max_esd                     ? 
_refine.diff_density_min                         ? 
_refine.diff_density_min_esd                     ? 
_refine.diff_density_rms                         ? 
_refine.diff_density_rms_esd                     ? 
_refine.entry_id                                 5WUF 
_refine.pdbx_refine_id                           'X-RAY DIFFRACTION' 
_refine.ls_abs_structure_details                 ? 
_refine.ls_abs_structure_Flack                   ? 
_refine.ls_abs_structure_Flack_esd               ? 
_refine.ls_abs_structure_Rogers                  ? 
_refine.ls_abs_structure_Rogers_esd              ? 
_refine.ls_d_res_high                            2.4010 
_refine.ls_d_res_low                             37.7360 
_refine.ls_extinction_coef                       ? 
_refine.ls_extinction_coef_esd                   ? 
_refine.ls_extinction_expression                 ? 
_refine.ls_extinction_method                     ? 
_refine.ls_goodness_of_fit_all                   ? 
_refine.ls_goodness_of_fit_all_esd               ? 
_refine.ls_goodness_of_fit_obs                   ? 
_refine.ls_goodness_of_fit_obs_esd               ? 
_refine.ls_hydrogen_treatment                    ? 
_refine.ls_matrix_type                           ? 
_refine.ls_number_constraints                    ? 
_refine.ls_number_parameters                     ? 
_refine.ls_number_reflns_all                     ? 
_refine.ls_number_reflns_obs                     30649 
_refine.ls_number_reflns_R_free                  1540 
_refine.ls_number_reflns_R_work                  29109 
_refine.ls_number_restraints                     ? 
_refine.ls_percent_reflns_obs                    99.7800 
_refine.ls_percent_reflns_R_free                 5.0200 
_refine.ls_R_factor_all                          ? 
_refine.ls_R_factor_obs                          0.2416 
_refine.ls_R_factor_R_free                       0.2735 
_refine.ls_R_factor_R_free_error                 ? 
_refine.ls_R_factor_R_free_error_details         ? 
_refine.ls_R_factor_R_work                       0.2400 
_refine.ls_R_Fsqd_factor_obs                     ? 
_refine.ls_R_I_factor_obs                        ? 
_refine.ls_redundancy_reflns_all                 ? 
_refine.ls_redundancy_reflns_obs                 ? 
_refine.ls_restrained_S_all                      ? 
_refine.ls_restrained_S_obs                      ? 
_refine.ls_shift_over_esd_max                    ? 
_refine.ls_shift_over_esd_mean                   ? 
_refine.ls_structure_factor_coef                 ? 
_refine.ls_weighting_details                     ? 
_refine.ls_weighting_scheme                      ? 
_refine.ls_wR_factor_all                         ? 
_refine.ls_wR_factor_obs                         ? 
_refine.ls_wR_factor_R_free                      ? 
_refine.ls_wR_factor_R_work                      ? 
_refine.occupancy_max                            ? 
_refine.occupancy_min                            ? 
_refine.solvent_model_details                    'FLAT BULK SOLVENT MODEL' 
_refine.solvent_model_param_bsol                 ? 
_refine.solvent_model_param_ksol                 ? 
_refine.ls_R_factor_gt                           ? 
_refine.ls_goodness_of_fit_gt                    ? 
_refine.ls_goodness_of_fit_ref                   ? 
_refine.ls_shift_over_su_max                     ? 
_refine.ls_shift_over_su_max_lt                  ? 
_refine.ls_shift_over_su_mean                    ? 
_refine.ls_shift_over_su_mean_lt                 ? 
_refine.pdbx_ls_sigma_I                          ? 
_refine.pdbx_ls_sigma_F                          1.330 
_refine.pdbx_ls_sigma_Fsqd                       ? 
_refine.pdbx_data_cutoff_high_absF               ? 
_refine.pdbx_data_cutoff_high_rms_absF           ? 
_refine.pdbx_data_cutoff_low_absF                ? 
_refine.pdbx_isotropic_thermal_model             ? 
_refine.pdbx_ls_cross_valid_method               'FREE R-VALUE' 
_refine.pdbx_method_to_determine_struct          SAD 
_refine.pdbx_starting_model                      ? 
_refine.pdbx_stereochemistry_target_values       ML 
_refine.pdbx_R_Free_selection_details            ? 
_refine.pdbx_stereochem_target_val_spec_case     ? 
_refine.pdbx_overall_ESU_R                       ? 
_refine.pdbx_overall_ESU_R_Free                  ? 
_refine.pdbx_solvent_vdw_probe_radii             1.1100 
_refine.pdbx_solvent_ion_probe_radii             ? 
_refine.pdbx_solvent_shrinkage_radii             0.9000 
_refine.pdbx_real_space_R                        ? 
_refine.pdbx_density_correlation                 ? 
_refine.pdbx_pd_number_of_powder_patterns        ? 
_refine.pdbx_pd_number_of_points                 ? 
_refine.pdbx_pd_meas_number_of_points            ? 
_refine.pdbx_pd_proc_ls_prof_R_factor            ? 
_refine.pdbx_pd_proc_ls_prof_wR_factor           ? 
_refine.pdbx_pd_Marquardt_correlation_coeff      ? 
_refine.pdbx_pd_Fsqrd_R_factor                   ? 
_refine.pdbx_pd_ls_matrix_band_width             ? 
_refine.pdbx_overall_phase_error                 31.6200 
_refine.pdbx_overall_SU_R_free_Cruickshank_DPI   ? 
_refine.pdbx_overall_SU_R_free_Blow_DPI          ? 
_refine.pdbx_overall_SU_R_Blow_DPI               ? 
_refine.pdbx_TLS_residual_ADP_flag               ? 
_refine.pdbx_diffrn_id                           1 
_refine.overall_SU_B                             ? 
_refine.overall_SU_ML                            0.3600 
_refine.overall_SU_R_Cruickshank_DPI             ? 
_refine.overall_SU_R_free                        ? 
_refine.overall_FOM_free_R_set                   ? 
_refine.overall_FOM_work_R_set                   ? 
_refine.pdbx_average_fsc_overall                 ? 
_refine.pdbx_average_fsc_work                    ? 
_refine.pdbx_average_fsc_free                    ? 
# 
_refine_hist.cycle_id                         final 
_refine_hist.pdbx_refine_id                   'X-RAY DIFFRACTION' 
_refine_hist.d_res_high                       2.4010 
_refine_hist.d_res_low                        37.7360 
_refine_hist.pdbx_number_atoms_ligand         3 
_refine_hist.number_atoms_solvent             27 
_refine_hist.number_atoms_total               1481 
_refine_hist.pdbx_number_residues_total       196 
_refine_hist.pdbx_B_iso_mean_ligand           137.42 
_refine_hist.pdbx_B_iso_mean_solvent          69.17 
_refine_hist.pdbx_number_atoms_protein        1451 
_refine_hist.pdbx_number_atoms_nucleic_acid   0 
# 
loop_
_refine_ls_restr.pdbx_refine_id 
_refine_ls_restr.criterion 
_refine_ls_restr.dev_ideal 
_refine_ls_restr.dev_ideal_target 
_refine_ls_restr.number 
_refine_ls_restr.rejects 
_refine_ls_restr.type 
_refine_ls_restr.weight 
_refine_ls_restr.pdbx_restraint_function 
'X-RAY DIFFRACTION' ? 0.002  ? 1489 ? f_bond_d           ? ? 
'X-RAY DIFFRACTION' ? 0.424  ? 2043 ? f_angle_d          ? ? 
'X-RAY DIFFRACTION' ? 0.036  ? 260  ? f_chiral_restr     ? ? 
'X-RAY DIFFRACTION' ? 0.004  ? 247  ? f_plane_restr      ? ? 
'X-RAY DIFFRACTION' ? 12.169 ? 500  ? f_dihedral_angle_d ? ? 
# 
loop_
_refine_ls_shell.pdbx_refine_id 
_refine_ls_shell.d_res_high 
_refine_ls_shell.d_res_low 
_refine_ls_shell.number_reflns_all 
_refine_ls_shell.number_reflns_obs 
_refine_ls_shell.number_reflns_R_free 
_refine_ls_shell.number_reflns_R_work 
_refine_ls_shell.percent_reflns_obs 
_refine_ls_shell.percent_reflns_R_free 
_refine_ls_shell.R_factor_all 
_refine_ls_shell.R_factor_obs 
_refine_ls_shell.R_factor_R_free 
_refine_ls_shell.R_factor_R_free_error 
_refine_ls_shell.R_factor_R_work 
_refine_ls_shell.redundancy_reflns_all 
_refine_ls_shell.redundancy_reflns_obs 
_refine_ls_shell.wR_factor_all 
_refine_ls_shell.wR_factor_obs 
_refine_ls_shell.wR_factor_R_free 
_refine_ls_shell.wR_factor_R_work 
_refine_ls_shell.pdbx_total_number_of_bins_used 
_refine_ls_shell.pdbx_phase_error 
_refine_ls_shell.pdbx_fsc_work 
_refine_ls_shell.pdbx_fsc_free 
'X-RAY DIFFRACTION' 2.4006 2.4781  2726 . 144 2582 98.0000  . . . 0.4435 0.0000 0.3858 . . . . . . 11 . . . 
'X-RAY DIFFRACTION' 2.4781 2.5666  2778 . 161 2617 100.0000 . . . 0.3636 0.0000 0.3402 . . . . . . 11 . . . 
'X-RAY DIFFRACTION' 2.5666 2.6694  2799 . 123 2676 100.0000 . . . 0.3032 0.0000 0.3233 . . . . . . 11 . . . 
'X-RAY DIFFRACTION' 2.6694 2.7908  2783 . 132 2651 100.0000 . . . 0.2876 0.0000 0.2757 . . . . . . 11 . . . 
'X-RAY DIFFRACTION' 2.7908 2.9379  2814 . 145 2669 100.0000 . . . 0.3007 0.0000 0.2666 . . . . . . 11 . . . 
'X-RAY DIFFRACTION' 2.9379 3.1219  2781 . 139 2642 100.0000 . . . 0.2912 0.0000 0.2559 . . . . . . 11 . . . 
'X-RAY DIFFRACTION' 3.1219 3.3628  2792 . 140 2652 100.0000 . . . 0.2876 0.0000 0.2419 . . . . . . 11 . . . 
'X-RAY DIFFRACTION' 3.3628 3.7010  2781 . 138 2643 100.0000 . . . 0.2212 0.0000 0.2367 . . . . . . 11 . . . 
'X-RAY DIFFRACTION' 3.7010 4.2359  2791 . 140 2651 100.0000 . . . 0.2676 0.0000 0.2091 . . . . . . 11 . . . 
'X-RAY DIFFRACTION' 4.2359 5.3344  2808 . 144 2664 100.0000 . . . 0.2045 0.0000 0.2037 . . . . . . 11 . . . 
'X-RAY DIFFRACTION' 5.3344 37.7408 2796 . 134 2662 100.0000 . . . 0.3077 0.0000 0.2426 . . . . . . 11 . . . 
# 
_struct.entry_id                     5WUF 
_struct.title                        'Structural basis for conductance through TRIC cation channels' 
_struct.pdbx_model_details           ? 
_struct.pdbx_formula_weight          ? 
_struct.pdbx_formula_weight_method   ? 
_struct.pdbx_model_type_details      ? 
_struct.pdbx_CASP_flag               N 
# 
_struct_keywords.entry_id        5WUF 
_struct_keywords.text            
;TRIC, cation channel, membrane protein, Structural Genomics, PSI-Biology, New York Consortium on Membrane Protein Structure, NYCOMPS
;
_struct_keywords.pdbx_keywords   'MEMBRANE PROTEIN' 
# 
loop_
_struct_asym.id 
_struct_asym.pdbx_blank_PDB_chainid_flag 
_struct_asym.pdbx_modified 
_struct_asym.entity_id 
_struct_asym.details 
A N N 1 ? 
B N N 2 ? 
C N N 2 ? 
D N N 2 ? 
E N N 2 ? 
F N N 3 ? 
# 
_struct_ref.id                         1 
_struct_ref.db_name                    UNP 
_struct_ref.db_code                    Q47UY7_COLP3 
_struct_ref.pdbx_db_accession          Q47UY7 
_struct_ref.pdbx_db_isoform            ? 
_struct_ref.entity_id                  1 
_struct_ref.pdbx_seq_one_letter_code   
;MNDFLFYLDIFGVIVFALSGALMAGRYQLDPFGVVVLASVTAVGGGTIRDVILQTPVFWVEKPYYLYVILATAILTIVLI
RQPKRIPKRFLLIADALGLALFAVLGTQKALYLGAPIPVAVVLGTITGIAGGMIRDVLCNVIPMILREEIYALAAMLGGS
LFIILHGLNWNDTNAMIVSISAALALRLAAIYWHVSLPAFHIVEKPKKEKGTTKIIEKK
;
_struct_ref.pdbx_align_begin           1 
# 
_struct_ref_seq.align_id                      1 
_struct_ref_seq.ref_id                        1 
_struct_ref_seq.pdbx_PDB_id_code              5WUF 
_struct_ref_seq.pdbx_strand_id                A 
_struct_ref_seq.seq_align_beg                 1 
_struct_ref_seq.pdbx_seq_align_beg_ins_code   ? 
_struct_ref_seq.seq_align_end                 219 
_struct_ref_seq.pdbx_seq_align_end_ins_code   ? 
_struct_ref_seq.pdbx_db_accession             Q47UY7 
_struct_ref_seq.db_align_beg                  1 
_struct_ref_seq.pdbx_db_align_beg_ins_code    ? 
_struct_ref_seq.db_align_end                  219 
_struct_ref_seq.pdbx_db_align_end_ins_code    ? 
_struct_ref_seq.pdbx_auth_seq_align_beg       1 
_struct_ref_seq.pdbx_auth_seq_align_end       219 
# 
loop_
_struct_ref_seq_dif.align_id 
_struct_ref_seq_dif.pdbx_pdb_id_code 
_struct_ref_seq_dif.mon_id 
_struct_ref_seq_dif.pdbx_pdb_strand_id 
_struct_ref_seq_dif.seq_num 
_struct_ref_seq_dif.pdbx_pdb_ins_code 
_struct_ref_seq_dif.pdbx_seq_db_name 
_struct_ref_seq_dif.pdbx_seq_db_accession_code 
_struct_ref_seq_dif.db_mon_id 
_struct_ref_seq_dif.pdbx_seq_db_seq_num 
_struct_ref_seq_dif.details 
_struct_ref_seq_dif.pdbx_auth_seq_num 
_struct_ref_seq_dif.pdbx_ordinal 
1 5WUF ALA A 220 ? UNP Q47UY7 ? ? 'expression tag' 220 1  
1 5WUF ALA A 221 ? UNP Q47UY7 ? ? 'expression tag' 221 2  
1 5WUF ALA A 222 ? UNP Q47UY7 ? ? 'expression tag' 222 3  
1 5WUF GLU A 223 ? UNP Q47UY7 ? ? 'expression tag' 223 4  
1 5WUF ASN A 224 ? UNP Q47UY7 ? ? 'expression tag' 224 5  
1 5WUF LEU A 225 ? UNP Q47UY7 ? ? 'expression tag' 225 6  
1 5WUF TYR A 226 ? UNP Q47UY7 ? ? 'expression tag' 226 7  
1 5WUF PHE A 227 ? UNP Q47UY7 ? ? 'expression tag' 227 8  
1 5WUF GLN A 228 ? UNP Q47UY7 ? ? 'expression tag' 228 9  
1 5WUF GLY A 229 ? UNP Q47UY7 ? ? 'expression tag' 229 10 
1 5WUF LEU A 230 ? UNP Q47UY7 ? ? 'expression tag' 230 11 
1 5WUF GLU A 231 ? UNP Q47UY7 ? ? 'expression tag' 231 12 
1 5WUF ASP A 232 ? UNP Q47UY7 ? ? 'expression tag' 232 13 
1 5WUF TYR A 233 ? UNP Q47UY7 ? ? 'expression tag' 233 14 
1 5WUF LYS A 234 ? UNP Q47UY7 ? ? 'expression tag' 234 15 
1 5WUF ASP A 235 ? UNP Q47UY7 ? ? 'expression tag' 235 16 
1 5WUF ASP A 236 ? UNP Q47UY7 ? ? 'expression tag' 236 17 
1 5WUF ASP A 237 ? UNP Q47UY7 ? ? 'expression tag' 237 18 
1 5WUF ASP A 238 ? UNP Q47UY7 ? ? 'expression tag' 238 19 
1 5WUF LYS A 239 ? UNP Q47UY7 ? ? 'expression tag' 239 20 
1 5WUF HIS A 240 ? UNP Q47UY7 ? ? 'expression tag' 240 21 
1 5WUF HIS A 241 ? UNP Q47UY7 ? ? 'expression tag' 241 22 
1 5WUF HIS A 242 ? UNP Q47UY7 ? ? 'expression tag' 242 23 
1 5WUF HIS A 243 ? UNP Q47UY7 ? ? 'expression tag' 243 24 
1 5WUF HIS A 244 ? UNP Q47UY7 ? ? 'expression tag' 244 25 
1 5WUF HIS A 245 ? UNP Q47UY7 ? ? 'expression tag' 245 26 
1 5WUF HIS A 246 ? UNP Q47UY7 ? ? 'expression tag' 246 27 
1 5WUF HIS A 247 ? UNP Q47UY7 ? ? 'expression tag' 247 28 
1 5WUF HIS A 248 ? UNP Q47UY7 ? ? 'expression tag' 248 29 
1 5WUF HIS A 249 ? UNP Q47UY7 ? ? 'expression tag' 249 30 
# 
_pdbx_struct_assembly.id                   1 
_pdbx_struct_assembly.details              author_and_software_defined_assembly 
_pdbx_struct_assembly.method_details       PISA 
_pdbx_struct_assembly.oligomeric_details   trimeric 
_pdbx_struct_assembly.oligomeric_count     3 
# 
loop_
_pdbx_struct_assembly_prop.biol_id 
_pdbx_struct_assembly_prop.type 
_pdbx_struct_assembly_prop.value 
_pdbx_struct_assembly_prop.details 
1 'ABSA (A^2)' 7220  ? 
1 MORE         -146  ? 
1 'SSA (A^2)'  22300 ? 
# 
_pdbx_struct_assembly_gen.assembly_id       1 
_pdbx_struct_assembly_gen.oper_expression   1,2,3 
_pdbx_struct_assembly_gen.asym_id_list      A,B,C,D,E,F 
# 
loop_
_pdbx_struct_oper_list.id 
_pdbx_struct_oper_list.type 
_pdbx_struct_oper_list.name 
_pdbx_struct_oper_list.symmetry_operation 
_pdbx_struct_oper_list.matrix[1][1] 
_pdbx_struct_oper_list.matrix[1][2] 
_pdbx_struct_oper_list.matrix[1][3] 
_pdbx_struct_oper_list.vector[1] 
_pdbx_struct_oper_list.matrix[2][1] 
_pdbx_struct_oper_list.matrix[2][2] 
_pdbx_struct_oper_list.matrix[2][3] 
_pdbx_struct_oper_list.vector[2] 
_pdbx_struct_oper_list.matrix[3][1] 
_pdbx_struct_oper_list.matrix[3][2] 
_pdbx_struct_oper_list.matrix[3][3] 
_pdbx_struct_oper_list.vector[3] 
1 'identity operation'         1_555 x,y,z         1.0000000000  0.0000000000  0.0000000000 0.0000000000   0.0000000000  1.0000000000  0.0000000000  0.0000000000  0.0000000000 0.0000000000  1.0000000000 0.0000000000   
2 'crystal symmetry operation' 2_765 -y+2,x-y+1,z  -0.0580792735 0.8884974138  0.4551913264 -14.5604174290 -0.5091103477 -0.4185744539 0.7520652103  24.8209238624 0.8587394552 -0.1880632134 0.4766537274 2.6275075224   
3 'crystal symmetry operation' 3_675 -x+y+1,-x+2,z -0.0580792735 -0.5091103477 0.8587394552 9.5345863301   0.8884974138  -0.4185744539 -0.1880632134 23.8204353870 0.4551913264 0.7520652103  0.4766537274 -13.2915888533 
# 
loop_
_struct_conf.conf_type_id 
_struct_conf.id 
_struct_conf.pdbx_PDB_helix_id 
_struct_conf.beg_label_comp_id 
_struct_conf.beg_label_asym_id 
_struct_conf.beg_label_seq_id 
_struct_conf.pdbx_beg_PDB_ins_code 
_struct_conf.end_label_comp_id 
_struct_conf.end_label_asym_id 
_struct_conf.end_label_seq_id 
_struct_conf.pdbx_end_PDB_ins_code 
_struct_conf.beg_auth_comp_id 
_struct_conf.beg_auth_asym_id 
_struct_conf.beg_auth_seq_id 
_struct_conf.end_auth_comp_id 
_struct_conf.end_auth_asym_id 
_struct_conf.end_auth_seq_id 
_struct_conf.pdbx_PDB_helix_class 
_struct_conf.details 
_struct_conf.pdbx_PDB_helix_length 
HELX_P HELX_P1 AA1 PHE A 4   ? TYR A 27  ? PHE A 4   TYR A 27  1 ? 24 
HELX_P HELX_P2 AA2 ASP A 30  ? LEU A 53  ? ASP A 30  LEU A 53  1 ? 24 
HELX_P HELX_P3 AA3 VAL A 57  ? LYS A 62  ? VAL A 57  LYS A 62  1 ? 6  
HELX_P HELX_P4 AA4 PRO A 63  ? ILE A 80  ? PRO A 63  ILE A 80  1 ? 18 
HELX_P HELX_P5 AA5 PRO A 87  ? TYR A 112 ? PRO A 87  TYR A 112 1 ? 26 
HELX_P HELX_P6 AA6 PRO A 116 ? CYS A 139 ? PRO A 116 CYS A 139 1 ? 24 
HELX_P HELX_P7 AA7 PRO A 143 ? ARG A 147 ? PRO A 143 ARG A 147 5 ? 5  
HELX_P HELX_P8 AA8 TYR A 151 ? LEU A 168 ? TYR A 151 LEU A 168 1 ? 18 
HELX_P HELX_P9 AA9 ASN A 171 ? TRP A 193 ? ASN A 171 TRP A 193 1 ? 23 
# 
_struct_conf_type.id          HELX_P 
_struct_conf_type.criteria    ? 
_struct_conf_type.reference   ? 
# 
loop_
_struct_conn.id 
_struct_conn.conn_type_id 
_struct_conn.pdbx_leaving_atom_flag 
_struct_conn.pdbx_PDB_id 
_struct_conn.ptnr1_label_asym_id 
_struct_conn.ptnr1_label_comp_id 
_struct_conn.ptnr1_label_seq_id 
_struct_conn.ptnr1_label_atom_id 
_struct_conn.pdbx_ptnr1_label_alt_id 
_struct_conn.pdbx_ptnr1_PDB_ins_code 
_struct_conn.pdbx_ptnr1_standard_comp_id 
_struct_conn.ptnr1_symmetry 
_struct_conn.ptnr2_label_asym_id 
_struct_conn.ptnr2_label_comp_id 
_struct_conn.ptnr2_label_seq_id 
_struct_conn.ptnr2_label_atom_id 
_struct_conn.pdbx_ptnr2_label_alt_id 
_struct_conn.pdbx_ptnr2_PDB_ins_code 
_struct_conn.ptnr1_auth_asym_id 
_struct_conn.ptnr1_auth_comp_id 
_struct_conn.ptnr1_auth_seq_id 
_struct_conn.ptnr2_auth_asym_id 
_struct_conn.ptnr2_auth_comp_id 
_struct_conn.ptnr2_auth_seq_id 
_struct_conn.ptnr2_symmetry 
_struct_conn.pdbx_ptnr3_label_atom_id 
_struct_conn.pdbx_ptnr3_label_seq_id 
_struct_conn.pdbx_ptnr3_label_comp_id 
_struct_conn.pdbx_ptnr3_label_asym_id 
_struct_conn.pdbx_ptnr3_label_alt_id 
_struct_conn.pdbx_ptnr3_PDB_ins_code 
_struct_conn.details 
_struct_conn.pdbx_dist_value 
_struct_conn.pdbx_value_order 
_struct_conn.pdbx_role 
covale1  covale both ? A LEU 22  C   ? ? ? 1_555 A MSE 23  N  ? ? A LEU 22  A MSE 23  1_555 ? ? ? ? ? ? ? 1.330 ? ? 
covale2  covale both ? A MSE 23  C   ? ? ? 1_555 A ALA 24  N  ? ? A MSE 23  A ALA 24  1_555 ? ? ? ? ? ? ? 1.336 ? ? 
covale3  covale both ? A GLY 132 C   ? ? ? 1_555 A MSE 133 N  ? ? A GLY 132 A MSE 133 1_555 ? ? ? ? ? ? ? 1.330 ? ? 
covale4  covale both ? A MSE 133 C   ? ? ? 1_555 A ILE 134 N  ? ? A MSE 133 A ILE 134 1_555 ? ? ? ? ? ? ? 1.335 ? ? 
covale5  covale both ? A PRO 143 C   ? ? ? 1_555 A MSE 144 N  ? ? A PRO 143 A MSE 144 1_555 ? ? ? ? ? ? ? 1.329 ? ? 
covale6  covale both ? A MSE 144 C   ? ? ? 1_555 A ILE 145 N  ? ? A MSE 144 A ILE 145 1_555 ? ? ? ? ? ? ? 1.336 ? ? 
covale7  covale both ? A ALA 155 C   ? ? ? 1_555 A MSE 156 N  ? ? A ALA 155 A MSE 156 1_555 ? ? ? ? ? ? ? 1.330 ? ? 
covale8  covale both ? A MSE 156 C   ? ? ? 1_555 A LEU 157 N  ? ? A MSE 156 A LEU 157 1_555 ? ? ? ? ? ? ? 1.335 ? ? 
covale9  covale both ? A ALA 175 C   ? ? ? 1_555 A MSE 176 N  ? ? A ALA 175 A MSE 176 1_555 ? ? ? ? ? ? ? 1.328 ? ? 
covale10 covale both ? A MSE 176 C   ? ? ? 1_555 A ILE 177 N  ? ? A MSE 176 A ILE 177 1_555 ? ? ? ? ? ? ? 1.336 ? ? 
metalc1  metalc ?    ? A ASP 30  OD1 ? ? ? 1_555 B CD  .   CD ? ? A ASP 30  A CD  301 1_555 ? ? ? ? ? ? ? 2.677 ? ? 
metalc2  metalc ?    ? E CD  .   CD  ? ? ? 1_555 F HOH .   O  ? ? A CD  304 A HOH 410 1_555 ? ? ? ? ? ? ? 2.606 ? ? 
# 
loop_
_struct_conn_type.id 
_struct_conn_type.criteria 
_struct_conn_type.reference 
covale ? ? 
metalc ? ? 
# 
loop_
_pdbx_modification_feature.ordinal 
_pdbx_modification_feature.label_comp_id 
_pdbx_modification_feature.label_asym_id 
_pdbx_modification_feature.label_seq_id 
_pdbx_modification_feature.label_alt_id 
_pdbx_modification_feature.modified_residue_label_comp_id 
_pdbx_modification_feature.modified_residue_label_asym_id 
_pdbx_modification_feature.modified_residue_label_seq_id 
_pdbx_modification_feature.modified_residue_label_alt_id 
_pdbx_modification_feature.auth_comp_id 
_pdbx_modification_feature.auth_asym_id 
_pdbx_modification_feature.auth_seq_id 
_pdbx_modification_feature.PDB_ins_code 
_pdbx_modification_feature.symmetry 
_pdbx_modification_feature.modified_residue_auth_comp_id 
_pdbx_modification_feature.modified_residue_auth_asym_id 
_pdbx_modification_feature.modified_residue_auth_seq_id 
_pdbx_modification_feature.modified_residue_PDB_ins_code 
_pdbx_modification_feature.modified_residue_symmetry 
_pdbx_modification_feature.comp_id_linking_atom 
_pdbx_modification_feature.modified_residue_id_linking_atom 
_pdbx_modification_feature.modified_residue_id 
_pdbx_modification_feature.ref_pcm_id 
_pdbx_modification_feature.ref_comp_id 
_pdbx_modification_feature.type 
_pdbx_modification_feature.category 
1 MSE A 23  ? . . . . MSE A 23  ? 1_555 . . . . . . . MET 1 MSE Selenomethionine 'Named protein modification' 
2 MSE A 133 ? . . . . MSE A 133 ? 1_555 . . . . . . . MET 1 MSE Selenomethionine 'Named protein modification' 
3 MSE A 144 ? . . . . MSE A 144 ? 1_555 . . . . . . . MET 1 MSE Selenomethionine 'Named protein modification' 
4 MSE A 156 ? . . . . MSE A 156 ? 1_555 . . . . . . . MET 1 MSE Selenomethionine 'Named protein modification' 
5 MSE A 176 ? . . . . MSE A 176 ? 1_555 . . . . . . . MET 1 MSE Selenomethionine 'Named protein modification' 
# 
loop_
_struct_site.id 
_struct_site.pdbx_evidence_code 
_struct_site.pdbx_auth_asym_id 
_struct_site.pdbx_auth_comp_id 
_struct_site.pdbx_auth_seq_id 
_struct_site.pdbx_auth_ins_code 
_struct_site.pdbx_num_residues 
_struct_site.details 
AC1 Software A CD 301 ? 4 'binding site for residue CD A 301' 
AC2 Software A CD 302 ? 6 'binding site for residue CD A 302' 
AC3 Software A CD 303 ? 2 'binding site for residue CD A 303' 
AC4 Software A CD 304 ? 3 'binding site for residue CD A 304' 
# 
loop_
_struct_site_gen.id 
_struct_site_gen.site_id 
_struct_site_gen.pdbx_num_res 
_struct_site_gen.label_comp_id 
_struct_site_gen.label_asym_id 
_struct_site_gen.label_seq_id 
_struct_site_gen.pdbx_auth_ins_code 
_struct_site_gen.auth_comp_id 
_struct_site_gen.auth_asym_id 
_struct_site_gen.auth_seq_id 
_struct_site_gen.label_atom_id 
_struct_site_gen.label_alt_id 
_struct_site_gen.symmetry 
_struct_site_gen.details 
1  AC1 4 ASP A 30  ? ASP A 30  . ? 1_555  ? 
2  AC1 4 HOH F .   ? HOH A 401 . ? 2_765  ? 
3  AC1 4 HOH F .   ? HOH A 416 . ? 1_555  ? 
4  AC1 4 HOH F .   ? HOH A 421 . ? 2_765  ? 
5  AC2 6 HIS A 166 ? HIS A 166 . ? 1_555  ? 
6  AC2 6 ASN A 169 ? ASN A 169 . ? 11_565 ? 
7  AC2 6 HOH F .   ? HOH A 402 . ? 11_565 ? 
8  AC2 6 HOH F .   ? HOH A 404 . ? 11_565 ? 
9  AC2 6 HOH F .   ? HOH A 419 . ? 11_565 ? 
10 AC2 6 HOH F .   ? HOH A 425 . ? 1_555  ? 
11 AC3 2 GLU A 148 ? GLU A 148 . ? 1_555  ? 
12 AC3 2 GLU A 149 ? GLU A 149 . ? 1_555  ? 
13 AC4 3 ASP A 9   ? ASP A 9   . ? 1_555  ? 
14 AC4 3 ARG A 49  ? ARG A 49  . ? 1_555  ? 
15 AC4 3 HOH F .   ? HOH A 410 . ? 1_555  ? 
# 
_pdbx_entry_details.entry_id                   5WUF 
_pdbx_entry_details.compound_details           ? 
_pdbx_entry_details.source_details             ? 
_pdbx_entry_details.nonpolymer_details         ? 
_pdbx_entry_details.sequence_details           ? 
_pdbx_entry_details.has_ligand_of_interest     ? 
_pdbx_entry_details.has_protein_modification   Y 
# 
loop_
_pdbx_validate_torsion.id 
_pdbx_validate_torsion.PDB_model_num 
_pdbx_validate_torsion.auth_comp_id 
_pdbx_validate_torsion.auth_asym_id 
_pdbx_validate_torsion.auth_seq_id 
_pdbx_validate_torsion.PDB_ins_code 
_pdbx_validate_torsion.label_alt_id 
_pdbx_validate_torsion.phi 
_pdbx_validate_torsion.psi 
1 1 ARG A 81  ? ? -71.48  -78.85 
2 1 TYR A 151 ? ? -136.26 -74.53 
# 
_pdbx_SG_project.id                    1 
_pdbx_SG_project.project_name          PSI:Biology 
_pdbx_SG_project.full_name_of_center   'New York Consortium on Membrane Protein Structure' 
_pdbx_SG_project.initial_of_center     NYCOMPS 
# 
loop_
_pdbx_struct_mod_residue.id 
_pdbx_struct_mod_residue.label_asym_id 
_pdbx_struct_mod_residue.label_comp_id 
_pdbx_struct_mod_residue.label_seq_id 
_pdbx_struct_mod_residue.auth_asym_id 
_pdbx_struct_mod_residue.auth_comp_id 
_pdbx_struct_mod_residue.auth_seq_id 
_pdbx_struct_mod_residue.PDB_ins_code 
_pdbx_struct_mod_residue.parent_comp_id 
_pdbx_struct_mod_residue.details 
1 A MSE 23  A MSE 23  ? MET 'modified residue' 
2 A MSE 133 A MSE 133 ? MET 'modified residue' 
3 A MSE 144 A MSE 144 ? MET 'modified residue' 
4 A MSE 156 A MSE 156 ? MET 'modified residue' 
5 A MSE 176 A MSE 176 ? MET 'modified residue' 
# 
loop_
_pdbx_struct_special_symmetry.id 
_pdbx_struct_special_symmetry.PDB_model_num 
_pdbx_struct_special_symmetry.auth_asym_id 
_pdbx_struct_special_symmetry.auth_comp_id 
_pdbx_struct_special_symmetry.auth_seq_id 
_pdbx_struct_special_symmetry.PDB_ins_code 
_pdbx_struct_special_symmetry.label_asym_id 
_pdbx_struct_special_symmetry.label_comp_id 
_pdbx_struct_special_symmetry.label_seq_id 
1 1 A HOH 420 ? F HOH . 
2 1 A HOH 422 ? F HOH . 
3 1 A HOH 423 ? F HOH . 
4 1 A HOH 427 ? F HOH . 
# 
loop_
_pdbx_unobs_or_zero_occ_residues.id 
_pdbx_unobs_or_zero_occ_residues.PDB_model_num 
_pdbx_unobs_or_zero_occ_residues.polymer_flag 
_pdbx_unobs_or_zero_occ_residues.occupancy_flag 
_pdbx_unobs_or_zero_occ_residues.auth_asym_id 
_pdbx_unobs_or_zero_occ_residues.auth_comp_id 
_pdbx_unobs_or_zero_occ_residues.auth_seq_id 
_pdbx_unobs_or_zero_occ_residues.PDB_ins_code 
_pdbx_unobs_or_zero_occ_residues.label_asym_id 
_pdbx_unobs_or_zero_occ_residues.label_comp_id 
_pdbx_unobs_or_zero_occ_residues.label_seq_id 
1  1 Y 1 A MSE 1   ? A MSE 1   
2  1 Y 1 A ASN 2   ? A ASN 2   
3  1 Y 1 A ASP 3   ? A ASP 3   
4  1 Y 1 A ALA 199 ? A ALA 199 
5  1 Y 1 A PHE 200 ? A PHE 200 
6  1 Y 1 A HIS 201 ? A HIS 201 
7  1 Y 1 A ILE 202 ? A ILE 202 
8  1 Y 1 A VAL 203 ? A VAL 203 
9  1 Y 1 A GLU 204 ? A GLU 204 
10 1 Y 1 A LYS 205 ? A LYS 205 
11 1 Y 1 A PRO 206 ? A PRO 206 
12 1 Y 1 A LYS 207 ? A LYS 207 
13 1 Y 1 A LYS 208 ? A LYS 208 
14 1 Y 1 A GLU 209 ? A GLU 209 
15 1 Y 1 A LYS 210 ? A LYS 210 
16 1 Y 1 A GLY 211 ? A GLY 211 
17 1 Y 1 A THR 212 ? A THR 212 
18 1 Y 1 A THR 213 ? A THR 213 
19 1 Y 1 A LYS 214 ? A LYS 214 
20 1 Y 1 A ILE 215 ? A ILE 215 
21 1 Y 1 A ILE 216 ? A ILE 216 
22 1 Y 1 A GLU 217 ? A GLU 217 
23 1 Y 1 A LYS 218 ? A LYS 218 
24 1 Y 1 A LYS 219 ? A LYS 219 
25 1 Y 1 A ALA 220 ? A ALA 220 
26 1 Y 1 A ALA 221 ? A ALA 221 
27 1 Y 1 A ALA 222 ? A ALA 222 
28 1 Y 1 A GLU 223 ? A GLU 223 
29 1 Y 1 A ASN 224 ? A ASN 224 
30 1 Y 1 A LEU 225 ? A LEU 225 
31 1 Y 1 A TYR 226 ? A TYR 226 
32 1 Y 1 A PHE 227 ? A PHE 227 
33 1 Y 1 A GLN 228 ? A GLN 228 
34 1 Y 1 A GLY 229 ? A GLY 229 
35 1 Y 1 A LEU 230 ? A LEU 230 
36 1 Y 1 A GLU 231 ? A GLU 231 
37 1 Y 1 A ASP 232 ? A ASP 232 
38 1 Y 1 A TYR 233 ? A TYR 233 
39 1 Y 1 A LYS 234 ? A LYS 234 
40 1 Y 1 A ASP 235 ? A ASP 235 
41 1 Y 1 A ASP 236 ? A ASP 236 
42 1 Y 1 A ASP 237 ? A ASP 237 
43 1 Y 1 A ASP 238 ? A ASP 238 
44 1 Y 1 A LYS 239 ? A LYS 239 
45 1 Y 1 A HIS 240 ? A HIS 240 
46 1 Y 1 A HIS 241 ? A HIS 241 
47 1 Y 1 A HIS 242 ? A HIS 242 
48 1 Y 1 A HIS 243 ? A HIS 243 
49 1 Y 1 A HIS 244 ? A HIS 244 
50 1 Y 1 A HIS 245 ? A HIS 245 
51 1 Y 1 A HIS 246 ? A HIS 246 
52 1 Y 1 A HIS 247 ? A HIS 247 
53 1 Y 1 A HIS 248 ? A HIS 248 
54 1 Y 1 A HIS 249 ? A HIS 249 
# 
loop_
_chem_comp_atom.comp_id 
_chem_comp_atom.atom_id 
_chem_comp_atom.type_symbol 
_chem_comp_atom.pdbx_aromatic_flag 
_chem_comp_atom.pdbx_stereo_config 
_chem_comp_atom.pdbx_ordinal 
ALA N    N  N N 1   
ALA CA   C  N S 2   
ALA C    C  N N 3   
ALA O    O  N N 4   
ALA CB   C  N N 5   
ALA OXT  O  N N 6   
ALA H    H  N N 7   
ALA H2   H  N N 8   
ALA HA   H  N N 9   
ALA HB1  H  N N 10  
ALA HB2  H  N N 11  
ALA HB3  H  N N 12  
ALA HXT  H  N N 13  
ARG N    N  N N 14  
ARG CA   C  N S 15  
ARG C    C  N N 16  
ARG O    O  N N 17  
ARG CB   C  N N 18  
ARG CG   C  N N 19  
ARG CD   C  N N 20  
ARG NE   N  N N 21  
ARG CZ   C  N N 22  
ARG NH1  N  N N 23  
ARG NH2  N  N N 24  
ARG OXT  O  N N 25  
ARG H    H  N N 26  
ARG H2   H  N N 27  
ARG HA   H  N N 28  
ARG HB2  H  N N 29  
ARG HB3  H  N N 30  
ARG HG2  H  N N 31  
ARG HG3  H  N N 32  
ARG HD2  H  N N 33  
ARG HD3  H  N N 34  
ARG HE   H  N N 35  
ARG HH11 H  N N 36  
ARG HH12 H  N N 37  
ARG HH21 H  N N 38  
ARG HH22 H  N N 39  
ARG HXT  H  N N 40  
ASN N    N  N N 41  
ASN CA   C  N S 42  
ASN C    C  N N 43  
ASN O    O  N N 44  
ASN CB   C  N N 45  
ASN CG   C  N N 46  
ASN OD1  O  N N 47  
ASN ND2  N  N N 48  
ASN OXT  O  N N 49  
ASN H    H  N N 50  
ASN H2   H  N N 51  
ASN HA   H  N N 52  
ASN HB2  H  N N 53  
ASN HB3  H  N N 54  
ASN HD21 H  N N 55  
ASN HD22 H  N N 56  
ASN HXT  H  N N 57  
ASP N    N  N N 58  
ASP CA   C  N S 59  
ASP C    C  N N 60  
ASP O    O  N N 61  
ASP CB   C  N N 62  
ASP CG   C  N N 63  
ASP OD1  O  N N 64  
ASP OD2  O  N N 65  
ASP OXT  O  N N 66  
ASP H    H  N N 67  
ASP H2   H  N N 68  
ASP HA   H  N N 69  
ASP HB2  H  N N 70  
ASP HB3  H  N N 71  
ASP HD2  H  N N 72  
ASP HXT  H  N N 73  
CD  CD   CD N N 74  
CYS N    N  N N 75  
CYS CA   C  N R 76  
CYS C    C  N N 77  
CYS O    O  N N 78  
CYS CB   C  N N 79  
CYS SG   S  N N 80  
CYS OXT  O  N N 81  
CYS H    H  N N 82  
CYS H2   H  N N 83  
CYS HA   H  N N 84  
CYS HB2  H  N N 85  
CYS HB3  H  N N 86  
CYS HG   H  N N 87  
CYS HXT  H  N N 88  
GLN N    N  N N 89  
GLN CA   C  N S 90  
GLN C    C  N N 91  
GLN O    O  N N 92  
GLN CB   C  N N 93  
GLN CG   C  N N 94  
GLN CD   C  N N 95  
GLN OE1  O  N N 96  
GLN NE2  N  N N 97  
GLN OXT  O  N N 98  
GLN H    H  N N 99  
GLN H2   H  N N 100 
GLN HA   H  N N 101 
GLN HB2  H  N N 102 
GLN HB3  H  N N 103 
GLN HG2  H  N N 104 
GLN HG3  H  N N 105 
GLN HE21 H  N N 106 
GLN HE22 H  N N 107 
GLN HXT  H  N N 108 
GLU N    N  N N 109 
GLU CA   C  N S 110 
GLU C    C  N N 111 
GLU O    O  N N 112 
GLU CB   C  N N 113 
GLU CG   C  N N 114 
GLU CD   C  N N 115 
GLU OE1  O  N N 116 
GLU OE2  O  N N 117 
GLU OXT  O  N N 118 
GLU H    H  N N 119 
GLU H2   H  N N 120 
GLU HA   H  N N 121 
GLU HB2  H  N N 122 
GLU HB3  H  N N 123 
GLU HG2  H  N N 124 
GLU HG3  H  N N 125 
GLU HE2  H  N N 126 
GLU HXT  H  N N 127 
GLY N    N  N N 128 
GLY CA   C  N N 129 
GLY C    C  N N 130 
GLY O    O  N N 131 
GLY OXT  O  N N 132 
GLY H    H  N N 133 
GLY H2   H  N N 134 
GLY HA2  H  N N 135 
GLY HA3  H  N N 136 
GLY HXT  H  N N 137 
HIS N    N  N N 138 
HIS CA   C  N S 139 
HIS C    C  N N 140 
HIS O    O  N N 141 
HIS CB   C  N N 142 
HIS CG   C  Y N 143 
HIS ND1  N  Y N 144 
HIS CD2  C  Y N 145 
HIS CE1  C  Y N 146 
HIS NE2  N  Y N 147 
HIS OXT  O  N N 148 
HIS H    H  N N 149 
HIS H2   H  N N 150 
HIS HA   H  N N 151 
HIS HB2  H  N N 152 
HIS HB3  H  N N 153 
HIS HD1  H  N N 154 
HIS HD2  H  N N 155 
HIS HE1  H  N N 156 
HIS HE2  H  N N 157 
HIS HXT  H  N N 158 
HOH O    O  N N 159 
HOH H1   H  N N 160 
HOH H2   H  N N 161 
ILE N    N  N N 162 
ILE CA   C  N S 163 
ILE C    C  N N 164 
ILE O    O  N N 165 
ILE CB   C  N S 166 
ILE CG1  C  N N 167 
ILE CG2  C  N N 168 
ILE CD1  C  N N 169 
ILE OXT  O  N N 170 
ILE H    H  N N 171 
ILE H2   H  N N 172 
ILE HA   H  N N 173 
ILE HB   H  N N 174 
ILE HG12 H  N N 175 
ILE HG13 H  N N 176 
ILE HG21 H  N N 177 
ILE HG22 H  N N 178 
ILE HG23 H  N N 179 
ILE HD11 H  N N 180 
ILE HD12 H  N N 181 
ILE HD13 H  N N 182 
ILE HXT  H  N N 183 
LEU N    N  N N 184 
LEU CA   C  N S 185 
LEU C    C  N N 186 
LEU O    O  N N 187 
LEU CB   C  N N 188 
LEU CG   C  N N 189 
LEU CD1  C  N N 190 
LEU CD2  C  N N 191 
LEU OXT  O  N N 192 
LEU H    H  N N 193 
LEU H2   H  N N 194 
LEU HA   H  N N 195 
LEU HB2  H  N N 196 
LEU HB3  H  N N 197 
LEU HG   H  N N 198 
LEU HD11 H  N N 199 
LEU HD12 H  N N 200 
LEU HD13 H  N N 201 
LEU HD21 H  N N 202 
LEU HD22 H  N N 203 
LEU HD23 H  N N 204 
LEU HXT  H  N N 205 
LYS N    N  N N 206 
LYS CA   C  N S 207 
LYS C    C  N N 208 
LYS O    O  N N 209 
LYS CB   C  N N 210 
LYS CG   C  N N 211 
LYS CD   C  N N 212 
LYS CE   C  N N 213 
LYS NZ   N  N N 214 
LYS OXT  O  N N 215 
LYS H    H  N N 216 
LYS H2   H  N N 217 
LYS HA   H  N N 218 
LYS HB2  H  N N 219 
LYS HB3  H  N N 220 
LYS HG2  H  N N 221 
LYS HG3  H  N N 222 
LYS HD2  H  N N 223 
LYS HD3  H  N N 224 
LYS HE2  H  N N 225 
LYS HE3  H  N N 226 
LYS HZ1  H  N N 227 
LYS HZ2  H  N N 228 
LYS HZ3  H  N N 229 
LYS HXT  H  N N 230 
MSE N    N  N N 231 
MSE CA   C  N S 232 
MSE C    C  N N 233 
MSE O    O  N N 234 
MSE OXT  O  N N 235 
MSE CB   C  N N 236 
MSE CG   C  N N 237 
MSE SE   SE N N 238 
MSE CE   C  N N 239 
MSE H    H  N N 240 
MSE H2   H  N N 241 
MSE HA   H  N N 242 
MSE HXT  H  N N 243 
MSE HB2  H  N N 244 
MSE HB3  H  N N 245 
MSE HG2  H  N N 246 
MSE HG3  H  N N 247 
MSE HE1  H  N N 248 
MSE HE2  H  N N 249 
MSE HE3  H  N N 250 
PHE N    N  N N 251 
PHE CA   C  N S 252 
PHE C    C  N N 253 
PHE O    O  N N 254 
PHE CB   C  N N 255 
PHE CG   C  Y N 256 
PHE CD1  C  Y N 257 
PHE CD2  C  Y N 258 
PHE CE1  C  Y N 259 
PHE CE2  C  Y N 260 
PHE CZ   C  Y N 261 
PHE OXT  O  N N 262 
PHE H    H  N N 263 
PHE H2   H  N N 264 
PHE HA   H  N N 265 
PHE HB2  H  N N 266 
PHE HB3  H  N N 267 
PHE HD1  H  N N 268 
PHE HD2  H  N N 269 
PHE HE1  H  N N 270 
PHE HE2  H  N N 271 
PHE HZ   H  N N 272 
PHE HXT  H  N N 273 
PRO N    N  N N 274 
PRO CA   C  N S 275 
PRO C    C  N N 276 
PRO O    O  N N 277 
PRO CB   C  N N 278 
PRO CG   C  N N 279 
PRO CD   C  N N 280 
PRO OXT  O  N N 281 
PRO H    H  N N 282 
PRO HA   H  N N 283 
PRO HB2  H  N N 284 
PRO HB3  H  N N 285 
PRO HG2  H  N N 286 
PRO HG3  H  N N 287 
PRO HD2  H  N N 288 
PRO HD3  H  N N 289 
PRO HXT  H  N N 290 
SER N    N  N N 291 
SER CA   C  N S 292 
SER C    C  N N 293 
SER O    O  N N 294 
SER CB   C  N N 295 
SER OG   O  N N 296 
SER OXT  O  N N 297 
SER H    H  N N 298 
SER H2   H  N N 299 
SER HA   H  N N 300 
SER HB2  H  N N 301 
SER HB3  H  N N 302 
SER HG   H  N N 303 
SER HXT  H  N N 304 
THR N    N  N N 305 
THR CA   C  N S 306 
THR C    C  N N 307 
THR O    O  N N 308 
THR CB   C  N R 309 
THR OG1  O  N N 310 
THR CG2  C  N N 311 
THR OXT  O  N N 312 
THR H    H  N N 313 
THR H2   H  N N 314 
THR HA   H  N N 315 
THR HB   H  N N 316 
THR HG1  H  N N 317 
THR HG21 H  N N 318 
THR HG22 H  N N 319 
THR HG23 H  N N 320 
THR HXT  H  N N 321 
TRP N    N  N N 322 
TRP CA   C  N S 323 
TRP C    C  N N 324 
TRP O    O  N N 325 
TRP CB   C  N N 326 
TRP CG   C  Y N 327 
TRP CD1  C  Y N 328 
TRP CD2  C  Y N 329 
TRP NE1  N  Y N 330 
TRP CE2  C  Y N 331 
TRP CE3  C  Y N 332 
TRP CZ2  C  Y N 333 
TRP CZ3  C  Y N 334 
TRP CH2  C  Y N 335 
TRP OXT  O  N N 336 
TRP H    H  N N 337 
TRP H2   H  N N 338 
TRP HA   H  N N 339 
TRP HB2  H  N N 340 
TRP HB3  H  N N 341 
TRP HD1  H  N N 342 
TRP HE1  H  N N 343 
TRP HE3  H  N N 344 
TRP HZ2  H  N N 345 
TRP HZ3  H  N N 346 
TRP HH2  H  N N 347 
TRP HXT  H  N N 348 
TYR N    N  N N 349 
TYR CA   C  N S 350 
TYR C    C  N N 351 
TYR O    O  N N 352 
TYR CB   C  N N 353 
TYR CG   C  Y N 354 
TYR CD1  C  Y N 355 
TYR CD2  C  Y N 356 
TYR CE1  C  Y N 357 
TYR CE2  C  Y N 358 
TYR CZ   C  Y N 359 
TYR OH   O  N N 360 
TYR OXT  O  N N 361 
TYR H    H  N N 362 
TYR H2   H  N N 363 
TYR HA   H  N N 364 
TYR HB2  H  N N 365 
TYR HB3  H  N N 366 
TYR HD1  H  N N 367 
TYR HD2  H  N N 368 
TYR HE1  H  N N 369 
TYR HE2  H  N N 370 
TYR HH   H  N N 371 
TYR HXT  H  N N 372 
VAL N    N  N N 373 
VAL CA   C  N S 374 
VAL C    C  N N 375 
VAL O    O  N N 376 
VAL CB   C  N N 377 
VAL CG1  C  N N 378 
VAL CG2  C  N N 379 
VAL OXT  O  N N 380 
VAL H    H  N N 381 
VAL H2   H  N N 382 
VAL HA   H  N N 383 
VAL HB   H  N N 384 
VAL HG11 H  N N 385 
VAL HG12 H  N N 386 
VAL HG13 H  N N 387 
VAL HG21 H  N N 388 
VAL HG22 H  N N 389 
VAL HG23 H  N N 390 
VAL HXT  H  N N 391 
# 
loop_
_chem_comp_bond.comp_id 
_chem_comp_bond.atom_id_1 
_chem_comp_bond.atom_id_2 
_chem_comp_bond.value_order 
_chem_comp_bond.pdbx_aromatic_flag 
_chem_comp_bond.pdbx_stereo_config 
_chem_comp_bond.pdbx_ordinal 
ALA N   CA   sing N N 1   
ALA N   H    sing N N 2   
ALA N   H2   sing N N 3   
ALA CA  C    sing N N 4   
ALA CA  CB   sing N N 5   
ALA CA  HA   sing N N 6   
ALA C   O    doub N N 7   
ALA C   OXT  sing N N 8   
ALA CB  HB1  sing N N 9   
ALA CB  HB2  sing N N 10  
ALA CB  HB3  sing N N 11  
ALA OXT HXT  sing N N 12  
ARG N   CA   sing N N 13  
ARG N   H    sing N N 14  
ARG N   H2   sing N N 15  
ARG CA  C    sing N N 16  
ARG CA  CB   sing N N 17  
ARG CA  HA   sing N N 18  
ARG C   O    doub N N 19  
ARG C   OXT  sing N N 20  
ARG CB  CG   sing N N 21  
ARG CB  HB2  sing N N 22  
ARG CB  HB3  sing N N 23  
ARG CG  CD   sing N N 24  
ARG CG  HG2  sing N N 25  
ARG CG  HG3  sing N N 26  
ARG CD  NE   sing N N 27  
ARG CD  HD2  sing N N 28  
ARG CD  HD3  sing N N 29  
ARG NE  CZ   sing N N 30  
ARG NE  HE   sing N N 31  
ARG CZ  NH1  sing N N 32  
ARG CZ  NH2  doub N N 33  
ARG NH1 HH11 sing N N 34  
ARG NH1 HH12 sing N N 35  
ARG NH2 HH21 sing N N 36  
ARG NH2 HH22 sing N N 37  
ARG OXT HXT  sing N N 38  
ASN N   CA   sing N N 39  
ASN N   H    sing N N 40  
ASN N   H2   sing N N 41  
ASN CA  C    sing N N 42  
ASN CA  CB   sing N N 43  
ASN CA  HA   sing N N 44  
ASN C   O    doub N N 45  
ASN C   OXT  sing N N 46  
ASN CB  CG   sing N N 47  
ASN CB  HB2  sing N N 48  
ASN CB  HB3  sing N N 49  
ASN CG  OD1  doub N N 50  
ASN CG  ND2  sing N N 51  
ASN ND2 HD21 sing N N 52  
ASN ND2 HD22 sing N N 53  
ASN OXT HXT  sing N N 54  
ASP N   CA   sing N N 55  
ASP N   H    sing N N 56  
ASP N   H2   sing N N 57  
ASP CA  C    sing N N 58  
ASP CA  CB   sing N N 59  
ASP CA  HA   sing N N 60  
ASP C   O    doub N N 61  
ASP C   OXT  sing N N 62  
ASP CB  CG   sing N N 63  
ASP CB  HB2  sing N N 64  
ASP CB  HB3  sing N N 65  
ASP CG  OD1  doub N N 66  
ASP CG  OD2  sing N N 67  
ASP OD2 HD2  sing N N 68  
ASP OXT HXT  sing N N 69  
CYS N   CA   sing N N 70  
CYS N   H    sing N N 71  
CYS N   H2   sing N N 72  
CYS CA  C    sing N N 73  
CYS CA  CB   sing N N 74  
CYS CA  HA   sing N N 75  
CYS C   O    doub N N 76  
CYS C   OXT  sing N N 77  
CYS CB  SG   sing N N 78  
CYS CB  HB2  sing N N 79  
CYS CB  HB3  sing N N 80  
CYS SG  HG   sing N N 81  
CYS OXT HXT  sing N N 82  
GLN N   CA   sing N N 83  
GLN N   H    sing N N 84  
GLN N   H2   sing N N 85  
GLN CA  C    sing N N 86  
GLN CA  CB   sing N N 87  
GLN CA  HA   sing N N 88  
GLN C   O    doub N N 89  
GLN C   OXT  sing N N 90  
GLN CB  CG   sing N N 91  
GLN CB  HB2  sing N N 92  
GLN CB  HB3  sing N N 93  
GLN CG  CD   sing N N 94  
GLN CG  HG2  sing N N 95  
GLN CG  HG3  sing N N 96  
GLN CD  OE1  doub N N 97  
GLN CD  NE2  sing N N 98  
GLN NE2 HE21 sing N N 99  
GLN NE2 HE22 sing N N 100 
GLN OXT HXT  sing N N 101 
GLU N   CA   sing N N 102 
GLU N   H    sing N N 103 
GLU N   H2   sing N N 104 
GLU CA  C    sing N N 105 
GLU CA  CB   sing N N 106 
GLU CA  HA   sing N N 107 
GLU C   O    doub N N 108 
GLU C   OXT  sing N N 109 
GLU CB  CG   sing N N 110 
GLU CB  HB2  sing N N 111 
GLU CB  HB3  sing N N 112 
GLU CG  CD   sing N N 113 
GLU CG  HG2  sing N N 114 
GLU CG  HG3  sing N N 115 
GLU CD  OE1  doub N N 116 
GLU CD  OE2  sing N N 117 
GLU OE2 HE2  sing N N 118 
GLU OXT HXT  sing N N 119 
GLY N   CA   sing N N 120 
GLY N   H    sing N N 121 
GLY N   H2   sing N N 122 
GLY CA  C    sing N N 123 
GLY CA  HA2  sing N N 124 
GLY CA  HA3  sing N N 125 
GLY C   O    doub N N 126 
GLY C   OXT  sing N N 127 
GLY OXT HXT  sing N N 128 
HIS N   CA   sing N N 129 
HIS N   H    sing N N 130 
HIS N   H2   sing N N 131 
HIS CA  C    sing N N 132 
HIS CA  CB   sing N N 133 
HIS CA  HA   sing N N 134 
HIS C   O    doub N N 135 
HIS C   OXT  sing N N 136 
HIS CB  CG   sing N N 137 
HIS CB  HB2  sing N N 138 
HIS CB  HB3  sing N N 139 
HIS CG  ND1  sing Y N 140 
HIS CG  CD2  doub Y N 141 
HIS ND1 CE1  doub Y N 142 
HIS ND1 HD1  sing N N 143 
HIS CD2 NE2  sing Y N 144 
HIS CD2 HD2  sing N N 145 
HIS CE1 NE2  sing Y N 146 
HIS CE1 HE1  sing N N 147 
HIS NE2 HE2  sing N N 148 
HIS OXT HXT  sing N N 149 
HOH O   H1   sing N N 150 
HOH O   H2   sing N N 151 
ILE N   CA   sing N N 152 
ILE N   H    sing N N 153 
ILE N   H2   sing N N 154 
ILE CA  C    sing N N 155 
ILE CA  CB   sing N N 156 
ILE CA  HA   sing N N 157 
ILE C   O    doub N N 158 
ILE C   OXT  sing N N 159 
ILE CB  CG1  sing N N 160 
ILE CB  CG2  sing N N 161 
ILE CB  HB   sing N N 162 
ILE CG1 CD1  sing N N 163 
ILE CG1 HG12 sing N N 164 
ILE CG1 HG13 sing N N 165 
ILE CG2 HG21 sing N N 166 
ILE CG2 HG22 sing N N 167 
ILE CG2 HG23 sing N N 168 
ILE CD1 HD11 sing N N 169 
ILE CD1 HD12 sing N N 170 
ILE CD1 HD13 sing N N 171 
ILE OXT HXT  sing N N 172 
LEU N   CA   sing N N 173 
LEU N   H    sing N N 174 
LEU N   H2   sing N N 175 
LEU CA  C    sing N N 176 
LEU CA  CB   sing N N 177 
LEU CA  HA   sing N N 178 
LEU C   O    doub N N 179 
LEU C   OXT  sing N N 180 
LEU CB  CG   sing N N 181 
LEU CB  HB2  sing N N 182 
LEU CB  HB3  sing N N 183 
LEU CG  CD1  sing N N 184 
LEU CG  CD2  sing N N 185 
LEU CG  HG   sing N N 186 
LEU CD1 HD11 sing N N 187 
LEU CD1 HD12 sing N N 188 
LEU CD1 HD13 sing N N 189 
LEU CD2 HD21 sing N N 190 
LEU CD2 HD22 sing N N 191 
LEU CD2 HD23 sing N N 192 
LEU OXT HXT  sing N N 193 
LYS N   CA   sing N N 194 
LYS N   H    sing N N 195 
LYS N   H2   sing N N 196 
LYS CA  C    sing N N 197 
LYS CA  CB   sing N N 198 
LYS CA  HA   sing N N 199 
LYS C   O    doub N N 200 
LYS C   OXT  sing N N 201 
LYS CB  CG   sing N N 202 
LYS CB  HB2  sing N N 203 
LYS CB  HB3  sing N N 204 
LYS CG  CD   sing N N 205 
LYS CG  HG2  sing N N 206 
LYS CG  HG3  sing N N 207 
LYS CD  CE   sing N N 208 
LYS CD  HD2  sing N N 209 
LYS CD  HD3  sing N N 210 
LYS CE  NZ   sing N N 211 
LYS CE  HE2  sing N N 212 
LYS CE  HE3  sing N N 213 
LYS NZ  HZ1  sing N N 214 
LYS NZ  HZ2  sing N N 215 
LYS NZ  HZ3  sing N N 216 
LYS OXT HXT  sing N N 217 
MSE N   CA   sing N N 218 
MSE N   H    sing N N 219 
MSE N   H2   sing N N 220 
MSE CA  C    sing N N 221 
MSE CA  CB   sing N N 222 
MSE CA  HA   sing N N 223 
MSE C   O    doub N N 224 
MSE C   OXT  sing N N 225 
MSE OXT HXT  sing N N 226 
MSE CB  CG   sing N N 227 
MSE CB  HB2  sing N N 228 
MSE CB  HB3  sing N N 229 
MSE CG  SE   sing N N 230 
MSE CG  HG2  sing N N 231 
MSE CG  HG3  sing N N 232 
MSE SE  CE   sing N N 233 
MSE CE  HE1  sing N N 234 
MSE CE  HE2  sing N N 235 
MSE CE  HE3  sing N N 236 
PHE N   CA   sing N N 237 
PHE N   H    sing N N 238 
PHE N   H2   sing N N 239 
PHE CA  C    sing N N 240 
PHE CA  CB   sing N N 241 
PHE CA  HA   sing N N 242 
PHE C   O    doub N N 243 
PHE C   OXT  sing N N 244 
PHE CB  CG   sing N N 245 
PHE CB  HB2  sing N N 246 
PHE CB  HB3  sing N N 247 
PHE CG  CD1  doub Y N 248 
PHE CG  CD2  sing Y N 249 
PHE CD1 CE1  sing Y N 250 
PHE CD1 HD1  sing N N 251 
PHE CD2 CE2  doub Y N 252 
PHE CD2 HD2  sing N N 253 
PHE CE1 CZ   doub Y N 254 
PHE CE1 HE1  sing N N 255 
PHE CE2 CZ   sing Y N 256 
PHE CE2 HE2  sing N N 257 
PHE CZ  HZ   sing N N 258 
PHE OXT HXT  sing N N 259 
PRO N   CA   sing N N 260 
PRO N   CD   sing N N 261 
PRO N   H    sing N N 262 
PRO CA  C    sing N N 263 
PRO CA  CB   sing N N 264 
PRO CA  HA   sing N N 265 
PRO C   O    doub N N 266 
PRO C   OXT  sing N N 267 
PRO CB  CG   sing N N 268 
PRO CB  HB2  sing N N 269 
PRO CB  HB3  sing N N 270 
PRO CG  CD   sing N N 271 
PRO CG  HG2  sing N N 272 
PRO CG  HG3  sing N N 273 
PRO CD  HD2  sing N N 274 
PRO CD  HD3  sing N N 275 
PRO OXT HXT  sing N N 276 
SER N   CA   sing N N 277 
SER N   H    sing N N 278 
SER N   H2   sing N N 279 
SER CA  C    sing N N 280 
SER CA  CB   sing N N 281 
SER CA  HA   sing N N 282 
SER C   O    doub N N 283 
SER C   OXT  sing N N 284 
SER CB  OG   sing N N 285 
SER CB  HB2  sing N N 286 
SER CB  HB3  sing N N 287 
SER OG  HG   sing N N 288 
SER OXT HXT  sing N N 289 
THR N   CA   sing N N 290 
THR N   H    sing N N 291 
THR N   H2   sing N N 292 
THR CA  C    sing N N 293 
THR CA  CB   sing N N 294 
THR CA  HA   sing N N 295 
THR C   O    doub N N 296 
THR C   OXT  sing N N 297 
THR CB  OG1  sing N N 298 
THR CB  CG2  sing N N 299 
THR CB  HB   sing N N 300 
THR OG1 HG1  sing N N 301 
THR CG2 HG21 sing N N 302 
THR CG2 HG22 sing N N 303 
THR CG2 HG23 sing N N 304 
THR OXT HXT  sing N N 305 
TRP N   CA   sing N N 306 
TRP N   H    sing N N 307 
TRP N   H2   sing N N 308 
TRP CA  C    sing N N 309 
TRP CA  CB   sing N N 310 
TRP CA  HA   sing N N 311 
TRP C   O    doub N N 312 
TRP C   OXT  sing N N 313 
TRP CB  CG   sing N N 314 
TRP CB  HB2  sing N N 315 
TRP CB  HB3  sing N N 316 
TRP CG  CD1  doub Y N 317 
TRP CG  CD2  sing Y N 318 
TRP CD1 NE1  sing Y N 319 
TRP CD1 HD1  sing N N 320 
TRP CD2 CE2  doub Y N 321 
TRP CD2 CE3  sing Y N 322 
TRP NE1 CE2  sing Y N 323 
TRP NE1 HE1  sing N N 324 
TRP CE2 CZ2  sing Y N 325 
TRP CE3 CZ3  doub Y N 326 
TRP CE3 HE3  sing N N 327 
TRP CZ2 CH2  doub Y N 328 
TRP CZ2 HZ2  sing N N 329 
TRP CZ3 CH2  sing Y N 330 
TRP CZ3 HZ3  sing N N 331 
TRP CH2 HH2  sing N N 332 
TRP OXT HXT  sing N N 333 
TYR N   CA   sing N N 334 
TYR N   H    sing N N 335 
TYR N   H2   sing N N 336 
TYR CA  C    sing N N 337 
TYR CA  CB   sing N N 338 
TYR CA  HA   sing N N 339 
TYR C   O    doub N N 340 
TYR C   OXT  sing N N 341 
TYR CB  CG   sing N N 342 
TYR CB  HB2  sing N N 343 
TYR CB  HB3  sing N N 344 
TYR CG  CD1  doub Y N 345 
TYR CG  CD2  sing Y N 346 
TYR CD1 CE1  sing Y N 347 
TYR CD1 HD1  sing N N 348 
TYR CD2 CE2  doub Y N 349 
TYR CD2 HD2  sing N N 350 
TYR CE1 CZ   doub Y N 351 
TYR CE1 HE1  sing N N 352 
TYR CE2 CZ   sing Y N 353 
TYR CE2 HE2  sing N N 354 
TYR CZ  OH   sing N N 355 
TYR OH  HH   sing N N 356 
TYR OXT HXT  sing N N 357 
VAL N   CA   sing N N 358 
VAL N   H    sing N N 359 
VAL N   H2   sing N N 360 
VAL CA  C    sing N N 361 
VAL CA  CB   sing N N 362 
VAL CA  HA   sing N N 363 
VAL C   O    doub N N 364 
VAL C   OXT  sing N N 365 
VAL CB  CG1  sing N N 366 
VAL CB  CG2  sing N N 367 
VAL CB  HB   sing N N 368 
VAL CG1 HG11 sing N N 369 
VAL CG1 HG12 sing N N 370 
VAL CG1 HG13 sing N N 371 
VAL CG2 HG21 sing N N 372 
VAL CG2 HG22 sing N N 373 
VAL CG2 HG23 sing N N 374 
VAL OXT HXT  sing N N 375 
# 
_atom_sites.entry_id                    5WUF 
_atom_sites.fract_transf_matrix[1][1]   -0.01061329 
_atom_sites.fract_transf_matrix[1][2]   0.00234966 
_atom_sites.fract_transf_matrix[1][3]   0.00646080 
_atom_sites.fract_transf_matrix[2][1]   -0.00496886 
_atom_sites.fract_transf_matrix[2][2]   0.01162891 
_atom_sites.fract_transf_matrix[2][3]   -0.00001536 
_atom_sites.fract_transf_matrix[3][1]   -0.00214725 
_atom_sites.fract_transf_matrix[3][2]   -0.00092170 
_atom_sites.fract_transf_matrix[3][3]   -0.00319213 
_atom_sites.fract_transf_vector[1]      0.967081 
_atom_sites.fract_transf_vector[2]      0.803099 
_atom_sites.fract_transf_vector[3]      0.088732 
# 
loop_
_atom_type.symbol 
C  
CD 
N  
O  
S  
SE 
# 
loop_
_atom_site.group_PDB 
_atom_site.id 
_atom_site.type_symbol 
_atom_site.label_atom_id 
_atom_site.label_alt_id 
_atom_site.label_comp_id 
_atom_site.label_asym_id 
_atom_site.label_entity_id 
_atom_site.label_seq_id 
_atom_site.pdbx_PDB_ins_code 
_atom_site.Cartn_x 
_atom_site.Cartn_y 
_atom_site.Cartn_z 
_atom_site.occupancy 
_atom_site.B_iso_or_equiv 
_atom_site.pdbx_formal_charge 
_atom_site.auth_seq_id 
_atom_site.auth_comp_id 
_atom_site.auth_asym_id 
_atom_site.auth_atom_id 
_atom_site.pdbx_PDB_model_num 
ATOM   1    N  N   . PHE A 1 4   ? -9.552  -13.833 -7.155  1.00 128.02 ? 4   PHE A N   1 
ATOM   2    C  CA  . PHE A 1 4   ? -8.179  -13.647 -6.707  1.00 110.94 ? 4   PHE A CA  1 
ATOM   3    C  C   . PHE A 1 4   ? -7.870  -12.166 -6.587  1.00 111.77 ? 4   PHE A C   1 
ATOM   4    O  O   . PHE A 1 4   ? -7.473  -11.687 -5.531  1.00 104.62 ? 4   PHE A O   1 
ATOM   5    C  CB  . PHE A 1 4   ? -7.203  -14.303 -7.681  1.00 50.00  ? 4   PHE A CB  1 
ATOM   6    C  CG  . PHE A 1 4   ? -5.776  -14.288 -7.214  1.00 50.00  ? 4   PHE A CG  1 
ATOM   7    C  CD1 . PHE A 1 4   ? -5.423  -14.850 -6.002  1.00 50.00  ? 4   PHE A CD1 1 
ATOM   8    C  CD2 . PHE A 1 4   ? -4.786  -13.715 -7.991  1.00 50.00  ? 4   PHE A CD2 1 
ATOM   9    C  CE1 . PHE A 1 4   ? -4.110  -14.841 -5.570  1.00 50.00  ? 4   PHE A CE1 1 
ATOM   10   C  CE2 . PHE A 1 4   ? -3.471  -13.703 -7.566  1.00 50.00  ? 4   PHE A CE2 1 
ATOM   11   C  CZ  . PHE A 1 4   ? -3.132  -14.267 -6.353  1.00 50.00  ? 4   PHE A CZ  1 
ATOM   12   N  N   . LEU A 1 5   ? -8.048  -11.444 -7.684  1.00 107.66 ? 5   LEU A N   1 
ATOM   13   C  CA  . LEU A 1 5   ? -7.802  -10.017 -7.689  1.00 83.21  ? 5   LEU A CA  1 
ATOM   14   C  C   . LEU A 1 5   ? -8.751  -9.352  -6.711  1.00 97.36  ? 5   LEU A C   1 
ATOM   15   O  O   . LEU A 1 5   ? -8.376  -8.416  -6.017  1.00 94.33  ? 5   LEU A O   1 
ATOM   16   C  CB  . LEU A 1 5   ? -8.009  -9.445  -9.086  1.00 87.39  ? 5   LEU A CB  1 
ATOM   17   C  CG  . LEU A 1 5   ? -6.783  -9.385  -9.992  1.00 82.17  ? 5   LEU A CG  1 
ATOM   18   C  CD1 . LEU A 1 5   ? -6.967  -8.319  -11.055 1.00 58.80  ? 5   LEU A CD1 1 
ATOM   19   C  CD2 . LEU A 1 5   ? -5.529  -9.124  -9.179  1.00 72.45  ? 5   LEU A CD2 1 
ATOM   20   N  N   . PHE A 1 6   ? -9.986  -9.841  -6.654  1.00 101.96 ? 6   PHE A N   1 
ATOM   21   C  CA  . PHE A 1 6   ? -10.965 -9.266  -5.738  1.00 102.18 ? 6   PHE A CA  1 
ATOM   22   C  C   . PHE A 1 6   ? -10.492 -9.355  -4.291  1.00 98.21  ? 6   PHE A C   1 
ATOM   23   O  O   . PHE A 1 6   ? -10.745 -8.447  -3.491  1.00 90.76  ? 6   PHE A O   1 
ATOM   24   C  CB  . PHE A 1 6   ? -12.310 -9.973  -5.924  1.00 93.20  ? 6   PHE A CB  1 
ATOM   25   C  CG  . PHE A 1 6   ? -13.316 -9.676  -4.852  1.00 90.21  ? 6   PHE A CG  1 
ATOM   26   C  CD1 . PHE A 1 6   ? -14.019 -8.483  -4.850  1.00 85.54  ? 6   PHE A CD1 1 
ATOM   27   C  CD2 . PHE A 1 6   ? -13.578 -10.604 -3.856  1.00 98.67  ? 6   PHE A CD2 1 
ATOM   28   C  CE1 . PHE A 1 6   ? -14.954 -8.214  -3.867  1.00 90.77  ? 6   PHE A CE1 1 
ATOM   29   C  CE2 . PHE A 1 6   ? -14.510 -10.343 -2.872  1.00 98.67  ? 6   PHE A CE2 1 
ATOM   30   C  CZ  . PHE A 1 6   ? -15.202 -9.147  -2.879  1.00 96.88  ? 6   PHE A CZ  1 
ATOM   31   N  N   . TYR A 1 7   ? -9.792  -10.436 -3.938  1.00 81.47  ? 7   TYR A N   1 
ATOM   32   C  CA  . TYR A 1 7   ? -9.336  -10.605 -2.564  1.00 94.46  ? 7   TYR A CA  1 
ATOM   33   C  C   . TYR A 1 7   ? -8.040  -9.851  -2.288  1.00 93.05  ? 7   TYR A C   1 
ATOM   34   O  O   . TYR A 1 7   ? -7.817  -9.410  -1.155  1.00 81.24  ? 7   TYR A O   1 
ATOM   35   C  CB  . TYR A 1 7   ? -9.161  -12.091 -2.246  1.00 93.11  ? 7   TYR A CB  1 
ATOM   36   C  CG  . TYR A 1 7   ? -10.460 -12.866 -2.191  1.00 100.13 ? 7   TYR A CG  1 
ATOM   37   C  CD1 . TYR A 1 7   ? -10.908 -13.589 -3.290  1.00 105.61 ? 7   TYR A CD1 1 
ATOM   38   C  CD2 . TYR A 1 7   ? -11.241 -12.872 -1.042  1.00 107.32 ? 7   TYR A CD2 1 
ATOM   39   C  CE1 . TYR A 1 7   ? -12.094 -14.298 -3.245  1.00 105.75 ? 7   TYR A CE1 1 
ATOM   40   C  CE2 . TYR A 1 7   ? -12.429 -13.579 -0.988  1.00 108.94 ? 7   TYR A CE2 1 
ATOM   41   C  CZ  . TYR A 1 7   ? -12.850 -14.289 -2.092  1.00 111.89 ? 7   TYR A CZ  1 
ATOM   42   O  OH  . TYR A 1 7   ? -14.032 -14.993 -2.042  1.00 118.93 ? 7   TYR A OH  1 
ATOM   43   N  N   . LEU A 1 8   ? -7.177  -9.695  -3.296  1.00 98.97  ? 8   LEU A N   1 
ATOM   44   C  CA  . LEU A 1 8   ? -5.939  -8.948  -3.093  1.00 88.31  ? 8   LEU A CA  1 
ATOM   45   C  C   . LEU A 1 8   ? -6.196  -7.453  -2.948  1.00 84.76  ? 8   LEU A C   1 
ATOM   46   O  O   . LEU A 1 8   ? -5.497  -6.778  -2.184  1.00 84.56  ? 8   LEU A O   1 
ATOM   47   C  CB  . LEU A 1 8   ? -4.967  -9.203  -4.246  1.00 81.88  ? 8   LEU A CB  1 
ATOM   48   C  CG  . LEU A 1 8   ? -4.326  -10.589 -4.310  1.00 87.07  ? 8   LEU A CG  1 
ATOM   49   C  CD1 . LEU A 1 8   ? -3.336  -10.668 -5.461  1.00 84.06  ? 8   LEU A CD1 1 
ATOM   50   C  CD2 . LEU A 1 8   ? -3.649  -10.923 -2.993  1.00 78.61  ? 8   LEU A CD2 1 
ATOM   51   N  N   . ASP A 1 9   ? -7.185  -6.919  -3.670  1.00 86.68  ? 9   ASP A N   1 
ATOM   52   C  CA  . ASP A 1 9   ? -7.514  -5.505  -3.530  1.00 83.91  ? 9   ASP A CA  1 
ATOM   53   C  C   . ASP A 1 9   ? -8.074  -5.200  -2.148  1.00 79.02  ? 9   ASP A C   1 
ATOM   54   O  O   . ASP A 1 9   ? -7.686  -4.207  -1.522  1.00 72.87  ? 9   ASP A O   1 
ATOM   55   C  CB  . ASP A 1 9   ? -8.503  -5.082  -4.615  1.00 87.52  ? 9   ASP A CB  1 
ATOM   56   C  CG  . ASP A 1 9   ? -7.825  -4.777  -5.932  1.00 99.13  ? 9   ASP A CG  1 
ATOM   57   O  OD1 . ASP A 1 9   ? -6.698  -4.237  -5.908  1.00 105.63 ? 9   ASP A OD1 1 
ATOM   58   O  OD2 . ASP A 1 9   ? -8.416  -5.077  -6.990  1.00 117.00 ? 9   ASP A OD2 1 
ATOM   59   N  N   . ILE A 1 10  ? -8.989  -6.040  -1.656  1.00 76.16  ? 10  ILE A N   1 
ATOM   60   C  CA  . ILE A 1 10  ? -9.555  -5.818  -0.329  1.00 80.91  ? 10  ILE A CA  1 
ATOM   61   C  C   . ILE A 1 10  ? -8.471  -5.916  0.736   1.00 76.20  ? 10  ILE A C   1 
ATOM   62   O  O   . ILE A 1 10  ? -8.409  -5.093  1.659   1.00 74.80  ? 10  ILE A O   1 
ATOM   63   C  CB  . ILE A 1 10  ? -10.703 -6.808  -0.063  1.00 70.60  ? 10  ILE A CB  1 
ATOM   64   C  CG1 . ILE A 1 10  ? -11.864 -6.545  -1.022  1.00 83.24  ? 10  ILE A CG1 1 
ATOM   65   C  CG2 . ILE A 1 10  ? -11.171 -6.711  1.383   1.00 68.66  ? 10  ILE A CG2 1 
ATOM   66   C  CD1 . ILE A 1 10  ? -13.072 -7.409  -0.762  1.00 84.27  ? 10  ILE A CD1 1 
ATOM   67   N  N   . PHE A 1 11  ? -7.592  -6.913  0.619   1.00 75.30  ? 11  PHE A N   1 
ATOM   68   C  CA  . PHE A 1 11  ? -6.552  -7.097  1.625   1.00 76.38  ? 11  PHE A CA  1 
ATOM   69   C  C   . PHE A 1 11  ? -5.590  -5.916  1.647   1.00 68.22  ? 11  PHE A C   1 
ATOM   70   O  O   . PHE A 1 11  ? -5.191  -5.451  2.721   1.00 70.59  ? 11  PHE A O   1 
ATOM   71   C  CB  . PHE A 1 11  ? -5.807  -8.407  1.372   1.00 73.83  ? 11  PHE A CB  1 
ATOM   72   C  CG  . PHE A 1 11  ? -4.783  -8.734  2.421   1.00 79.15  ? 11  PHE A CG  1 
ATOM   73   C  CD1 . PHE A 1 11  ? -5.164  -8.973  3.731   1.00 81.05  ? 11  PHE A CD1 1 
ATOM   74   C  CD2 . PHE A 1 11  ? -3.440  -8.810  2.095   1.00 82.78  ? 11  PHE A CD2 1 
ATOM   75   C  CE1 . PHE A 1 11  ? -4.223  -9.273  4.697   1.00 87.37  ? 11  PHE A CE1 1 
ATOM   76   C  CE2 . PHE A 1 11  ? -2.495  -9.110  3.055   1.00 88.72  ? 11  PHE A CE2 1 
ATOM   77   C  CZ  . PHE A 1 11  ? -2.885  -9.343  4.358   1.00 86.43  ? 11  PHE A CZ  1 
ATOM   78   N  N   . GLY A 1 12  ? -5.213  -5.409  0.471   1.00 77.23  ? 12  GLY A N   1 
ATOM   79   C  CA  . GLY A 1 12  ? -4.372  -4.225  0.423   1.00 61.39  ? 12  GLY A CA  1 
ATOM   80   C  C   . GLY A 1 12  ? -5.054  -2.987  0.969   1.00 74.61  ? 12  GLY A C   1 
ATOM   81   O  O   . GLY A 1 12  ? -4.396  -2.112  1.542   1.00 68.54  ? 12  GLY A O   1 
ATOM   82   N  N   . VAL A 1 13  ? -6.374  -2.897  0.810   1.00 66.76  ? 13  VAL A N   1 
ATOM   83   C  CA  . VAL A 1 13  ? -7.116  -1.761  1.347   1.00 69.83  ? 13  VAL A CA  1 
ATOM   84   C  C   . VAL A 1 13  ? -7.240  -1.864  2.864   1.00 67.59  ? 13  VAL A C   1 
ATOM   85   O  O   . VAL A 1 13  ? -7.046  -0.875  3.579   1.00 63.98  ? 13  VAL A O   1 
ATOM   86   C  CB  . VAL A 1 13  ? -8.490  -1.658  0.659   1.00 69.64  ? 13  VAL A CB  1 
ATOM   87   C  CG1 . VAL A 1 13  ? -9.413  -0.744  1.439   1.00 56.76  ? 13  VAL A CG1 1 
ATOM   88   C  CG2 . VAL A 1 13  ? -8.328  -1.151  -0.767  1.00 58.74  ? 13  VAL A CG2 1 
ATOM   89   N  N   . ILE A 1 14  ? -7.566  -3.055  3.378   1.00 70.98  ? 14  ILE A N   1 
ATOM   90   C  CA  . ILE A 1 14  ? -7.617  -3.256  4.827   1.00 77.14  ? 14  ILE A CA  1 
ATOM   91   C  C   . ILE A 1 14  ? -6.267  -2.937  5.451   1.00 76.05  ? 14  ILE A C   1 
ATOM   92   O  O   . ILE A 1 14  ? -6.181  -2.294  6.506   1.00 70.94  ? 14  ILE A O   1 
ATOM   93   C  CB  . ILE A 1 14  ? -8.052  -4.696  5.159   1.00 74.23  ? 14  ILE A CB  1 
ATOM   94   C  CG1 . ILE A 1 14  ? -9.484  -4.955  4.698   1.00 67.98  ? 14  ILE A CG1 1 
ATOM   95   C  CG2 . ILE A 1 14  ? -7.912  -4.972  6.653   1.00 70.75  ? 14  ILE A CG2 1 
ATOM   96   C  CD1 . ILE A 1 14  ? -9.939  -6.383  4.908   1.00 77.51  ? 14  ILE A CD1 1 
ATOM   97   N  N   . VAL A 1 15  ? -5.192  -3.368  4.795   1.00 73.86  ? 15  VAL A N   1 
ATOM   98   C  CA  . VAL A 1 15  ? -3.855  -3.224  5.355   1.00 64.80  ? 15  VAL A CA  1 
ATOM   99   C  C   . VAL A 1 15  ? -3.452  -1.753  5.418   1.00 71.20  ? 15  VAL A C   1 
ATOM   100  O  O   . VAL A 1 15  ? -2.952  -1.274  6.444   1.00 67.84  ? 15  VAL A O   1 
ATOM   101  C  CB  . VAL A 1 15  ? -2.862  -4.067  4.537   1.00 73.86  ? 15  VAL A CB  1 
ATOM   102  C  CG1 . VAL A 1 15  ? -1.495  -3.470  4.586   1.00 81.61  ? 15  VAL A CG1 1 
ATOM   103  C  CG2 . VAL A 1 15  ? -2.837  -5.501  5.057   1.00 80.45  ? 15  VAL A CG2 1 
ATOM   104  N  N   . PHE A 1 16  ? -3.669  -1.010  4.327   1.00 75.32  ? 16  PHE A N   1 
ATOM   105  C  CA  . PHE A 1 16  ? -3.347  0.414   4.340   1.00 58.43  ? 16  PHE A CA  1 
ATOM   106  C  C   . PHE A 1 16  ? -4.270  1.193   5.264   1.00 58.38  ? 16  PHE A C   1 
ATOM   107  O  O   . PHE A 1 16  ? -3.839  2.175   5.879   1.00 62.75  ? 16  PHE A O   1 
ATOM   108  C  CB  . PHE A 1 16  ? -3.408  0.990   2.927   1.00 62.58  ? 16  PHE A CB  1 
ATOM   109  C  CG  . PHE A 1 16  ? -2.088  0.990   2.214   1.00 68.93  ? 16  PHE A CG  1 
ATOM   110  C  CD1 . PHE A 1 16  ? -0.903  1.076   2.926   1.00 73.17  ? 16  PHE A CD1 1 
ATOM   111  C  CD2 . PHE A 1 16  ? -2.030  0.912   0.831   1.00 70.50  ? 16  PHE A CD2 1 
ATOM   112  C  CE1 . PHE A 1 16  ? 0.312   1.082   2.274   1.00 71.91  ? 16  PHE A CE1 1 
ATOM   113  C  CE2 . PHE A 1 16  ? -0.815  0.917   0.175   1.00 67.64  ? 16  PHE A CE2 1 
ATOM   114  C  CZ  . PHE A 1 16  ? 0.357   1.002   0.899   1.00 60.34  ? 16  PHE A CZ  1 
ATOM   115  N  N   . ALA A 1 17  ? -5.532  0.780   5.379   1.00 60.99  ? 17  ALA A N   1 
ATOM   116  C  CA  . ALA A 1 17  ? -6.419  1.429   6.335   1.00 66.85  ? 17  ALA A CA  1 
ATOM   117  C  C   . ALA A 1 17  ? -5.993  1.139   7.765   1.00 64.38  ? 17  ALA A C   1 
ATOM   118  O  O   . ALA A 1 17  ? -6.147  1.997   8.641   1.00 62.40  ? 17  ALA A O   1 
ATOM   119  C  CB  . ALA A 1 17  ? -7.865  0.989   6.111   1.00 56.74  ? 17  ALA A CB  1 
ATOM   120  N  N   . LEU A 1 18  ? -5.454  -0.056  8.017   1.00 63.15  ? 18  LEU A N   1 
ATOM   121  C  CA  . LEU A 1 18  ? -4.965  -0.381  9.354   1.00 73.84  ? 18  LEU A CA  1 
ATOM   122  C  C   . LEU A 1 18  ? -3.778  0.495   9.737   1.00 72.24  ? 18  LEU A C   1 
ATOM   123  O  O   . LEU A 1 18  ? -3.702  0.985   10.870  1.00 70.35  ? 18  LEU A O   1 
ATOM   124  C  CB  . LEU A 1 18  ? -4.590  -1.862  9.425   1.00 66.96  ? 18  LEU A CB  1 
ATOM   125  C  CG  . LEU A 1 18  ? -3.984  -2.351  10.742  1.00 74.68  ? 18  LEU A CG  1 
ATOM   126  C  CD1 . LEU A 1 18  ? -4.964  -2.168  11.892  1.00 74.48  ? 18  LEU A CD1 1 
ATOM   127  C  CD2 . LEU A 1 18  ? -3.551  -3.803  10.625  1.00 77.51  ? 18  LEU A CD2 1 
ATOM   128  N  N   . SER A 1 19  ? -2.846  0.711   8.804   1.00 70.74  ? 19  SER A N   1 
ATOM   129  C  CA  . SER A 1 19  ? -1.680  1.539   9.099   1.00 66.79  ? 19  SER A CA  1 
ATOM   130  C  C   . SER A 1 19  ? -2.081  2.981   9.379   1.00 68.81  ? 19  SER A C   1 
ATOM   131  O  O   . SER A 1 19  ? -1.490  3.638   10.244  1.00 67.60  ? 19  SER A O   1 
ATOM   132  C  CB  . SER A 1 19  ? -0.687  1.474   7.941   1.00 68.46  ? 19  SER A CB  1 
ATOM   133  O  OG  . SER A 1 19  ? -1.229  2.065   6.774   1.00 75.99  ? 19  SER A OG  1 
ATOM   134  N  N   . GLY A 1 20  ? -3.081  3.493   8.659   1.00 66.05  ? 20  GLY A N   1 
ATOM   135  C  CA  . GLY A 1 20  ? -3.546  4.843   8.924   1.00 67.69  ? 20  GLY A CA  1 
ATOM   136  C  C   . GLY A 1 20  ? -4.304  4.944   10.233  1.00 67.19  ? 20  GLY A C   1 
ATOM   137  O  O   . GLY A 1 20  ? -4.198  5.947   10.945  1.00 62.81  ? 20  GLY A O   1 
ATOM   138  N  N   . ALA A 1 21  ? -5.078  3.909   10.568  1.00 64.30  ? 21  ALA A N   1 
ATOM   139  C  CA  . ALA A 1 21  ? -5.816  3.911   11.826  1.00 69.09  ? 21  ALA A CA  1 
ATOM   140  C  C   . ALA A 1 21  ? -4.874  3.820   13.020  1.00 75.01  ? 21  ALA A C   1 
ATOM   141  O  O   . ALA A 1 21  ? -5.098  4.469   14.048  1.00 66.71  ? 21  ALA A O   1 
ATOM   142  C  CB  . ALA A 1 21  ? -6.824  2.762   11.845  1.00 58.89  ? 21  ALA A CB  1 
ATOM   143  N  N   . LEU A 1 22  ? -3.814  3.015   12.904  1.00 72.44  ? 22  LEU A N   1 
ATOM   144  C  CA  . LEU A 1 22  ? -2.837  2.921   13.983  1.00 70.89  ? 22  LEU A CA  1 
ATOM   145  C  C   . LEU A 1 22  ? -2.074  4.228   14.152  1.00 75.07  ? 22  LEU A C   1 
ATOM   146  O  O   . LEU A 1 22  ? -1.788  4.644   15.281  1.00 83.39  ? 22  LEU A O   1 
ATOM   147  C  CB  . LEU A 1 22  ? -1.870  1.768   13.716  1.00 70.19  ? 22  LEU A CB  1 
ATOM   148  C  CG  . LEU A 1 22  ? -2.446  0.357   13.833  1.00 78.61  ? 22  LEU A CG  1 
ATOM   149  C  CD1 . LEU A 1 22  ? -1.428  -0.675  13.386  1.00 84.96  ? 22  LEU A CD1 1 
ATOM   150  C  CD2 . LEU A 1 22  ? -2.882  0.097   15.260  1.00 78.22  ? 22  LEU A CD2 1 
HETATM 151  N  N   . MSE A 1 23  ? -1.734  4.884   13.046  1.00 78.36  ? 23  MSE A N   1 
HETATM 152  C  CA  . MSE A 1 23  ? -1.020  6.154   13.083  1.00 70.56  ? 23  MSE A CA  1 
HETATM 153  C  C   . MSE A 1 23  ? -1.833  7.213   13.819  1.00 74.24  ? 23  MSE A C   1 
HETATM 154  O  O   . MSE A 1 23  ? -1.285  8.016   14.574  1.00 70.65  ? 23  MSE A O   1 
HETATM 155  C  CB  . MSE A 1 23  ? -0.696  6.625   11.663  1.00 78.76  ? 23  MSE A CB  1 
HETATM 156  C  CG  . MSE A 1 23  ? 0.130   7.900   11.600  1.00 95.96  ? 23  MSE A CG  1 
HETATM 157  SE SE  . MSE A 1 23  ? 1.973   7.649   12.189  1.00 136.27 ? 23  MSE A SE  1 
HETATM 158  C  CE  . MSE A 1 23  ? 2.583   6.444   10.785  1.00 100.47 ? 23  MSE A CE  1 
ATOM   159  N  N   . ALA A 1 24  ? -3.150  7.206   13.594  1.00 75.09  ? 24  ALA A N   1 
ATOM   160  C  CA  . ALA A 1 24  ? -4.022  8.139   14.298  1.00 78.43  ? 24  ALA A CA  1 
ATOM   161  C  C   . ALA A 1 24  ? -4.126  7.800   15.779  1.00 69.05  ? 24  ALA A C   1 
ATOM   162  O  O   . ALA A 1 24  ? -4.365  8.692   16.601  1.00 65.32  ? 24  ALA A O   1 
ATOM   163  C  CB  . ALA A 1 24  ? -5.408  8.152   13.657  1.00 58.72  ? 24  ALA A CB  1 
ATOM   164  N  N   . GLY A 1 25  ? -3.953  6.525   16.137  1.00 64.48  ? 25  GLY A N   1 
ATOM   165  C  CA  . GLY A 1 25  ? -4.012  6.141   17.536  1.00 78.57  ? 25  GLY A CA  1 
ATOM   166  C  C   . GLY A 1 25  ? -2.855  6.682   18.351  1.00 81.89  ? 25  GLY A C   1 
ATOM   167  O  O   . GLY A 1 25  ? -2.995  6.906   19.557  1.00 83.90  ? 25  GLY A O   1 
ATOM   168  N  N   . ARG A 1 26  ? -1.700  6.892   17.714  1.00 84.21  ? 26  ARG A N   1 
ATOM   169  C  CA  . ARG A 1 26  ? -0.569  7.495   18.411  1.00 81.07  ? 26  ARG A CA  1 
ATOM   170  C  C   . ARG A 1 26  ? -0.880  8.915   18.862  1.00 83.73  ? 26  ARG A C   1 
ATOM   171  O  O   . ARG A 1 26  ? -0.386  9.358   19.906  1.00 88.46  ? 26  ARG A O   1 
ATOM   172  C  CB  . ARG A 1 26  ? 0.666   7.493   17.512  1.00 81.22  ? 26  ARG A CB  1 
ATOM   173  C  CG  . ARG A 1 26  ? 1.324   6.139   17.340  1.00 93.07  ? 26  ARG A CG  1 
ATOM   174  C  CD  . ARG A 1 26  ? 2.536   6.256   16.433  1.00 109.99 ? 26  ARG A CD  1 
ATOM   175  N  NE  . ARG A 1 26  ? 3.447   5.128   16.578  1.00 134.93 ? 26  ARG A NE  1 
ATOM   176  C  CZ  . ARG A 1 26  ? 4.596   5.010   15.921  1.00 137.86 ? 26  ARG A CZ  1 
ATOM   177  N  NH1 . ARG A 1 26  ? 4.973   5.954   15.068  1.00 129.97 ? 26  ARG A NH1 1 
ATOM   178  N  NH2 . ARG A 1 26  ? 5.367   3.950   16.115  1.00 133.36 ? 26  ARG A NH2 1 
ATOM   179  N  N   . TYR A 1 27  ? -1.693  9.640   18.096  1.00 76.54  ? 27  TYR A N   1 
ATOM   180  C  CA  . TYR A 1 27  ? -2.048  11.018  18.403  1.00 76.46  ? 27  TYR A CA  1 
ATOM   181  C  C   . TYR A 1 27  ? -3.310  11.130  19.250  1.00 81.80  ? 27  TYR A C   1 
ATOM   182  O  O   . TYR A 1 27  ? -3.785  12.247  19.478  1.00 77.75  ? 27  TYR A O   1 
ATOM   183  C  CB  . TYR A 1 27  ? -2.215  11.818  17.108  1.00 73.36  ? 27  TYR A CB  1 
ATOM   184  C  CG  . TYR A 1 27  ? -0.923  12.011  16.346  1.00 75.13  ? 27  TYR A CG  1 
ATOM   185  C  CD1 . TYR A 1 27  ? -0.218  13.205  16.429  1.00 84.46  ? 27  TYR A CD1 1 
ATOM   186  C  CD2 . TYR A 1 27  ? -0.402  10.996  15.555  1.00 76.74  ? 27  TYR A CD2 1 
ATOM   187  C  CE1 . TYR A 1 27  ? 0.965   13.386  15.738  1.00 78.29  ? 27  TYR A CE1 1 
ATOM   188  C  CE2 . TYR A 1 27  ? 0.781   11.166  14.862  1.00 81.24  ? 27  TYR A CE2 1 
ATOM   189  C  CZ  . TYR A 1 27  ? 1.460   12.362  14.957  1.00 85.91  ? 27  TYR A CZ  1 
ATOM   190  O  OH  . TYR A 1 27  ? 2.638   12.534  14.269  1.00 91.34  ? 27  TYR A OH  1 
ATOM   191  N  N   . GLN A 1 28  ? -3.855  10.002  19.716  1.00 84.01  ? 28  GLN A N   1 
ATOM   192  C  CA  . GLN A 1 28  ? -5.035  9.987   20.584  1.00 91.09  ? 28  GLN A CA  1 
ATOM   193  C  C   . GLN A 1 28  ? -6.218  10.695  19.928  1.00 77.12  ? 28  GLN A C   1 
ATOM   194  O  O   . GLN A 1 28  ? -6.985  11.399  20.584  1.00 94.54  ? 28  GLN A O   1 
ATOM   195  C  CB  . GLN A 1 28  ? -4.724  10.600  21.955  1.00 88.14  ? 28  GLN A CB  1 
ATOM   196  C  CG  . GLN A 1 28  ? -3.695  9.829   22.771  1.00 105.46 ? 28  GLN A CG  1 
ATOM   197  C  CD  . GLN A 1 28  ? -4.251  8.543   23.358  1.00 116.26 ? 28  GLN A CD  1 
ATOM   198  O  OE1 . GLN A 1 28  ? -3.578  7.513   23.370  1.00 117.54 ? 28  GLN A OE1 1 
ATOM   199  N  NE2 . GLN A 1 28  ? -5.481  8.602   23.856  1.00 115.94 ? 28  GLN A NE2 1 
ATOM   200  N  N   . LEU A 1 29  ? -6.370  10.500  18.621  1.00 88.10  ? 29  LEU A N   1 
ATOM   201  C  CA  . LEU A 1 29  ? -7.441  11.143  17.876  1.00 85.97  ? 29  LEU A CA  1 
ATOM   202  C  C   . LEU A 1 29  ? -8.777  10.453  18.127  1.00 77.14  ? 29  LEU A C   1 
ATOM   203  O  O   . LEU A 1 29  ? -8.840  9.267   18.461  1.00 78.41  ? 29  LEU A O   1 
ATOM   204  C  CB  . LEU A 1 29  ? -7.130  11.137  16.379  1.00 79.18  ? 29  LEU A CB  1 
ATOM   205  C  CG  . LEU A 1 29  ? -5.875  11.871  15.916  1.00 79.59  ? 29  LEU A CG  1 
ATOM   206  C  CD1 . LEU A 1 29  ? -5.754  11.800  14.400  1.00 73.22  ? 29  LEU A CD1 1 
ATOM   207  C  CD2 . LEU A 1 29  ? -5.891  13.316  16.390  1.00 78.82  ? 29  LEU A CD2 1 
ATOM   208  N  N   . ASP A 1 30  ? -9.854  11.215  17.962  1.00 72.89  ? 30  ASP A N   1 
ATOM   209  C  CA  . ASP A 1 30  ? -11.188 10.658  18.077  1.00 77.44  ? 30  ASP A CA  1 
ATOM   210  C  C   . ASP A 1 30  ? -11.467 9.722   16.898  1.00 84.27  ? 30  ASP A C   1 
ATOM   211  O  O   . ASP A 1 30  ? -10.731 9.724   15.906  1.00 66.58  ? 30  ASP A O   1 
ATOM   212  C  CB  . ASP A 1 30  ? -12.218 11.782  18.139  1.00 87.31  ? 30  ASP A CB  1 
ATOM   213  C  CG  . ASP A 1 30  ? -12.232 12.615  16.895  1.00 89.47  ? 30  ASP A CG  1 
ATOM   214  O  OD1 . ASP A 1 30  ? -11.285 12.477  16.092  1.00 93.07  ? 30  ASP A OD1 1 
ATOM   215  O  OD2 . ASP A 1 30  ? -13.189 13.396  16.724  1.00 102.59 ? 30  ASP A OD2 1 
ATOM   216  N  N   . PRO A 1 31  ? -12.516 8.896   16.990  1.00 88.32  ? 31  PRO A N   1 
ATOM   217  C  CA  . PRO A 1 31  ? -12.797 7.944   15.900  1.00 74.42  ? 31  PRO A CA  1 
ATOM   218  C  C   . PRO A 1 31  ? -12.927 8.571   14.521  1.00 77.44  ? 31  PRO A C   1 
ATOM   219  O  O   . PRO A 1 31  ? -12.558 7.931   13.527  1.00 71.01  ? 31  PRO A O   1 
ATOM   220  C  CB  . PRO A 1 31  ? -14.116 7.300   16.345  1.00 71.76  ? 31  PRO A CB  1 
ATOM   221  C  CG  . PRO A 1 31  ? -14.061 7.348   17.825  1.00 85.84  ? 31  PRO A CG  1 
ATOM   222  C  CD  . PRO A 1 31  ? -13.367 8.641   18.169  1.00 71.52  ? 31  PRO A CD  1 
ATOM   223  N  N   . PHE A 1 32  ? -13.436 9.800   14.421  1.00 79.45  ? 32  PHE A N   1 
ATOM   224  C  CA  . PHE A 1 32  ? -13.625 10.402  13.105  1.00 82.03  ? 32  PHE A CA  1 
ATOM   225  C  C   . PHE A 1 32  ? -12.291 10.797  12.481  1.00 77.06  ? 32  PHE A C   1 
ATOM   226  O  O   . PHE A 1 32  ? -12.095 10.632  11.271  1.00 69.41  ? 32  PHE A O   1 
ATOM   227  C  CB  . PHE A 1 32  ? -14.567 11.599  13.211  1.00 77.56  ? 32  PHE A CB  1 
ATOM   228  C  CG  . PHE A 1 32  ? -15.923 11.241  13.743  1.00 91.09  ? 32  PHE A CG  1 
ATOM   229  C  CD1 . PHE A 1 32  ? -16.883 10.691  12.909  1.00 88.95  ? 32  PHE A CD1 1 
ATOM   230  C  CD2 . PHE A 1 32  ? -16.232 11.431  15.079  1.00 86.81  ? 32  PHE A CD2 1 
ATOM   231  C  CE1 . PHE A 1 32  ? -18.129 10.348  13.395  1.00 88.04  ? 32  PHE A CE1 1 
ATOM   232  C  CE2 . PHE A 1 32  ? -17.477 11.090  15.572  1.00 84.93  ? 32  PHE A CE2 1 
ATOM   233  C  CZ  . PHE A 1 32  ? -18.425 10.546  14.729  1.00 92.46  ? 32  PHE A CZ  1 
ATOM   234  N  N   . GLY A 1 33  ? -11.360 11.309  13.289  1.00 76.56  ? 33  GLY A N   1 
ATOM   235  C  CA  . GLY A 1 33  ? -10.017 11.544  12.791  1.00 60.10  ? 33  GLY A CA  1 
ATOM   236  C  C   . GLY A 1 33  ? -9.295  10.264  12.420  1.00 70.99  ? 33  GLY A C   1 
ATOM   237  O  O   . GLY A 1 33  ? -8.416  10.272  11.553  1.00 65.92  ? 33  GLY A O   1 
ATOM   238  N  N   . VAL A 1 34  ? -9.654  9.151   13.062  1.00 64.64  ? 34  VAL A N   1 
ATOM   239  C  CA  . VAL A 1 34  ? -9.056  7.867   12.714  1.00 70.12  ? 34  VAL A CA  1 
ATOM   240  C  C   . VAL A 1 34  ? -9.555  7.397   11.351  1.00 71.20  ? 34  VAL A C   1 
ATOM   241  O  O   . VAL A 1 34  ? -8.777  6.892   10.531  1.00 67.31  ? 34  VAL A O   1 
ATOM   242  C  CB  . VAL A 1 34  ? -9.343  6.831   13.818  1.00 66.81  ? 34  VAL A CB  1 
ATOM   243  C  CG1 . VAL A 1 34  ? -8.804  5.463   13.426  1.00 59.55  ? 34  VAL A CG1 1 
ATOM   244  C  CG2 . VAL A 1 34  ? -8.734  7.282   15.138  1.00 64.65  ? 34  VAL A CG2 1 
ATOM   245  N  N   . VAL A 1 35  ? -10.851 7.569   11.079  1.00 61.92  ? 35  VAL A N   1 
ATOM   246  C  CA  . VAL A 1 35  ? -11.404 7.139   9.797   1.00 71.53  ? 35  VAL A CA  1 
ATOM   247  C  C   . VAL A 1 35  ? -10.807 7.953   8.653   1.00 64.68  ? 35  VAL A C   1 
ATOM   248  O  O   . VAL A 1 35  ? -10.509 7.412   7.582   1.00 58.23  ? 35  VAL A O   1 
ATOM   249  C  CB  . VAL A 1 35  ? -12.942 7.229   9.818   1.00 65.81  ? 35  VAL A CB  1 
ATOM   250  C  CG1 . VAL A 1 35  ? -13.522 6.886   8.454   1.00 63.43  ? 35  VAL A CG1 1 
ATOM   251  C  CG2 . VAL A 1 35  ? -13.512 6.302   10.882  1.00 74.41  ? 35  VAL A CG2 1 
ATOM   252  N  N   . VAL A 1 36  ? -10.608 9.257   8.866   1.00 68.46  ? 36  VAL A N   1 
ATOM   253  C  CA  . VAL A 1 36  ? -10.046 10.110  7.818   1.00 63.84  ? 36  VAL A CA  1 
ATOM   254  C  C   . VAL A 1 36  ? -8.619  9.686   7.493   1.00 57.64  ? 36  VAL A C   1 
ATOM   255  O  O   . VAL A 1 36  ? -8.252  9.514   6.325   1.00 63.30  ? 36  VAL A O   1 
ATOM   256  C  CB  . VAL A 1 36  ? -10.105 11.590  8.238   1.00 62.56  ? 36  VAL A CB  1 
ATOM   257  C  CG1 . VAL A 1 36  ? -9.342  12.452  7.243   1.00 51.64  ? 36  VAL A CG1 1 
ATOM   258  C  CG2 . VAL A 1 36  ? -11.545 12.054  8.351   1.00 65.62  ? 36  VAL A CG2 1 
ATOM   259  N  N   . LEU A 1 37  ? -7.789  9.517   8.524   1.00 62.88  ? 37  LEU A N   1 
ATOM   260  C  CA  . LEU A 1 37  ? -6.402  9.135   8.290   1.00 64.20  ? 37  LEU A CA  1 
ATOM   261  C  C   . LEU A 1 37  ? -6.296  7.723   7.725   1.00 64.29  ? 37  LEU A C   1 
ATOM   262  O  O   . LEU A 1 37  ? -5.387  7.439   6.937   1.00 59.73  ? 37  LEU A O   1 
ATOM   263  C  CB  . LEU A 1 37  ? -5.596  9.259   9.583   1.00 70.77  ? 37  LEU A CB  1 
ATOM   264  C  CG  . LEU A 1 37  ? -4.077  9.261   9.411   1.00 77.56  ? 37  LEU A CG  1 
ATOM   265  C  CD1 . LEU A 1 37  ? -3.650  10.397  8.489   1.00 63.96  ? 37  LEU A CD1 1 
ATOM   266  C  CD2 . LEU A 1 37  ? -3.387  9.372   10.761  1.00 75.41  ? 37  LEU A CD2 1 
ATOM   267  N  N   . ALA A 1 38  ? -7.211  6.829   8.111   1.00 61.65  ? 38  ALA A N   1 
ATOM   268  C  CA  . ALA A 1 38  ? -7.211  5.486   7.542   1.00 57.71  ? 38  ALA A CA  1 
ATOM   269  C  C   . ALA A 1 38  ? -7.680  5.502   6.092   1.00 74.96  ? 38  ALA A C   1 
ATOM   270  O  O   . ALA A 1 38  ? -7.187  4.726   5.264   1.00 66.79  ? 38  ALA A O   1 
ATOM   271  C  CB  . ALA A 1 38  ? -8.092  4.558   8.380   1.00 60.27  ? 38  ALA A CB  1 
ATOM   272  N  N   . SER A 1 39  ? -8.632  6.379   5.764   1.00 59.84  ? 39  SER A N   1 
ATOM   273  C  CA  . SER A 1 39  ? -9.134  6.452   4.396   1.00 59.20  ? 39  SER A CA  1 
ATOM   274  C  C   . SER A 1 39  ? -8.105  7.073   3.462   1.00 62.12  ? 39  SER A C   1 
ATOM   275  O  O   . SER A 1 39  ? -7.971  6.655   2.306   1.00 57.29  ? 39  SER A O   1 
ATOM   276  C  CB  . SER A 1 39  ? -10.438 7.246   4.365   1.00 59.25  ? 39  SER A CB  1 
ATOM   277  O  OG  . SER A 1 39  ? -11.375 6.710   5.284   1.00 64.56  ? 39  SER A OG  1 
ATOM   278  N  N   . VAL A 1 40  ? -7.362  8.068   3.954   1.00 61.23  ? 40  VAL A N   1 
ATOM   279  C  CA  . VAL A 1 40  ? -6.335  8.715   3.144   1.00 60.87  ? 40  VAL A CA  1 
ATOM   280  C  C   . VAL A 1 40  ? -5.259  7.715   2.742   1.00 65.31  ? 40  VAL A C   1 
ATOM   281  O  O   . VAL A 1 40  ? -4.807  7.696   1.590   1.00 60.19  ? 40  VAL A O   1 
ATOM   282  C  CB  . VAL A 1 40  ? -5.745  9.916   3.909   1.00 79.40  ? 40  VAL A CB  1 
ATOM   283  C  CG1 . VAL A 1 40  ? -4.432  10.358  3.290   1.00 80.77  ? 40  VAL A CG1 1 
ATOM   284  C  CG2 . VAL A 1 40  ? -6.742  11.070  3.931   1.00 67.72  ? 40  VAL A CG2 1 
ATOM   285  N  N   . THR A 1 41  ? -4.833  6.865   3.680   1.00 62.41  ? 41  THR A N   1 
ATOM   286  C  CA  . THR A 1 41  ? -3.791  5.890   3.376   1.00 65.66  ? 41  THR A CA  1 
ATOM   287  C  C   . THR A 1 41  ? -4.316  4.757   2.503   1.00 60.62  ? 41  THR A C   1 
ATOM   288  O  O   . THR A 1 41  ? -3.579  4.232   1.660   1.00 69.42  ? 41  THR A O   1 
ATOM   289  C  CB  . THR A 1 41  ? -3.200  5.329   4.674   1.00 63.31  ? 41  THR A CB  1 
ATOM   290  O  OG1 . THR A 1 41  ? -2.827  6.406   5.541   1.00 60.50  ? 41  THR A OG1 1 
ATOM   291  C  CG2 . THR A 1 41  ? -1.971  4.477   4.383   1.00 61.83  ? 41  THR A CG2 1 
ATOM   292  N  N   . ALA A 1 42  ? -5.581  4.373   2.682   1.00 64.15  ? 42  ALA A N   1 
ATOM   293  C  CA  . ALA A 1 42  ? -6.129  3.242   1.942   1.00 67.44  ? 42  ALA A CA  1 
ATOM   294  C  C   . ALA A 1 42  ? -6.324  3.579   0.468   1.00 69.92  ? 42  ALA A C   1 
ATOM   295  O  O   . ALA A 1 42  ? -5.976  2.780   -0.410  1.00 67.48  ? 42  ALA A O   1 
ATOM   296  C  CB  . ALA A 1 42  ? -7.449  2.794   2.569   1.00 58.32  ? 42  ALA A CB  1 
ATOM   297  N  N   . VAL A 1 43  ? -6.884  4.756   0.170   1.00 57.36  ? 43  VAL A N   1 
ATOM   298  C  CA  . VAL A 1 43  ? -7.223  5.100   -1.209  1.00 63.23  ? 43  VAL A CA  1 
ATOM   299  C  C   . VAL A 1 43  ? -6.193  6.000   -1.877  1.00 63.52  ? 43  VAL A C   1 
ATOM   300  O  O   . VAL A 1 43  ? -6.232  6.142   -3.109  1.00 69.32  ? 43  VAL A O   1 
ATOM   301  C  CB  . VAL A 1 43  ? -8.614  5.768   -1.302  1.00 57.86  ? 43  VAL A CB  1 
ATOM   302  C  CG1 . VAL A 1 43  ? -9.643  4.960   -0.530  1.00 49.51  ? 43  VAL A CG1 1 
ATOM   303  C  CG2 . VAL A 1 43  ? -8.561  7.209   -0.806  1.00 50.39  ? 43  VAL A CG2 1 
ATOM   304  N  N   . GLY A 1 44  ? -5.280  6.604   -1.116  1.00 56.60  ? 44  GLY A N   1 
ATOM   305  C  CA  . GLY A 1 44  ? -4.328  7.567   -1.641  1.00 59.27  ? 44  GLY A CA  1 
ATOM   306  C  C   . GLY A 1 44  ? -3.628  7.156   -2.922  1.00 60.71  ? 44  GLY A C   1 
ATOM   307  O  O   . GLY A 1 44  ? -3.739  7.845   -3.940  1.00 57.81  ? 44  GLY A O   1 
ATOM   308  N  N   . GLY A 1 45  ? -2.914  6.029   -2.888  1.00 61.89  ? 45  GLY A N   1 
ATOM   309  C  CA  . GLY A 1 45  ? -2.209  5.579   -4.074  1.00 60.42  ? 45  GLY A CA  1 
ATOM   310  C  C   . GLY A 1 45  ? -3.132  5.130   -5.188  1.00 60.07  ? 45  GLY A C   1 
ATOM   311  O  O   . GLY A 1 45  ? -2.820  5.316   -6.370  1.00 55.97  ? 45  GLY A O   1 
ATOM   312  N  N   . GLY A 1 46  ? -4.275  4.541   -4.837  1.00 58.79  ? 46  GLY A N   1 
ATOM   313  C  CA  . GLY A 1 46  ? -5.188  4.052   -5.856  1.00 56.19  ? 46  GLY A CA  1 
ATOM   314  C  C   . GLY A 1 46  ? -5.859  5.168   -6.635  1.00 62.94  ? 46  GLY A C   1 
ATOM   315  O  O   . GLY A 1 46  ? -6.028  5.067   -7.854  1.00 46.11  ? 46  GLY A O   1 
ATOM   316  N  N   . THR A 1 47  ? -6.246  6.237   -5.934  1.00 53.02  ? 47  THR A N   1 
ATOM   317  C  CA  . THR A 1 47  ? -6.896  7.392   -6.564  1.00 58.35  ? 47  THR A CA  1 
ATOM   318  C  C   . THR A 1 47  ? -5.985  8.106   -7.565  1.00 47.60  ? 47  THR A C   1 
ATOM   319  O  O   . THR A 1 47  ? -6.415  8.461   -8.663  1.00 52.21  ? 47  THR A O   1 
ATOM   320  C  CB  . THR A 1 47  ? -7.382  8.407   -5.512  1.00 53.26  ? 47  THR A CB  1 
ATOM   321  O  OG1 . THR A 1 47  ? -8.122  7.725   -4.492  1.00 92.62  ? 47  THR A OG1 1 
ATOM   322  C  CG2 . THR A 1 47  ? -8.270  9.459   -6.159  1.00 42.05  ? 47  THR A CG2 1 
ATOM   323  N  N   . ILE A 1 48  ? -4.727  8.311   -7.183  1.00 49.61  ? 48  ILE A N   1 
ATOM   324  C  CA  . ILE A 1 48  ? -3.736  8.913   -8.071  1.00 62.21  ? 48  ILE A CA  1 
ATOM   325  C  C   . ILE A 1 48  ? -3.487  8.016   -9.279  1.00 52.08  ? 48  ILE A C   1 
ATOM   326  O  O   . ILE A 1 48  ? -3.374  8.495   -10.413 1.00 55.22  ? 48  ILE A O   1 
ATOM   327  C  CB  . ILE A 1 48  ? -2.438  9.201   -7.293  1.00 49.02  ? 48  ILE A CB  1 
ATOM   328  C  CG1 . ILE A 1 48  ? -2.734  10.126  -6.106  1.00 54.79  ? 48  ILE A CG1 1 
ATOM   329  C  CG2 . ILE A 1 48  ? -1.388  9.806   -8.210  1.00 45.22  ? 48  ILE A CG2 1 
ATOM   330  C  CD1 . ILE A 1 48  ? -1.534  10.425  -5.232  1.00 48.14  ? 48  ILE A CD1 1 
ATOM   331  N  N   . ARG A 1 49  ? -3.426  6.701   -9.059  1.00 52.49  ? 49  ARG A N   1 
ATOM   332  C  CA  . ARG A 1 49  ? -3.224  5.766   -10.163 1.00 58.78  ? 49  ARG A CA  1 
ATOM   333  C  C   . ARG A 1 49  ? -4.380  5.827   -11.157 1.00 55.05  ? 49  ARG A C   1 
ATOM   334  O  O   . ARG A 1 49  ? -4.163  5.948   -12.368 1.00 45.96  ? 49  ARG A O   1 
ATOM   335  C  CB  . ARG A 1 49  ? -3.056  4.347   -9.621  1.00 58.24  ? 49  ARG A CB  1 
ATOM   336  C  CG  . ARG A 1 49  ? -3.068  3.256   -10.688 1.00 56.19  ? 49  ARG A CG  1 
ATOM   337  C  CD  . ARG A 1 49  ? -3.392  1.910   -10.062 1.00 50.54  ? 49  ARG A CD  1 
ATOM   338  N  NE  . ARG A 1 49  ? -4.676  1.954   -9.370  1.00 56.36  ? 49  ARG A NE  1 
ATOM   339  C  CZ  . ARG A 1 49  ? -5.109  1.030   -8.518  1.00 73.50  ? 49  ARG A CZ  1 
ATOM   340  N  NH1 . ARG A 1 49  ? -4.356  -0.029  -8.241  1.00 70.89  ? 49  ARG A NH1 1 
ATOM   341  N  NH2 . ARG A 1 49  ? -6.295  1.170   -7.939  1.00 52.28  ? 49  ARG A NH2 1 
ATOM   342  N  N   . ASP A 1 50  ? -5.619  5.753   -10.662 1.00 46.76  ? 50  ASP A N   1 
ATOM   343  C  CA  . ASP A 1 50  ? -6.768  5.726   -11.563 1.00 52.12  ? 50  ASP A CA  1 
ATOM   344  C  C   . ASP A 1 50  ? -6.960  7.066   -12.264 1.00 55.61  ? 50  ASP A C   1 
ATOM   345  O  O   . ASP A 1 50  ? -7.333  7.107   -13.442 1.00 54.53  ? 50  ASP A O   1 
ATOM   346  C  CB  . ASP A 1 50  ? -8.033  5.332   -10.800 1.00 55.14  ? 50  ASP A CB  1 
ATOM   347  C  CG  . ASP A 1 50  ? -7.944  3.942   -10.196 1.00 57.37  ? 50  ASP A CG  1 
ATOM   348  O  OD1 . ASP A 1 50  ? -8.243  3.791   -8.993  1.00 73.94  ? 50  ASP A OD1 1 
ATOM   349  O  OD2 . ASP A 1 50  ? -7.559  3.001   -10.922 1.00 57.81  ? 50  ASP A OD2 1 
ATOM   350  N  N   . VAL A 1 51  ? -6.711  8.172   -11.560 1.00 57.09  ? 51  VAL A N   1 
ATOM   351  C  CA  . VAL A 1 51  ? -6.883  9.492   -12.162 1.00 51.03  ? 51  VAL A CA  1 
ATOM   352  C  C   . VAL A 1 51  ? -5.902  9.687   -13.314 1.00 58.30  ? 51  VAL A C   1 
ATOM   353  O  O   . VAL A 1 51  ? -6.278  10.137  -14.402 1.00 60.38  ? 51  VAL A O   1 
ATOM   354  C  CB  . VAL A 1 51  ? -6.732  10.589  -11.094 1.00 59.41  ? 51  VAL A CB  1 
ATOM   355  C  CG1 . VAL A 1 51  ? -6.400  11.920  -11.741 1.00 48.04  ? 51  VAL A CG1 1 
ATOM   356  C  CG2 . VAL A 1 51  ? -8.005  10.699  -10.266 1.00 49.54  ? 51  VAL A CG2 1 
ATOM   357  N  N   . ILE A 1 52  ? -4.629  9.342   -13.091 1.00 54.67  ? 52  ILE A N   1 
ATOM   358  C  CA  . ILE A 1 52  ? -3.621  9.462   -14.142 1.00 56.13  ? 52  ILE A CA  1 
ATOM   359  C  C   . ILE A 1 52  ? -3.964  8.568   -15.326 1.00 57.87  ? 52  ILE A C   1 
ATOM   360  O  O   . ILE A 1 52  ? -3.715  8.930   -16.483 1.00 63.94  ? 52  ILE A O   1 
ATOM   361  C  CB  . ILE A 1 52  ? -2.226  9.143   -13.565 1.00 61.72  ? 52  ILE A CB  1 
ATOM   362  C  CG1 . ILE A 1 52  ? -1.798  10.231  -12.574 1.00 49.35  ? 52  ILE A CG1 1 
ATOM   363  C  CG2 . ILE A 1 52  ? -1.197  8.994   -14.672 1.00 52.44  ? 52  ILE A CG2 1 
ATOM   364  C  CD1 . ILE A 1 52  ? -0.507  9.924   -11.834 1.00 49.24  ? 52  ILE A CD1 1 
ATOM   365  N  N   . LEU A 1 53  ? -4.555  7.402   -15.068 1.00 57.68  ? 53  LEU A N   1 
ATOM   366  C  CA  . LEU A 1 53  ? -4.947  6.481   -16.126 1.00 58.39  ? 53  LEU A CA  1 
ATOM   367  C  C   . LEU A 1 53  ? -6.246  6.874   -16.817 1.00 59.72  ? 53  LEU A C   1 
ATOM   368  O  O   . LEU A 1 53  ? -6.648  6.192   -17.766 1.00 61.17  ? 53  LEU A O   1 
ATOM   369  C  CB  . LEU A 1 53  ? -5.084  5.063   -15.564 1.00 61.09  ? 53  LEU A CB  1 
ATOM   370  C  CG  . LEU A 1 53  ? -3.787  4.281   -15.361 1.00 68.40  ? 53  LEU A CG  1 
ATOM   371  C  CD1 . LEU A 1 53  ? -4.060  2.972   -14.633 1.00 62.80  ? 53  LEU A CD1 1 
ATOM   372  C  CD2 . LEU A 1 53  ? -3.120  4.023   -16.703 1.00 61.62  ? 53  LEU A CD2 1 
ATOM   373  N  N   . GLN A 1 54  ? -6.907  7.945   -16.370 1.00 66.70  ? 54  GLN A N   1 
ATOM   374  C  CA  . GLN A 1 54  ? -8.192  8.372   -16.928 1.00 67.17  ? 54  GLN A CA  1 
ATOM   375  C  C   . GLN A 1 54  ? -9.218  7.242   -16.877 1.00 60.90  ? 54  GLN A C   1 
ATOM   376  O  O   . GLN A 1 54  ? -10.009 7.052   -17.803 1.00 66.10  ? 54  GLN A O   1 
ATOM   377  C  CB  . GLN A 1 54  ? -8.034  8.901   -18.357 1.00 58.91  ? 54  GLN A CB  1 
ATOM   378  C  CG  . GLN A 1 54  ? -7.321  10.235  -18.450 1.00 61.76  ? 54  GLN A CG  1 
ATOM   379  C  CD  . GLN A 1 54  ? -7.224  10.745  -19.877 1.00 75.97  ? 54  GLN A CD  1 
ATOM   380  O  OE1 . GLN A 1 54  ? -6.871  10.002  -20.792 1.00 79.74  ? 54  GLN A OE1 1 
ATOM   381  N  NE2 . GLN A 1 54  ? -7.545  12.020  -20.072 1.00 67.58  ? 54  GLN A NE2 1 
ATOM   382  N  N   . THR A 1 55  ? -9.202  6.483   -15.788 1.00 56.21  ? 55  THR A N   1 
ATOM   383  C  CA  . THR A 1 55  ? -10.133 5.395   -15.541 1.00 50.25  ? 55  THR A CA  1 
ATOM   384  C  C   . THR A 1 55  ? -10.920 5.690   -14.269 1.00 55.81  ? 55  THR A C   1 
ATOM   385  O  O   . THR A 1 55  ? -10.467 6.467   -13.420 1.00 60.68  ? 55  THR A O   1 
ATOM   386  C  CB  . THR A 1 55  ? -9.386  4.054   -15.416 1.00 64.09  ? 55  THR A CB  1 
ATOM   387  O  OG1 . THR A 1 55  ? -10.295 2.963   -15.611 1.00 58.87  ? 55  THR A OG1 1 
ATOM   388  C  CG2 . THR A 1 55  ? -8.733  3.913   -14.046 1.00 57.67  ? 55  THR A CG2 1 
ATOM   389  N  N   . PRO A 1 56  ? -12.122 5.126   -14.123 1.00 58.20  ? 56  PRO A N   1 
ATOM   390  C  CA  . PRO A 1 56  ? -12.899 5.366   -12.901 1.00 50.74  ? 56  PRO A CA  1 
ATOM   391  C  C   . PRO A 1 56  ? -12.138 4.957   -11.647 1.00 55.10  ? 56  PRO A C   1 
ATOM   392  O  O   . PRO A 1 56  ? -11.467 3.923   -11.615 1.00 57.55  ? 56  PRO A O   1 
ATOM   393  C  CB  . PRO A 1 56  ? -14.150 4.505   -13.106 1.00 63.41  ? 56  PRO A CB  1 
ATOM   394  C  CG  . PRO A 1 56  ? -14.311 4.446   -14.584 1.00 58.15  ? 56  PRO A CG  1 
ATOM   395  C  CD  . PRO A 1 56  ? -12.916 4.419   -15.146 1.00 56.23  ? 56  PRO A CD  1 
ATOM   396  N  N   . VAL A 1 57  ? -12.242 5.795   -10.610 1.00 55.88  ? 57  VAL A N   1 
ATOM   397  C  CA  . VAL A 1 57  ? -11.600 5.499   -9.335  1.00 59.69  ? 57  VAL A CA  1 
ATOM   398  C  C   . VAL A 1 57  ? -12.226 4.250   -8.726  1.00 57.59  ? 57  VAL A C   1 
ATOM   399  O  O   . VAL A 1 57  ? -13.441 4.033   -8.818  1.00 64.81  ? 57  VAL A O   1 
ATOM   400  C  CB  . VAL A 1 57  ? -11.712 6.712   -8.394  1.00 60.28  ? 57  VAL A CB  1 
ATOM   401  C  CG1 . VAL A 1 57  ? -11.075 6.419   -7.045  1.00 50.19  ? 57  VAL A CG1 1 
ATOM   402  C  CG2 . VAL A 1 57  ? -11.065 7.938   -9.032  1.00 42.62  ? 57  VAL A CG2 1 
ATOM   403  N  N   . PHE A 1 58  ? -11.388 3.417   -8.098  1.00 54.03  ? 58  PHE A N   1 
ATOM   404  C  CA  . PHE A 1 58  ? -11.830 2.087   -7.683  1.00 58.83  ? 58  PHE A CA  1 
ATOM   405  C  C   . PHE A 1 58  ? -12.921 2.152   -6.616  1.00 58.38  ? 58  PHE A C   1 
ATOM   406  O  O   . PHE A 1 58  ? -13.887 1.383   -6.670  1.00 64.22  ? 58  PHE A O   1 
ATOM   407  C  CB  . PHE A 1 58  ? -10.638 1.259   -7.192  1.00 49.37  ? 58  PHE A CB  1 
ATOM   408  C  CG  . PHE A 1 58  ? -10.006 1.773   -5.926  1.00 56.52  ? 58  PHE A CG  1 
ATOM   409  C  CD1 . PHE A 1 58  ? -9.099  2.820   -5.961  1.00 60.04  ? 58  PHE A CD1 1 
ATOM   410  C  CD2 . PHE A 1 58  ? -10.300 1.189   -4.702  1.00 62.62  ? 58  PHE A CD2 1 
ATOM   411  C  CE1 . PHE A 1 58  ? -8.511  3.288   -4.797  1.00 59.55  ? 58  PHE A CE1 1 
ATOM   412  C  CE2 . PHE A 1 58  ? -9.715  1.651   -3.538  1.00 61.07  ? 58  PHE A CE2 1 
ATOM   413  C  CZ  . PHE A 1 58  ? -8.819  2.703   -3.586  1.00 67.49  ? 58  PHE A CZ  1 
ATOM   414  N  N   . TRP A 1 59  ? -12.791 3.055   -5.641  1.00 58.07  ? 59  TRP A N   1 
ATOM   415  C  CA  . TRP A 1 59  ? -13.806 3.149   -4.598  1.00 65.73  ? 59  TRP A CA  1 
ATOM   416  C  C   . TRP A 1 59  ? -15.014 3.975   -5.019  1.00 59.33  ? 59  TRP A C   1 
ATOM   417  O  O   . TRP A 1 59  ? -16.035 3.947   -4.324  1.00 56.03  ? 59  TRP A O   1 
ATOM   418  C  CB  . TRP A 1 59  ? -13.209 3.724   -3.308  1.00 63.72  ? 59  TRP A CB  1 
ATOM   419  C  CG  . TRP A 1 59  ? -12.666 5.120   -3.420  1.00 59.54  ? 59  TRP A CG  1 
ATOM   420  C  CD1 . TRP A 1 59  ? -11.369 5.472   -3.659  1.00 54.79  ? 59  TRP A CD1 1 
ATOM   421  C  CD2 . TRP A 1 59  ? -13.395 6.349   -3.272  1.00 55.75  ? 59  TRP A CD2 1 
ATOM   422  N  NE1 . TRP A 1 59  ? -11.248 6.841   -3.678  1.00 55.90  ? 59  TRP A NE1 1 
ATOM   423  C  CE2 . TRP A 1 59  ? -12.475 7.404   -3.444  1.00 67.73  ? 59  TRP A CE2 1 
ATOM   424  C  CE3 . TRP A 1 59  ? -14.733 6.659   -3.013  1.00 58.32  ? 59  TRP A CE3 1 
ATOM   425  C  CZ2 . TRP A 1 59  ? -12.850 8.744   -3.368  1.00 50.76  ? 59  TRP A CZ2 1 
ATOM   426  C  CZ3 . TRP A 1 59  ? -15.105 7.991   -2.939  1.00 63.04  ? 59  TRP A CZ3 1 
ATOM   427  C  CH2 . TRP A 1 59  ? -14.165 9.016   -3.117  1.00 62.60  ? 59  TRP A CH2 1 
ATOM   428  N  N   . VAL A 1 60  ? -14.919 4.718   -6.122  1.00 58.27  ? 60  VAL A N   1 
ATOM   429  C  CA  . VAL A 1 60  ? -16.101 5.357   -6.687  1.00 65.32  ? 60  VAL A CA  1 
ATOM   430  C  C   . VAL A 1 60  ? -16.879 4.365   -7.539  1.00 59.17  ? 60  VAL A C   1 
ATOM   431  O  O   . VAL A 1 60  ? -18.113 4.315   -7.489  1.00 57.27  ? 60  VAL A O   1 
ATOM   432  C  CB  . VAL A 1 60  ? -15.692 6.606   -7.490  1.00 58.39  ? 60  VAL A CB  1 
ATOM   433  C  CG1 . VAL A 1 60  ? -16.877 7.176   -8.243  1.00 57.43  ? 60  VAL A CG1 1 
ATOM   434  C  CG2 . VAL A 1 60  ? -15.094 7.648   -6.564  1.00 57.60  ? 60  VAL A CG2 1 
ATOM   435  N  N   . GLU A 1 61  ? -16.165 3.545   -8.313  1.00 67.55  ? 61  GLU A N   1 
ATOM   436  C  CA  . GLU A 1 61  ? -16.809 2.528   -9.136  1.00 61.78  ? 61  GLU A CA  1 
ATOM   437  C  C   . GLU A 1 61  ? -17.354 1.383   -8.291  1.00 70.96  ? 61  GLU A C   1 
ATOM   438  O  O   . GLU A 1 61  ? -18.366 0.775   -8.656  1.00 69.46  ? 61  GLU A O   1 
ATOM   439  C  CB  . GLU A 1 61  ? -15.814 2.001   -10.168 1.00 69.41  ? 61  GLU A CB  1 
ATOM   440  C  CG  . GLU A 1 61  ? -16.424 1.162   -11.271 1.00 88.65  ? 61  GLU A CG  1 
ATOM   441  C  CD  . GLU A 1 61  ? -15.391 0.715   -12.285 1.00 106.01 ? 61  GLU A CD  1 
ATOM   442  O  OE1 . GLU A 1 61  ? -14.203 0.600   -11.913 1.00 90.04  ? 61  GLU A OE1 1 
ATOM   443  O  OE2 . GLU A 1 61  ? -15.764 0.488   -13.455 1.00 107.69 ? 61  GLU A OE2 1 
ATOM   444  N  N   . LYS A 1 62  ? -16.702 1.075   -7.172  1.00 69.35  ? 62  LYS A N   1 
ATOM   445  C  CA  . LYS A 1 62  ? -17.129 0.004   -6.272  1.00 64.29  ? 62  LYS A CA  1 
ATOM   446  C  C   . LYS A 1 62  ? -17.162 0.551   -4.851  1.00 59.54  ? 62  LYS A C   1 
ATOM   447  O  O   . LYS A 1 62  ? -16.121 0.588   -4.173  1.00 62.85  ? 62  LYS A O   1 
ATOM   448  C  CB  . LYS A 1 62  ? -16.208 -1.205  -6.371  1.00 62.74  ? 62  LYS A CB  1 
ATOM   449  C  CG  . LYS A 1 62  ? -16.205 -1.860  -7.744  1.00 79.46  ? 62  LYS A CG  1 
ATOM   450  C  CD  . LYS A 1 62  ? -15.244 -3.033  -7.795  1.00 91.69  ? 62  LYS A CD  1 
ATOM   451  C  CE  . LYS A 1 62  ? -15.260 -3.696  -9.162  1.00 87.59  ? 62  LYS A CE  1 
ATOM   452  N  NZ  . LYS A 1 62  ? -14.339 -4.864  -9.225  1.00 110.61 ? 62  LYS A NZ  1 
ATOM   453  N  N   . PRO A 1 63  ? -18.329 0.987   -4.369  1.00 71.81  ? 63  PRO A N   1 
ATOM   454  C  CA  . PRO A 1 63  ? -18.396 1.614   -3.038  1.00 57.00  ? 63  PRO A CA  1 
ATOM   455  C  C   . PRO A 1 63  ? -18.121 0.667   -1.880  1.00 68.00  ? 63  PRO A C   1 
ATOM   456  O  O   . PRO A 1 63  ? -17.999 1.145   -0.743  1.00 66.71  ? 63  PRO A O   1 
ATOM   457  C  CB  . PRO A 1 63  ? -19.834 2.151   -2.971  1.00 57.00  ? 63  PRO A CB  1 
ATOM   458  C  CG  . PRO A 1 63  ? -20.305 2.194   -4.391  1.00 71.51  ? 63  PRO A CG  1 
ATOM   459  C  CD  . PRO A 1 63  ? -19.609 1.071   -5.090  1.00 54.10  ? 63  PRO A CD  1 
ATOM   460  N  N   . TYR A 1 64  ? -18.017 -0.645  -2.110  1.00 58.51  ? 64  TYR A N   1 
ATOM   461  C  CA  . TYR A 1 64  ? -17.773 -1.545  -0.988  1.00 68.64  ? 64  TYR A CA  1 
ATOM   462  C  C   . TYR A 1 64  ? -16.381 -1.364  -0.395  1.00 67.26  ? 64  TYR A C   1 
ATOM   463  O  O   . TYR A 1 64  ? -16.148 -1.790  0.742   1.00 76.93  ? 64  TYR A O   1 
ATOM   464  C  CB  . TYR A 1 64  ? -17.992 -3.006  -1.401  1.00 64.70  ? 64  TYR A CB  1 
ATOM   465  C  CG  . TYR A 1 64  ? -16.965 -3.585  -2.350  1.00 74.95  ? 64  TYR A CG  1 
ATOM   466  C  CD1 . TYR A 1 64  ? -15.774 -4.125  -1.877  1.00 80.25  ? 64  TYR A CD1 1 
ATOM   467  C  CD2 . TYR A 1 64  ? -17.203 -3.627  -3.719  1.00 90.34  ? 64  TYR A CD2 1 
ATOM   468  C  CE1 . TYR A 1 64  ? -14.838 -4.663  -2.740  1.00 79.62  ? 64  TYR A CE1 1 
ATOM   469  C  CE2 . TYR A 1 64  ? -16.273 -4.169  -4.589  1.00 84.54  ? 64  TYR A CE2 1 
ATOM   470  C  CZ  . TYR A 1 64  ? -15.093 -4.683  -4.094  1.00 87.94  ? 64  TYR A CZ  1 
ATOM   471  O  OH  . TYR A 1 64  ? -14.164 -5.222  -4.954  1.00 85.95  ? 64  TYR A OH  1 
ATOM   472  N  N   . TYR A 1 65  ? -15.456 -0.742  -1.131  1.00 66.95  ? 65  TYR A N   1 
ATOM   473  C  CA  . TYR A 1 65  ? -14.155 -0.424  -0.554  1.00 70.93  ? 65  TYR A CA  1 
ATOM   474  C  C   . TYR A 1 65  ? -14.296 0.553   0.607   1.00 59.23  ? 65  TYR A C   1 
ATOM   475  O  O   . TYR A 1 65  ? -13.573 0.450   1.604   1.00 65.16  ? 65  TYR A O   1 
ATOM   476  C  CB  . TYR A 1 65  ? -13.225 0.151   -1.622  1.00 70.84  ? 65  TYR A CB  1 
ATOM   477  C  CG  . TYR A 1 65  ? -12.735 -0.862  -2.632  1.00 60.27  ? 65  TYR A CG  1 
ATOM   478  C  CD1 . TYR A 1 65  ? -11.688 -1.721  -2.328  1.00 64.92  ? 65  TYR A CD1 1 
ATOM   479  C  CD2 . TYR A 1 65  ? -13.311 -0.950  -3.893  1.00 67.30  ? 65  TYR A CD2 1 
ATOM   480  C  CE1 . TYR A 1 65  ? -11.231 -2.647  -3.248  1.00 66.99  ? 65  TYR A CE1 1 
ATOM   481  C  CE2 . TYR A 1 65  ? -12.863 -1.873  -4.819  1.00 71.88  ? 65  TYR A CE2 1 
ATOM   482  C  CZ  . TYR A 1 65  ? -11.822 -2.718  -4.490  1.00 81.28  ? 65  TYR A CZ  1 
ATOM   483  O  OH  . TYR A 1 65  ? -11.370 -3.638  -5.409  1.00 82.66  ? 65  TYR A OH  1 
ATOM   484  N  N   . LEU A 1 66  ? -15.229 1.504   0.497   1.00 65.77  ? 66  LEU A N   1 
ATOM   485  C  CA  . LEU A 1 66  ? -15.439 2.466   1.574   1.00 71.07  ? 66  LEU A CA  1 
ATOM   486  C  C   . LEU A 1 66  ? -15.910 1.775   2.847   1.00 66.41  ? 66  LEU A C   1 
ATOM   487  O  O   . LEU A 1 66  ? -15.445 2.096   3.947   1.00 70.15  ? 66  LEU A O   1 
ATOM   488  C  CB  . LEU A 1 66  ? -16.443 3.532   1.138   1.00 62.30  ? 66  LEU A CB  1 
ATOM   489  C  CG  . LEU A 1 66  ? -16.035 4.393   -0.061  1.00 73.37  ? 66  LEU A CG  1 
ATOM   490  C  CD1 . LEU A 1 66  ? -17.135 5.386   -0.418  1.00 60.30  ? 66  LEU A CD1 1 
ATOM   491  C  CD2 . LEU A 1 66  ? -14.724 5.114   0.221   1.00 68.43  ? 66  LEU A CD2 1 
ATOM   492  N  N   . TYR A 1 67  ? -16.838 0.822   2.717   1.00 72.55  ? 67  TYR A N   1 
ATOM   493  C  CA  . TYR A 1 67  ? -17.279 0.056   3.876   1.00 80.35  ? 67  TYR A CA  1 
ATOM   494  C  C   . TYR A 1 67  ? -16.158 -0.819  4.420   1.00 73.88  ? 67  TYR A C   1 
ATOM   495  O  O   . TYR A 1 67  ? -16.111 -1.088  5.627   1.00 64.97  ? 67  TYR A O   1 
ATOM   496  C  CB  . TYR A 1 67  ? -18.495 -0.794  3.504   1.00 71.76  ? 67  TYR A CB  1 
ATOM   497  C  CG  . TYR A 1 67  ? -19.680 0.022   3.032   1.00 74.44  ? 67  TYR A CG  1 
ATOM   498  C  CD1 . TYR A 1 67  ? -20.464 -0.406  1.969   1.00 76.70  ? 67  TYR A CD1 1 
ATOM   499  C  CD2 . TYR A 1 67  ? -20.012 1.219   3.652   1.00 91.18  ? 67  TYR A CD2 1 
ATOM   500  C  CE1 . TYR A 1 67  ? -21.546 0.338   1.536   1.00 87.12  ? 67  TYR A CE1 1 
ATOM   501  C  CE2 . TYR A 1 67  ? -21.093 1.969   3.226   1.00 97.94  ? 67  TYR A CE2 1 
ATOM   502  C  CZ  . TYR A 1 67  ? -21.856 1.524   2.167   1.00 92.77  ? 67  TYR A CZ  1 
ATOM   503  O  OH  . TYR A 1 67  ? -22.933 2.267   1.740   1.00 97.31  ? 67  TYR A OH  1 
ATOM   504  N  N   . VAL A 1 68  ? -15.250 -1.267  3.551   1.00 63.05  ? 68  VAL A N   1 
ATOM   505  C  CA  . VAL A 1 68  ? -14.084 -2.018  4.004   1.00 57.76  ? 68  VAL A CA  1 
ATOM   506  C  C   . VAL A 1 68  ? -13.163 -1.129  4.834   1.00 74.70  ? 68  VAL A C   1 
ATOM   507  O  O   . VAL A 1 68  ? -12.641 -1.551  5.875   1.00 70.99  ? 68  VAL A O   1 
ATOM   508  C  CB  . VAL A 1 68  ? -13.356 -2.631  2.794   1.00 72.62  ? 68  VAL A CB  1 
ATOM   509  C  CG1 . VAL A 1 68  ? -11.934 -3.009  3.158   1.00 66.46  ? 68  VAL A CG1 1 
ATOM   510  C  CG2 . VAL A 1 68  ? -14.116 -3.844  2.280   1.00 72.20  ? 68  VAL A CG2 1 
ATOM   511  N  N   . ILE A 1 69  ? -12.956 0.116   4.396   1.00 68.13  ? 69  ILE A N   1 
ATOM   512  C  CA  . ILE A 1 69  ? -12.095 1.034   5.138   1.00 68.79  ? 69  ILE A CA  1 
ATOM   513  C  C   . ILE A 1 69  ? -12.719 1.380   6.483   1.00 71.39  ? 69  ILE A C   1 
ATOM   514  O  O   . ILE A 1 69  ? -12.044 1.379   7.519   1.00 67.85  ? 69  ILE A O   1 
ATOM   515  C  CB  . ILE A 1 69  ? -11.820 2.301   4.310   1.00 63.58  ? 69  ILE A CB  1 
ATOM   516  C  CG1 . ILE A 1 69  ? -11.110 1.942   3.007   1.00 60.79  ? 69  ILE A CG1 1 
ATOM   517  C  CG2 . ILE A 1 69  ? -10.996 3.296   5.117   1.00 61.47  ? 69  ILE A CG2 1 
ATOM   518  C  CD1 . ILE A 1 69  ? -11.226 3.005   1.952   1.00 67.59  ? 69  ILE A CD1 1 
ATOM   519  N  N   . LEU A 1 70  ? -14.019 1.689   6.485   1.00 74.60  ? 70  LEU A N   1 
ATOM   520  C  CA  . LEU A 1 70  ? -14.687 2.063   7.726   1.00 75.03  ? 70  LEU A CA  1 
ATOM   521  C  C   . LEU A 1 70  ? -14.710 0.902   8.711   1.00 74.28  ? 70  LEU A C   1 
ATOM   522  O  O   . LEU A 1 70  ? -14.584 1.104   9.924   1.00 73.54  ? 70  LEU A O   1 
ATOM   523  C  CB  . LEU A 1 70  ? -16.107 2.546   7.426   1.00 71.31  ? 70  LEU A CB  1 
ATOM   524  C  CG  . LEU A 1 70  ? -16.927 3.046   8.615   1.00 74.54  ? 70  LEU A CG  1 
ATOM   525  C  CD1 . LEU A 1 70  ? -16.277 4.271   9.240   1.00 71.93  ? 70  LEU A CD1 1 
ATOM   526  C  CD2 . LEU A 1 70  ? -18.356 3.347   8.190   1.00 68.87  ? 70  LEU A CD2 1 
ATOM   527  N  N   . ALA A 1 71  ? -14.861 -0.325  8.206   1.00 71.37  ? 71  ALA A N   1 
ATOM   528  C  CA  . ALA A 1 71  ? -14.858 -1.490  9.084   1.00 69.90  ? 71  ALA A CA  1 
ATOM   529  C  C   . ALA A 1 71  ? -13.476 -1.730  9.678   1.00 78.97  ? 71  ALA A C   1 
ATOM   530  O  O   . ALA A 1 71  ? -13.354 -2.074  10.860  1.00 78.77  ? 71  ALA A O   1 
ATOM   531  C  CB  . ALA A 1 71  ? -15.338 -2.725  8.323   1.00 64.24  ? 71  ALA A CB  1 
ATOM   532  N  N   . THR A 1 72  ? -12.423 -1.559  8.873   1.00 75.89  ? 72  THR A N   1 
ATOM   533  C  CA  . THR A 1 72  ? -11.068 -1.717  9.390   1.00 67.07  ? 72  THR A CA  1 
ATOM   534  C  C   . THR A 1 72  ? -10.743 -0.642  10.422  1.00 67.57  ? 72  THR A C   1 
ATOM   535  O  O   . THR A 1 72  ? -10.135 -0.935  11.458  1.00 73.04  ? 72  THR A O   1 
ATOM   536  C  CB  . THR A 1 72  ? -10.058 -1.683  8.242   1.00 67.66  ? 72  THR A CB  1 
ATOM   537  O  OG1 . THR A 1 72  ? -10.342 -2.744  7.322   1.00 71.38  ? 72  THR A OG1 1 
ATOM   538  C  CG2 . THR A 1 72  ? -8.638  -1.841  8.767   1.00 66.72  ? 72  THR A CG2 1 
ATOM   539  N  N   . ALA A 1 73  ? -11.152 0.603   10.164  1.00 64.83  ? 73  ALA A N   1 
ATOM   540  C  CA  . ALA A 1 73  ? -10.878 1.679   11.110  1.00 74.87  ? 73  ALA A CA  1 
ATOM   541  C  C   . ALA A 1 73  ? -11.635 1.476   12.418  1.00 76.76  ? 73  ALA A C   1 
ATOM   542  O  O   . ALA A 1 73  ? -11.077 1.683   13.501  1.00 72.07  ? 73  ALA A O   1 
ATOM   543  C  CB  . ALA A 1 73  ? -11.234 3.029   10.489  1.00 64.66  ? 73  ALA A CB  1 
ATOM   544  N  N   . ILE A 1 74  ? -12.901 1.064   12.336  1.00 76.27  ? 74  ILE A N   1 
ATOM   545  C  CA  . ILE A 1 74  ? -13.701 0.873   13.542  1.00 82.62  ? 74  ILE A CA  1 
ATOM   546  C  C   . ILE A 1 74  ? -13.163 -0.291  14.367  1.00 80.87  ? 74  ILE A C   1 
ATOM   547  O  O   . ILE A 1 74  ? -13.073 -0.206  15.599  1.00 73.93  ? 74  ILE A O   1 
ATOM   548  C  CB  . ILE A 1 74  ? -15.183 0.679   13.169  1.00 83.08  ? 74  ILE A CB  1 
ATOM   549  C  CG1 . ILE A 1 74  ? -15.791 2.006   12.707  1.00 78.24  ? 74  ILE A CG1 1 
ATOM   550  C  CG2 . ILE A 1 74  ? -15.969 0.112   14.343  1.00 80.22  ? 74  ILE A CG2 1 
ATOM   551  C  CD1 . ILE A 1 74  ? -17.243 1.904   12.294  1.00 80.00  ? 74  ILE A CD1 1 
ATOM   552  N  N   . LEU A 1 75  ? -12.784 -1.390  13.707  1.00 83.12  ? 75  LEU A N   1 
ATOM   553  C  CA  . LEU A 1 75  ? -12.218 -2.525  14.429  1.00 78.45  ? 75  LEU A CA  1 
ATOM   554  C  C   . LEU A 1 75  ? -10.904 -2.152  15.104  1.00 89.34  ? 75  LEU A C   1 
ATOM   555  O  O   . LEU A 1 75  ? -10.609 -2.622  16.209  1.00 87.23  ? 75  LEU A O   1 
ATOM   556  C  CB  . LEU A 1 75  ? -12.015 -3.709  13.483  1.00 73.55  ? 75  LEU A CB  1 
ATOM   557  C  CG  . LEU A 1 75  ? -13.266 -4.512  13.116  1.00 95.42  ? 75  LEU A CG  1 
ATOM   558  C  CD1 . LEU A 1 75  ? -12.921 -5.662  12.179  1.00 85.09  ? 75  LEU A CD1 1 
ATOM   559  C  CD2 . LEU A 1 75  ? -13.953 -5.025  14.371  1.00 93.47  ? 75  LEU A CD2 1 
ATOM   560  N  N   . THR A 1 76  ? -10.099 -1.310  14.452  1.00 83.79  ? 76  THR A N   1 
ATOM   561  C  CA  . THR A 1 76  ? -8.852  -0.861  15.064  1.00 87.02  ? 76  THR A CA  1 
ATOM   562  C  C   . THR A 1 76  ? -9.115  -0.016  16.305  1.00 81.49  ? 76  THR A C   1 
ATOM   563  O  O   . THR A 1 76  ? -8.298  -0.008  17.234  1.00 83.62  ? 76  THR A O   1 
ATOM   564  C  CB  . THR A 1 76  ? -8.024  -0.078  14.042  1.00 83.79  ? 76  THR A CB  1 
ATOM   565  O  OG1 . THR A 1 76  ? -7.903  -0.847  12.837  1.00 70.24  ? 76  THR A OG1 1 
ATOM   566  C  CG2 . THR A 1 76  ? -6.631  0.212   14.582  1.00 73.58  ? 76  THR A CG2 1 
ATOM   567  N  N   . ILE A 1 77  ? -10.251 0.679   16.348  1.00 81.28  ? 77  ILE A N   1 
ATOM   568  C  CA  . ILE A 1 77  ? -10.570 1.530   17.489  1.00 89.40  ? 77  ILE A CA  1 
ATOM   569  C  C   . ILE A 1 77  ? -11.007 0.697   18.689  1.00 100.15 ? 77  ILE A C   1 
ATOM   570  O  O   . ILE A 1 77  ? -10.623 0.982   19.829  1.00 90.61  ? 77  ILE A O   1 
ATOM   571  C  CB  . ILE A 1 77  ? -11.644 2.560   17.090  1.00 88.00  ? 77  ILE A CB  1 
ATOM   572  C  CG1 . ILE A 1 77  ? -11.090 3.536   16.051  1.00 83.75  ? 77  ILE A CG1 1 
ATOM   573  C  CG2 . ILE A 1 77  ? -12.157 3.309   18.311  1.00 81.42  ? 77  ILE A CG2 1 
ATOM   574  C  CD1 . ILE A 1 77  ? -12.152 4.369   15.370  1.00 79.50  ? 77  ILE A CD1 1 
ATOM   575  N  N   . VAL A 1 78  ? -11.796 -0.350  18.458  1.00 93.73  ? 78  VAL A N   1 
ATOM   576  C  CA  . VAL A 1 78  ? -12.405 -1.088  19.562  1.00 96.36  ? 78  VAL A CA  1 
ATOM   577  C  C   . VAL A 1 78  ? -11.536 -2.256  20.017  1.00 104.86 ? 78  VAL A C   1 
ATOM   578  O  O   . VAL A 1 78  ? -11.484 -2.564  21.210  1.00 118.44 ? 78  VAL A O   1 
ATOM   579  C  CB  . VAL A 1 78  ? -13.821 -1.558  19.168  1.00 89.34  ? 78  VAL A CB  1 
ATOM   580  C  CG1 . VAL A 1 78  ? -14.740 -0.363  18.972  1.00 83.46  ? 78  VAL A CG1 1 
ATOM   581  C  CG2 . VAL A 1 78  ? -13.778 -2.412  17.911  1.00 94.54  ? 78  VAL A CG2 1 
ATOM   582  N  N   . LEU A 1 79  ? -10.843 -2.929  19.097  1.00 103.87 ? 79  LEU A N   1 
ATOM   583  C  CA  . LEU A 1 79  ? -10.084 -4.120  19.461  1.00 101.03 ? 79  LEU A CA  1 
ATOM   584  C  C   . LEU A 1 79  ? -8.738  -3.807  20.102  1.00 106.85 ? 79  LEU A C   1 
ATOM   585  O  O   . LEU A 1 79  ? -8.117  -4.716  20.667  1.00 122.32 ? 79  LEU A O   1 
ATOM   586  C  CB  . LEU A 1 79  ? -9.860  -5.004  18.231  1.00 94.61  ? 79  LEU A CB  1 
ATOM   587  C  CG  . LEU A 1 79  ? -11.107 -5.581  17.559  1.00 97.43  ? 79  LEU A CG  1 
ATOM   588  C  CD1 . LEU A 1 79  ? -10.717 -6.517  16.425  1.00 95.42  ? 79  LEU A CD1 1 
ATOM   589  C  CD2 . LEU A 1 79  ? -11.987 -6.296  18.572  1.00 98.10  ? 79  LEU A CD2 1 
ATOM   590  N  N   . ILE A 1 80  ? -8.274  -2.563  20.037  1.00 103.85 ? 80  ILE A N   1 
ATOM   591  C  CA  . ILE A 1 80  ? -6.972  -2.175  20.569  1.00 115.80 ? 80  ILE A CA  1 
ATOM   592  C  C   . ILE A 1 80  ? -7.198  -1.219  21.732  1.00 130.00 ? 80  ILE A C   1 
ATOM   593  O  O   . ILE A 1 80  ? -7.867  -0.188  21.581  1.00 129.75 ? 80  ILE A O   1 
ATOM   594  C  CB  . ILE A 1 80  ? -6.090  -1.538  19.486  1.00 107.42 ? 80  ILE A CB  1 
ATOM   595  C  CG1 . ILE A 1 80  ? -5.810  -2.557  18.379  1.00 103.59 ? 80  ILE A CG1 1 
ATOM   596  C  CG2 . ILE A 1 80  ? -4.794  -1.025  20.085  1.00 101.57 ? 80  ILE A CG2 1 
ATOM   597  C  CD1 . ILE A 1 80  ? -5.015  -2.005  17.229  1.00 106.64 ? 80  ILE A CD1 1 
ATOM   598  N  N   . ARG A 1 81  ? -6.640  -1.562  22.893  1.00 139.56 ? 81  ARG A N   1 
ATOM   599  C  CA  . ARG A 1 81  ? -6.815  -0.761  24.098  1.00 146.06 ? 81  ARG A CA  1 
ATOM   600  C  C   . ARG A 1 81  ? -6.042  0.549   24.009  1.00 143.08 ? 81  ARG A C   1 
ATOM   601  O  O   . ARG A 1 81  ? -6.625  1.602   23.733  1.00 147.96 ? 81  ARG A O   1 
ATOM   602  C  CB  . ARG A 1 81  ? -6.378  -1.553  25.333  1.00 156.76 ? 81  ARG A CB  1 
ATOM   603  N  N   . GLN A 1 82  ? -4.729  0.494   24.244  1.00 138.88 ? 82  GLN A N   1 
ATOM   604  C  CA  . GLN A 1 82  ? -3.886  1.681   24.215  1.00 134.62 ? 82  GLN A CA  1 
ATOM   605  C  C   . GLN A 1 82  ? -3.119  1.728   22.901  1.00 120.27 ? 82  GLN A C   1 
ATOM   606  O  O   . GLN A 1 82  ? -2.144  0.979   22.730  1.00 108.17 ? 82  GLN A O   1 
ATOM   607  C  CB  . GLN A 1 82  ? -2.921  1.686   25.404  1.00 124.15 ? 82  GLN A CB  1 
ATOM   608  N  N   . PRO A 1 83  ? -3.505  2.581   21.945  1.00 110.71 ? 83  PRO A N   1 
ATOM   609  C  CA  . PRO A 1 83  ? -2.774  2.632   20.672  1.00 99.59  ? 83  PRO A CA  1 
ATOM   610  C  C   . PRO A 1 83  ? -1.554  3.535   20.696  1.00 100.62 ? 83  PRO A C   1 
ATOM   611  O  O   . PRO A 1 83  ? -0.712  3.426   19.793  1.00 88.55  ? 83  PRO A O   1 
ATOM   612  C  CB  . PRO A 1 83  ? -3.827  3.160   19.680  1.00 103.82 ? 83  PRO A CB  1 
ATOM   613  C  CG  . PRO A 1 83  ? -5.064  3.505   20.516  1.00 105.02 ? 83  PRO A CG  1 
ATOM   614  C  CD  . PRO A 1 83  ? -4.648  3.503   21.951  1.00 112.88 ? 83  PRO A CD  1 
ATOM   615  N  N   . LYS A 1 84  ? -1.431  4.421   21.688  1.00 102.94 ? 84  LYS A N   1 
ATOM   616  C  CA  . LYS A 1 84  ? -0.270  5.302   21.752  1.00 90.02  ? 84  LYS A CA  1 
ATOM   617  C  C   . LYS A 1 84  ? 1.012   4.525   22.021  1.00 82.37  ? 84  LYS A C   1 
ATOM   618  O  O   . LYS A 1 84  ? 2.080   4.907   21.529  1.00 78.26  ? 84  LYS A O   1 
ATOM   619  C  CB  . LYS A 1 84  ? -0.478  6.371   22.824  1.00 82.45  ? 84  LYS A CB  1 
ATOM   620  N  N   . ARG A 1 85  ? 0.931   3.441   22.791  1.00 93.25  ? 85  ARG A N   1 
ATOM   621  C  CA  . ARG A 1 85  ? 2.089   2.621   23.116  1.00 101.48 ? 85  ARG A CA  1 
ATOM   622  C  C   . ARG A 1 85  ? 2.260   1.443   22.164  1.00 88.36  ? 85  ARG A C   1 
ATOM   623  O  O   . ARG A 1 85  ? 2.967   0.485   22.496  1.00 92.74  ? 85  ARG A O   1 
ATOM   624  C  CB  . ARG A 1 85  ? 1.996   2.127   24.563  1.00 103.81 ? 85  ARG A CB  1 
ATOM   625  N  N   . ILE A 1 86  ? 1.633   1.492   20.993  1.00 100.50 ? 86  ILE A N   1 
ATOM   626  C  CA  . ILE A 1 86  ? 1.770   0.404   20.036  1.00 99.19  ? 86  ILE A CA  1 
ATOM   627  C  C   . ILE A 1 86  ? 3.176   0.408   19.438  1.00 95.49  ? 86  ILE A C   1 
ATOM   628  O  O   . ILE A 1 86  ? 3.708   1.472   19.107  1.00 103.05 ? 86  ILE A O   1 
ATOM   629  C  CB  . ILE A 1 86  ? 0.729   0.528   18.926  1.00 99.24  ? 86  ILE A CB  1 
ATOM   630  N  N   . PRO A 1 87  ? 3.801   -0.761  19.291  1.00 90.13  ? 87  PRO A N   1 
ATOM   631  C  CA  . PRO A 1 87  ? 5.167   -0.805  18.756  1.00 82.01  ? 87  PRO A CA  1 
ATOM   632  C  C   . PRO A 1 87  ? 5.229   -0.296  17.324  1.00 94.44  ? 87  PRO A C   1 
ATOM   633  O  O   . PRO A 1 87  ? 4.277   -0.423  16.551  1.00 103.12 ? 87  PRO A O   1 
ATOM   634  C  CB  . PRO A 1 87  ? 5.534   -2.294  18.834  1.00 76.35  ? 87  PRO A CB  1 
ATOM   635  C  CG  . PRO A 1 87  ? 4.587   -2.877  19.836  1.00 84.55  ? 87  PRO A CG  1 
ATOM   636  C  CD  . PRO A 1 87  ? 3.318   -2.092  19.694  1.00 86.08  ? 87  PRO A CD  1 
ATOM   637  N  N   . LYS A 1 88  ? 6.378   0.289   16.974  1.00 103.51 ? 88  LYS A N   1 
ATOM   638  C  CA  . LYS A 1 88  ? 6.566   0.825   15.632  1.00 99.27  ? 88  LYS A CA  1 
ATOM   639  C  C   . LYS A 1 88  ? 6.707   -0.268  14.581  1.00 98.61  ? 88  LYS A C   1 
ATOM   640  O  O   . LYS A 1 88  ? 6.524   0.009   13.391  1.00 91.15  ? 88  LYS A O   1 
ATOM   641  C  CB  . LYS A 1 88  ? 7.793   1.739   15.596  1.00 90.54  ? 88  LYS A CB  1 
ATOM   642  N  N   . ARG A 1 89  ? 7.027   -1.497  14.991  1.00 103.81 ? 89  ARG A N   1 
ATOM   643  C  CA  . ARG A 1 89  ? 7.193   -2.577  14.023  1.00 94.55  ? 89  ARG A CA  1 
ATOM   644  C  C   . ARG A 1 89  ? 5.873   -2.929  13.352  1.00 95.24  ? 89  ARG A C   1 
ATOM   645  O  O   . ARG A 1 89  ? 5.841   -3.229  12.153  1.00 91.13  ? 89  ARG A O   1 
ATOM   646  C  CB  . ARG A 1 89  ? 7.794   -3.806  14.704  1.00 76.68  ? 89  ARG A CB  1 
ATOM   647  N  N   . PHE A 1 90  ? 4.770   -2.896  14.105  1.00 89.83  ? 90  PHE A N   1 
ATOM   648  C  CA  . PHE A 1 90  ? 3.473   -3.230  13.524  1.00 94.12  ? 90  PHE A CA  1 
ATOM   649  C  C   . PHE A 1 90  ? 3.034   -2.200  12.490  1.00 90.03  ? 90  PHE A C   1 
ATOM   650  O  O   . PHE A 1 90  ? 2.330   -2.546  11.534  1.00 87.23  ? 90  PHE A O   1 
ATOM   651  C  CB  . PHE A 1 90  ? 2.422   -3.368  14.626  1.00 98.04  ? 90  PHE A CB  1 
ATOM   652  C  CG  . PHE A 1 90  ? 2.623   -4.569  15.508  1.00 102.50 ? 90  PHE A CG  1 
ATOM   653  C  CD1 . PHE A 1 90  ? 2.262   -5.833  15.070  1.00 106.21 ? 90  PHE A CD1 1 
ATOM   654  C  CD2 . PHE A 1 90  ? 3.168   -4.435  16.775  1.00 94.69  ? 90  PHE A CD2 1 
ATOM   655  C  CE1 . PHE A 1 90  ? 2.444   -6.942  15.877  1.00 106.68 ? 90  PHE A CE1 1 
ATOM   656  C  CE2 . PHE A 1 90  ? 3.351   -5.540  17.586  1.00 99.08  ? 90  PHE A CE2 1 
ATOM   657  C  CZ  . PHE A 1 90  ? 2.989   -6.794  17.137  1.00 103.49 ? 90  PHE A CZ  1 
ATOM   658  N  N   . LEU A 1 91  ? 3.438   -0.939  12.655  1.00 83.60  ? 91  LEU A N   1 
ATOM   659  C  CA  . LEU A 1 91  ? 3.131   0.070   11.645  1.00 81.02  ? 91  LEU A CA  1 
ATOM   660  C  C   . LEU A 1 91  ? 3.918   -0.174  10.364  1.00 87.87  ? 91  LEU A C   1 
ATOM   661  O  O   . LEU A 1 91  ? 3.369   -0.064  9.261   1.00 79.81  ? 91  LEU A O   1 
ATOM   662  C  CB  . LEU A 1 91  ? 3.417   1.469   12.192  1.00 89.82  ? 91  LEU A CB  1 
ATOM   663  C  CG  . LEU A 1 91  ? 2.243   2.192   12.852  1.00 90.40  ? 91  LEU A CG  1 
ATOM   664  C  CD1 . LEU A 1 91  ? 2.684   3.531   13.416  1.00 102.09 ? 91  LEU A CD1 1 
ATOM   665  C  CD2 . LEU A 1 91  ? 1.122   2.382   11.849  1.00 98.74  ? 91  LEU A CD2 1 
ATOM   666  N  N   . LEU A 1 92  ? 5.206   -0.506  10.488  1.00 90.11  ? 92  LEU A N   1 
ATOM   667  C  CA  . LEU A 1 92  ? 6.027   -0.742  9.305   1.00 85.12  ? 92  LEU A CA  1 
ATOM   668  C  C   . LEU A 1 92  ? 5.584   -1.999  8.566   1.00 78.47  ? 92  LEU A C   1 
ATOM   669  O  O   . LEU A 1 92  ? 5.553   -2.017  7.330   1.00 69.90  ? 92  LEU A O   1 
ATOM   670  C  CB  . LEU A 1 92  ? 7.500   -0.844  9.701   1.00 78.22  ? 92  LEU A CB  1 
ATOM   671  C  CG  . LEU A 1 92  ? 8.098   0.370   10.414  1.00 85.60  ? 92  LEU A CG  1 
ATOM   672  C  CD1 . LEU A 1 92  ? 9.578   0.151   10.694  1.00 80.54  ? 92  LEU A CD1 1 
ATOM   673  C  CD2 . LEU A 1 92  ? 7.883   1.633   9.598   1.00 79.40  ? 92  LEU A CD2 1 
ATOM   674  N  N   . ILE A 1 93  ? 5.241   -3.057  9.305   1.00 83.36  ? 93  ILE A N   1 
ATOM   675  C  CA  . ILE A 1 93  ? 4.761   -4.286  8.675   1.00 83.98  ? 93  ILE A CA  1 
ATOM   676  C  C   . ILE A 1 93  ? 3.450   -4.029  7.942   1.00 73.54  ? 93  ILE A C   1 
ATOM   677  O  O   . ILE A 1 93  ? 3.213   -4.568  6.854   1.00 71.55  ? 93  ILE A O   1 
ATOM   678  C  CB  . ILE A 1 93  ? 4.621   -5.403  9.727   1.00 89.00  ? 93  ILE A CB  1 
ATOM   679  C  CG1 . ILE A 1 93  ? 5.994   -5.798  10.276  1.00 91.91  ? 93  ILE A CG1 1 
ATOM   680  C  CG2 . ILE A 1 93  ? 3.922   -6.619  9.140   1.00 67.08  ? 93  ILE A CG2 1 
ATOM   681  C  CD1 . ILE A 1 93  ? 5.936   -6.823  11.392  1.00 86.67  ? 93  ILE A CD1 1 
ATOM   682  N  N   . ALA A 1 94  ? 2.583   -3.195  8.522   1.00 69.95  ? 94  ALA A N   1 
ATOM   683  C  CA  . ALA A 1 94  ? 1.339   -2.828  7.852   1.00 70.97  ? 94  ALA A CA  1 
ATOM   684  C  C   . ALA A 1 94  ? 1.621   -2.112  6.537   1.00 82.44  ? 94  ALA A C   1 
ATOM   685  O  O   . ALA A 1 94  ? 1.178   -2.546  5.470   1.00 67.48  ? 94  ALA A O   1 
ATOM   686  C  CB  . ALA A 1 94  ? 0.479   -1.962  8.776   1.00 67.66  ? 94  ALA A CB  1 
ATOM   687  N  N   . ASP A 1 95  ? 2.384   -1.018  6.592   1.00 75.74  ? 95  ASP A N   1 
ATOM   688  C  CA  . ASP A 1 95  ? 2.748   -0.320  5.367   1.00 71.16  ? 95  ASP A CA  1 
ATOM   689  C  C   . ASP A 1 95  ? 3.501   -1.217  4.393   1.00 75.47  ? 95  ASP A C   1 
ATOM   690  O  O   . ASP A 1 95  ? 3.434   -0.989  3.181   1.00 75.71  ? 95  ASP A O   1 
ATOM   691  C  CB  . ASP A 1 95  ? 3.586   0.916   5.701   1.00 67.99  ? 95  ASP A CB  1 
ATOM   692  C  CG  . ASP A 1 95  ? 3.825   1.803   4.494   1.00 76.13  ? 95  ASP A CG  1 
ATOM   693  O  OD1 . ASP A 1 95  ? 2.918   2.586   4.141   1.00 88.66  ? 95  ASP A OD1 1 
ATOM   694  O  OD2 . ASP A 1 95  ? 4.917   1.713   3.894   1.00 74.49  ? 95  ASP A OD2 1 
ATOM   695  N  N   . ALA A 1 96  ? 4.185   -2.250  4.891   1.00 69.09  ? 96  ALA A N   1 
ATOM   696  C  CA  . ALA A 1 96  ? 4.946   -3.128  4.009   1.00 68.88  ? 96  ALA A CA  1 
ATOM   697  C  C   . ALA A 1 96  ? 4.032   -4.022  3.180   1.00 73.36  ? 96  ALA A C   1 
ATOM   698  O  O   . ALA A 1 96  ? 4.313   -4.282  2.006   1.00 58.37  ? 96  ALA A O   1 
ATOM   699  C  CB  . ALA A 1 96  ? 5.918   -3.978  4.826   1.00 68.85  ? 96  ALA A CB  1 
ATOM   700  N  N   . LEU A 1 97  ? 2.946   -4.518  3.779   1.00 74.66  ? 97  LEU A N   1 
ATOM   701  C  CA  . LEU A 1 97  ? 2.033   -5.398  3.053   1.00 74.84  ? 97  LEU A CA  1 
ATOM   702  C  C   . LEU A 1 97  ? 1.349   -4.658  1.909   1.00 75.94  ? 97  LEU A C   1 
ATOM   703  O  O   . LEU A 1 97  ? 1.347   -5.129  0.765   1.00 70.23  ? 97  LEU A O   1 
ATOM   704  C  CB  . LEU A 1 97  ? 0.997   -5.986  4.011   1.00 77.48  ? 97  LEU A CB  1 
ATOM   705  C  CG  . LEU A 1 97  ? 1.507   -7.012  5.022   1.00 89.06  ? 97  LEU A CG  1 
ATOM   706  C  CD1 . LEU A 1 97  ? 0.400   -7.414  5.983   1.00 94.48  ? 97  LEU A CD1 1 
ATOM   707  C  CD2 . LEU A 1 97  ? 2.060   -8.228  4.298   1.00 70.64  ? 97  LEU A CD2 1 
ATOM   708  N  N   . GLY A 1 98  ? 0.758   -3.497  2.201   1.00 69.52  ? 98  GLY A N   1 
ATOM   709  C  CA  . GLY A 1 98  ? 0.136   -2.710  1.152   1.00 69.69  ? 98  GLY A CA  1 
ATOM   710  C  C   . GLY A 1 98  ? 1.122   -2.217  0.114   1.00 62.41  ? 98  GLY A C   1 
ATOM   711  O  O   . GLY A 1 98  ? 0.759   -2.021  -1.049  1.00 68.31  ? 98  GLY A O   1 
ATOM   712  N  N   . LEU A 1 99  ? 2.379   -2.011  0.514   1.00 68.19  ? 99  LEU A N   1 
ATOM   713  C  CA  . LEU A 1 99  ? 3.397   -1.564  -0.430  1.00 65.31  ? 99  LEU A CA  1 
ATOM   714  C  C   . LEU A 1 99  ? 3.678   -2.629  -1.481  1.00 65.30  ? 99  LEU A C   1 
ATOM   715  O  O   . LEU A 1 99  ? 3.703   -2.338  -2.681  1.00 68.85  ? 99  LEU A O   1 
ATOM   716  C  CB  . LEU A 1 99  ? 4.677   -1.195  0.318   1.00 59.75  ? 99  LEU A CB  1 
ATOM   717  C  CG  . LEU A 1 99  ? 5.909   -0.887  -0.533  1.00 71.09  ? 99  LEU A CG  1 
ATOM   718  C  CD1 . LEU A 1 99  ? 5.625   0.266   -1.474  1.00 79.69  ? 99  LEU A CD1 1 
ATOM   719  C  CD2 . LEU A 1 99  ? 7.108   -0.577  0.355   1.00 70.20  ? 99  LEU A CD2 1 
ATOM   720  N  N   . ALA A 1 100 ? 3.888   -3.875  -1.047  1.00 57.97  ? 100 ALA A N   1 
ATOM   721  C  CA  . ALA A 1 100 ? 4.198   -4.944  -1.989  1.00 69.40  ? 100 ALA A CA  1 
ATOM   722  C  C   . ALA A 1 100 ? 2.982   -5.314  -2.830  1.00 70.35  ? 100 ALA A C   1 
ATOM   723  O  O   . ALA A 1 100 ? 3.113   -5.616  -4.022  1.00 64.20  ? 100 ALA A O   1 
ATOM   724  C  CB  . ALA A 1 100 ? 4.727   -6.166  -1.240  1.00 61.68  ? 100 ALA A CB  1 
ATOM   725  N  N   . LEU A 1 101 ? 1.792   -5.296  -2.226  1.00 64.61  ? 101 LEU A N   1 
ATOM   726  C  CA  . LEU A 1 101 ? 0.573   -5.631  -2.956  1.00 71.02  ? 101 LEU A CA  1 
ATOM   727  C  C   . LEU A 1 101 ? 0.289   -4.616  -4.056  1.00 69.32  ? 101 LEU A C   1 
ATOM   728  O  O   . LEU A 1 101 ? 0.241   -4.963  -5.242  1.00 70.50  ? 101 LEU A O   1 
ATOM   729  C  CB  . LEU A 1 101 ? -0.607  -5.712  -1.988  1.00 66.84  ? 101 LEU A CB  1 
ATOM   730  C  CG  . LEU A 1 101 ? -0.673  -6.936  -1.078  1.00 86.99  ? 101 LEU A CG  1 
ATOM   731  C  CD1 . LEU A 1 101 ? -1.610  -6.666  0.083   1.00 85.09  ? 101 LEU A CD1 1 
ATOM   732  C  CD2 . LEU A 1 101 ? -1.131  -8.154  -1.865  1.00 81.37  ? 101 LEU A CD2 1 
ATOM   733  N  N   . PHE A 1 102 ? 0.095   -3.350  -3.678  1.00 62.66  ? 102 PHE A N   1 
ATOM   734  C  CA  . PHE A 1 102 ? -0.331  -2.343  -4.641  1.00 68.64  ? 102 PHE A CA  1 
ATOM   735  C  C   . PHE A 1 102 ? 0.752   -2.005  -5.657  1.00 61.21  ? 102 PHE A C   1 
ATOM   736  O  O   . PHE A 1 102 ? 0.430   -1.495  -6.735  1.00 70.19  ? 102 PHE A O   1 
ATOM   737  C  CB  . PHE A 1 102 ? -0.790  -1.082  -3.909  1.00 62.38  ? 102 PHE A CB  1 
ATOM   738  C  CG  . PHE A 1 102 ? -2.161  -1.203  -3.292  1.00 69.87  ? 102 PHE A CG  1 
ATOM   739  C  CD1 . PHE A 1 102 ? -2.639  -0.229  -2.430  1.00 80.97  ? 102 PHE A CD1 1 
ATOM   740  C  CD2 . PHE A 1 102 ? -2.973  -2.288  -3.581  1.00 84.43  ? 102 PHE A CD2 1 
ATOM   741  C  CE1 . PHE A 1 102 ? -3.899  -0.339  -1.863  1.00 78.28  ? 102 PHE A CE1 1 
ATOM   742  C  CE2 . PHE A 1 102 ? -4.232  -2.402  -3.019  1.00 82.66  ? 102 PHE A CE2 1 
ATOM   743  C  CZ  . PHE A 1 102 ? -4.695  -1.426  -2.159  1.00 78.20  ? 102 PHE A CZ  1 
ATOM   744  N  N   . ALA A 1 103 ? 2.023   -2.277  -5.347  1.00 63.08  ? 103 ALA A N   1 
ATOM   745  C  CA  . ALA A 1 103 ? 3.067   -2.082  -6.347  1.00 62.56  ? 103 ALA A CA  1 
ATOM   746  C  C   . ALA A 1 103 ? 2.920   -3.060  -7.505  1.00 66.05  ? 103 ALA A C   1 
ATOM   747  O  O   . ALA A 1 103 ? 3.217   -2.708  -8.652  1.00 67.95  ? 103 ALA A O   1 
ATOM   748  C  CB  . ALA A 1 103 ? 4.452   -2.222  -5.718  1.00 61.14  ? 103 ALA A CB  1 
ATOM   749  N  N   . VAL A 1 104 ? 2.460   -4.280  -7.231  1.00 62.97  ? 104 VAL A N   1 
ATOM   750  C  CA  . VAL A 1 104 ? 2.225   -5.259  -8.286  1.00 61.75  ? 104 VAL A CA  1 
ATOM   751  C  C   . VAL A 1 104 ? 0.851   -5.076  -8.914  1.00 54.22  ? 104 VAL A C   1 
ATOM   752  O  O   . VAL A 1 104 ? 0.722   -5.077  -10.139 1.00 63.00  ? 104 VAL A O   1 
ATOM   753  C  CB  . VAL A 1 104 ? 2.409   -6.683  -7.727  1.00 71.48  ? 104 VAL A CB  1 
ATOM   754  C  CG1 . VAL A 1 104 ? 2.165   -7.717  -8.812  1.00 65.39  ? 104 VAL A CG1 1 
ATOM   755  C  CG2 . VAL A 1 104 ? 3.804   -6.842  -7.134  1.00 61.06  ? 104 VAL A CG2 1 
ATOM   756  N  N   . LEU A 1 105 ? -0.189  -4.906  -8.093  1.00 60.31  ? 105 LEU A N   1 
ATOM   757  C  CA  . LEU A 1 105 ? -1.533  -4.725  -8.633  1.00 65.42  ? 105 LEU A CA  1 
ATOM   758  C  C   . LEU A 1 105 ? -1.636  -3.441  -9.445  1.00 65.30  ? 105 LEU A C   1 
ATOM   759  O  O   . LEU A 1 105 ? -2.332  -3.402  -10.468 1.00 65.28  ? 105 LEU A O   1 
ATOM   760  C  CB  . LEU A 1 105 ? -2.560  -4.723  -7.502  1.00 54.41  ? 105 LEU A CB  1 
ATOM   761  C  CG  . LEU A 1 105 ? -2.572  -5.930  -6.561  1.00 80.96  ? 105 LEU A CG  1 
ATOM   762  C  CD1 . LEU A 1 105 ? -3.736  -5.839  -5.582  1.00 89.71  ? 105 LEU A CD1 1 
ATOM   763  C  CD2 . LEU A 1 105 ? -2.625  -7.230  -7.342  1.00 74.52  ? 105 LEU A CD2 1 
ATOM   764  N  N   . GLY A 1 106 ? -0.954  -2.382  -9.006  1.00 62.09  ? 106 GLY A N   1 
ATOM   765  C  CA  . GLY A 1 106 ? -0.981  -1.138  -9.758  1.00 64.35  ? 106 GLY A CA  1 
ATOM   766  C  C   . GLY A 1 106 ? -0.323  -1.265  -11.118 1.00 57.68  ? 106 GLY A C   1 
ATOM   767  O  O   . GLY A 1 106 ? -0.824  -0.733  -12.112 1.00 53.25  ? 106 GLY A O   1 
ATOM   768  N  N   . THR A 1 107 ? 0.810   -1.972  -11.182 1.00 57.63  ? 107 THR A N   1 
ATOM   769  C  CA  . THR A 1 107 ? 1.458   -2.219  -12.465 1.00 60.60  ? 107 THR A CA  1 
ATOM   770  C  C   . THR A 1 107 ? 0.600   -3.115  -13.351 1.00 60.11  ? 107 THR A C   1 
ATOM   771  O  O   . THR A 1 107 ? 0.479   -2.873  -14.558 1.00 64.21  ? 107 THR A O   1 
ATOM   772  C  CB  . THR A 1 107 ? 2.835   -2.850  -12.256 1.00 65.86  ? 107 THR A CB  1 
ATOM   773  O  OG1 . THR A 1 107 ? 3.631   -2.010  -11.411 1.00 61.90  ? 107 THR A OG1 1 
ATOM   774  C  CG2 . THR A 1 107 ? 3.548   -3.039  -13.591 1.00 63.92  ? 107 THR A CG2 1 
ATOM   775  N  N   . GLN A 1 108 ? -0.002  -4.154  -12.769 1.00 58.73  ? 108 GLN A N   1 
ATOM   776  C  CA  . GLN A 1 108 ? -0.852  -5.053  -13.545 1.00 62.09  ? 108 GLN A CA  1 
ATOM   777  C  C   . GLN A 1 108 ? -2.075  -4.321  -14.083 1.00 61.36  ? 108 GLN A C   1 
ATOM   778  O  O   . GLN A 1 108 ? -2.429  -4.463  -15.258 1.00 58.75  ? 108 GLN A O   1 
ATOM   779  C  CB  . GLN A 1 108 ? -1.262  -6.252  -12.689 1.00 63.13  ? 108 GLN A CB  1 
ATOM   780  C  CG  . GLN A 1 108 ? -2.452  -7.040  -13.221 1.00 77.15  ? 108 GLN A CG  1 
ATOM   781  C  CD  . GLN A 1 108 ? -3.776  -6.560  -12.651 1.00 77.27  ? 108 GLN A CD  1 
ATOM   782  O  OE1 . GLN A 1 108 ? -3.841  -6.082  -11.516 1.00 83.01  ? 108 GLN A OE1 1 
ATOM   783  N  NE2 . GLN A 1 108 ? -4.838  -6.677  -13.438 1.00 73.26  ? 108 GLN A NE2 1 
ATOM   784  N  N   . LYS A 1 109 ? -2.729  -3.522  -13.235 1.00 67.79  ? 109 LYS A N   1 
ATOM   785  C  CA  . LYS A 1 109 ? -3.920  -2.801  -13.674 1.00 58.72  ? 109 LYS A CA  1 
ATOM   786  C  C   . LYS A 1 109 ? -3.585  -1.790  -14.763 1.00 60.41  ? 109 LYS A C   1 
ATOM   787  O  O   . LYS A 1 109 ? -4.365  -1.597  -15.702 1.00 67.23  ? 109 LYS A O   1 
ATOM   788  C  CB  . LYS A 1 109 ? -4.585  -2.112  -12.484 1.00 59.91  ? 109 LYS A CB  1 
ATOM   789  C  CG  . LYS A 1 109 ? -5.899  -1.419  -12.818 1.00 56.77  ? 109 LYS A CG  1 
ATOM   790  C  CD  . LYS A 1 109 ? -6.501  -0.742  -11.594 1.00 63.63  ? 109 LYS A CD  1 
ATOM   791  C  CE  . LYS A 1 109 ? -7.835  -0.093  -11.931 1.00 52.34  ? 109 LYS A CE  1 
ATOM   792  N  NZ  . LYS A 1 109 ? -8.486  0.517   -10.737 1.00 62.02  ? 109 LYS A NZ  1 
ATOM   793  N  N   . ALA A 1 110 ? -2.421  -1.141  -14.664 1.00 64.52  ? 110 ALA A N   1 
ATOM   794  C  CA  . ALA A 1 110 ? -2.036  -0.165  -15.678 1.00 57.88  ? 110 ALA A CA  1 
ATOM   795  C  C   . ALA A 1 110 ? -1.665  -0.843  -16.990 1.00 58.48  ? 110 ALA A C   1 
ATOM   796  O  O   . ALA A 1 110 ? -2.013  -0.350  -18.069 1.00 59.09  ? 110 ALA A O   1 
ATOM   797  C  CB  . ALA A 1 110 ? -0.876  0.693   -15.171 1.00 58.94  ? 110 ALA A CB  1 
ATOM   798  N  N   . LEU A 1 111 ? -0.958  -1.974  -16.918 1.00 60.14  ? 111 LEU A N   1 
ATOM   799  C  CA  . LEU A 1 111 ? -0.510  -2.644  -18.136 1.00 57.96  ? 111 LEU A CA  1 
ATOM   800  C  C   . LEU A 1 111 ? -1.693  -3.136  -18.962 1.00 71.83  ? 111 LEU A C   1 
ATOM   801  O  O   . LEU A 1 111 ? -1.710  -2.986  -20.191 1.00 56.49  ? 111 LEU A O   1 
ATOM   802  C  CB  . LEU A 1 111 ? 0.416   -3.809  -17.787 1.00 64.93  ? 111 LEU A CB  1 
ATOM   803  C  CG  . LEU A 1 111 ? 1.186   -4.431  -18.954 1.00 72.64  ? 111 LEU A CG  1 
ATOM   804  C  CD1 . LEU A 1 111 ? 2.299   -3.497  -19.407 1.00 63.61  ? 111 LEU A CD1 1 
ATOM   805  C  CD2 . LEU A 1 111 ? 1.743   -5.799  -18.576 1.00 77.02  ? 111 LEU A CD2 1 
ATOM   806  N  N   . TYR A 1 112 ? -2.691  -3.724  -18.309 1.00 65.63  ? 112 TYR A N   1 
ATOM   807  C  CA  . TYR A 1 112 ? -3.865  -4.217  -19.016 1.00 65.52  ? 112 TYR A CA  1 
ATOM   808  C  C   . TYR A 1 112 ? -4.853  -3.113  -19.367 1.00 67.68  ? 112 TYR A C   1 
ATOM   809  O  O   . TYR A 1 112 ? -5.874  -3.399  -20.004 1.00 69.56  ? 112 TYR A O   1 
ATOM   810  C  CB  . TYR A 1 112 ? -4.553  -5.306  -18.188 1.00 67.37  ? 112 TYR A CB  1 
ATOM   811  C  CG  . TYR A 1 112 ? -3.779  -6.603  -18.170 1.00 73.67  ? 112 TYR A CG  1 
ATOM   812  C  CD1 . TYR A 1 112 ? -3.876  -7.504  -19.224 1.00 75.30  ? 112 TYR A CD1 1 
ATOM   813  C  CD2 . TYR A 1 112 ? -2.944  -6.923  -17.110 1.00 68.84  ? 112 TYR A CD2 1 
ATOM   814  C  CE1 . TYR A 1 112 ? -3.168  -8.689  -19.219 1.00 84.16  ? 112 TYR A CE1 1 
ATOM   815  C  CE2 . TYR A 1 112 ? -2.229  -8.107  -17.095 1.00 81.20  ? 112 TYR A CE2 1 
ATOM   816  C  CZ  . TYR A 1 112 ? -2.346  -8.987  -18.152 1.00 85.70  ? 112 TYR A CZ  1 
ATOM   817  O  OH  . TYR A 1 112 ? -1.639  -10.167 -18.141 1.00 75.11  ? 112 TYR A OH  1 
ATOM   818  N  N   . LEU A 1 113 ? -4.581  -1.871  -18.975 1.00 69.45  ? 113 LEU A N   1 
ATOM   819  C  CA  . LEU A 1 113 ? -5.359  -0.720  -19.410 1.00 62.66  ? 113 LEU A CA  1 
ATOM   820  C  C   . LEU A 1 113 ? -4.686  0.031   -20.549 1.00 60.21  ? 113 LEU A C   1 
ATOM   821  O  O   . LEU A 1 113 ? -5.165  1.098   -20.947 1.00 67.51  ? 113 LEU A O   1 
ATOM   822  C  CB  . LEU A 1 113 ? -5.614  0.225   -18.235 1.00 59.63  ? 113 LEU A CB  1 
ATOM   823  C  CG  . LEU A 1 113 ? -6.762  -0.176  -17.309 1.00 71.69  ? 113 LEU A CG  1 
ATOM   824  C  CD1 . LEU A 1 113 ? -6.912  0.825   -16.176 1.00 61.03  ? 113 LEU A CD1 1 
ATOM   825  C  CD2 . LEU A 1 113 ? -8.058  -0.303  -18.099 1.00 55.12  ? 113 LEU A CD2 1 
ATOM   826  N  N   . GLY A 1 114 ? -3.586  -0.498  -21.078 1.00 57.19  ? 114 GLY A N   1 
ATOM   827  C  CA  . GLY A 1 114 ? -2.917  0.089   -22.218 1.00 61.64  ? 114 GLY A CA  1 
ATOM   828  C  C   . GLY A 1 114 ? -1.670  0.884   -21.907 1.00 56.88  ? 114 GLY A C   1 
ATOM   829  O  O   . GLY A 1 114 ? -1.043  1.401   -22.841 1.00 62.20  ? 114 GLY A O   1 
ATOM   830  N  N   . ALA A 1 115 ? -1.287  0.996   -20.639 1.00 54.29  ? 115 ALA A N   1 
ATOM   831  C  CA  . ALA A 1 115 ? -0.107  1.773   -20.293 1.00 66.08  ? 115 ALA A CA  1 
ATOM   832  C  C   . ALA A 1 115 ? 1.160   1.032   -20.719 1.00 67.32  ? 115 ALA A C   1 
ATOM   833  O  O   . ALA A 1 115 ? 1.239   -0.196  -20.597 1.00 64.05  ? 115 ALA A O   1 
ATOM   834  C  CB  . ALA A 1 115 ? -0.073  2.064   -18.792 1.00 60.88  ? 115 ALA A CB  1 
ATOM   835  N  N   . PRO A 1 116 ? 2.153   1.744   -21.250 1.00 65.14  ? 116 PRO A N   1 
ATOM   836  C  CA  . PRO A 1 116 ? 3.420   1.107   -21.633 1.00 60.96  ? 116 PRO A CA  1 
ATOM   837  C  C   . PRO A 1 116 ? 4.138   0.527   -20.428 1.00 64.93  ? 116 PRO A C   1 
ATOM   838  O  O   . PRO A 1 116 ? 3.731   0.731   -19.280 1.00 72.97  ? 116 PRO A O   1 
ATOM   839  C  CB  . PRO A 1 116 ? 4.218   2.254   -22.258 1.00 67.64  ? 116 PRO A CB  1 
ATOM   840  C  CG  . PRO A 1 116 ? 3.184   3.238   -22.703 1.00 56.64  ? 116 PRO A CG  1 
ATOM   841  C  CD  . PRO A 1 116 ? 2.070   3.144   -21.704 1.00 57.43  ? 116 PRO A CD  1 
ATOM   842  N  N   . ILE A 1 117 ? 5.216   -0.226  -20.713 1.00 68.12  ? 117 ILE A N   1 
ATOM   843  C  CA  . ILE A 1 117 ? 5.954   -0.907  -19.647 1.00 68.85  ? 117 ILE A CA  1 
ATOM   844  C  C   . ILE A 1 117 ? 6.474   0.072   -18.602 1.00 65.59  ? 117 ILE A C   1 
ATOM   845  O  O   . ILE A 1 117 ? 6.143   -0.097  -17.413 1.00 65.59  ? 117 ILE A O   1 
ATOM   846  C  CB  . ILE A 1 117 ? 7.064   -1.786  -20.249 1.00 69.50  ? 117 ILE A CB  1 
ATOM   847  C  CG1 . ILE A 1 117 ? 6.450   -2.971  -21.007 1.00 70.16  ? 117 ILE A CG1 1 
ATOM   848  C  CG2 . ILE A 1 117 ? 7.968   -2.306  -19.153 1.00 57.62  ? 117 ILE A CG2 1 
ATOM   849  C  CD1 . ILE A 1 117 ? 7.442   -3.881  -21.678 1.00 70.36  ? 117 ILE A CD1 1 
ATOM   850  N  N   . PRO A 1 118 ? 7.273   1.096   -18.944 1.00 71.01  ? 118 PRO A N   1 
ATOM   851  C  CA  . PRO A 1 118 ? 7.781   1.980   -17.881 1.00 72.32  ? 118 PRO A CA  1 
ATOM   852  C  C   . PRO A 1 118 ? 6.685   2.765   -17.178 1.00 67.99  ? 118 PRO A C   1 
ATOM   853  O  O   . PRO A 1 118 ? 6.805   3.018   -15.973 1.00 60.63  ? 118 PRO A O   1 
ATOM   854  C  CB  . PRO A 1 118 ? 8.753   2.910   -18.621 1.00 68.92  ? 118 PRO A CB  1 
ATOM   855  C  CG  . PRO A 1 118 ? 8.242   2.953   -20.006 1.00 67.87  ? 118 PRO A CG  1 
ATOM   856  C  CD  . PRO A 1 118 ? 7.697   1.570   -20.281 1.00 59.35  ? 118 PRO A CD  1 
ATOM   857  N  N   . VAL A 1 119 ? 5.635   3.177   -17.894 1.00 53.89  ? 119 VAL A N   1 
ATOM   858  C  CA  . VAL A 1 119 ? 4.516   3.869   -17.261 1.00 59.06  ? 119 VAL A CA  1 
ATOM   859  C  C   . VAL A 1 119 ? 3.806   2.952   -16.269 1.00 59.21  ? 119 VAL A C   1 
ATOM   860  O  O   . VAL A 1 119 ? 3.423   3.377   -15.172 1.00 56.21  ? 119 VAL A O   1 
ATOM   861  C  CB  . VAL A 1 119 ? 3.555   4.397   -18.340 1.00 61.76  ? 119 VAL A CB  1 
ATOM   862  C  CG1 . VAL A 1 119 ? 2.341   5.047   -17.709 1.00 59.79  ? 119 VAL A CG1 1 
ATOM   863  C  CG2 . VAL A 1 119 ? 4.286   5.373   -19.254 1.00 62.29  ? 119 VAL A CG2 1 
ATOM   864  N  N   . ALA A 1 120 ? 3.625   1.679   -16.632 1.00 59.39  ? 120 ALA A N   1 
ATOM   865  C  CA  . ALA A 1 120 ? 2.940   0.750   -15.737 1.00 65.52  ? 120 ALA A CA  1 
ATOM   866  C  C   . ALA A 1 120 ? 3.730   0.529   -14.453 1.00 53.62  ? 120 ALA A C   1 
ATOM   867  O  O   . ALA A 1 120 ? 3.145   0.443   -13.367 1.00 60.09  ? 120 ALA A O   1 
ATOM   868  C  CB  . ALA A 1 120 ? 2.685   -0.580  -16.449 1.00 58.41  ? 120 ALA A CB  1 
ATOM   869  N  N   . VAL A 1 121 ? 5.058   0.440   -14.552 1.00 55.32  ? 121 VAL A N   1 
ATOM   870  C  CA  . VAL A 1 121 ? 5.876   0.231   -13.360 1.00 61.23  ? 121 VAL A CA  1 
ATOM   871  C  C   . VAL A 1 121 ? 5.851   1.468   -12.471 1.00 57.68  ? 121 VAL A C   1 
ATOM   872  O  O   . VAL A 1 121 ? 5.752   1.364   -11.243 1.00 59.83  ? 121 VAL A O   1 
ATOM   873  C  CB  . VAL A 1 121 ? 7.313   -0.157  -13.758 1.00 62.10  ? 121 VAL A CB  1 
ATOM   874  C  CG1 . VAL A 1 121 ? 8.183   -0.327  -12.525 1.00 53.04  ? 121 VAL A CG1 1 
ATOM   875  C  CG2 . VAL A 1 121 ? 7.305   -1.435  -14.586 1.00 60.85  ? 121 VAL A CG2 1 
ATOM   876  N  N   . VAL A 1 122 ? 5.936   2.656   -13.075 1.00 62.43  ? 122 VAL A N   1 
ATOM   877  C  CA  . VAL A 1 122 ? 5.864   3.895   -12.306 1.00 57.35  ? 122 VAL A CA  1 
ATOM   878  C  C   . VAL A 1 122 ? 4.519   4.004   -11.598 1.00 55.98  ? 122 VAL A C   1 
ATOM   879  O  O   . VAL A 1 122 ? 4.452   4.357   -10.413 1.00 64.23  ? 122 VAL A O   1 
ATOM   880  C  CB  . VAL A 1 122 ? 6.129   5.106   -13.222 1.00 63.07  ? 122 VAL A CB  1 
ATOM   881  C  CG1 . VAL A 1 122 ? 5.783   6.406   -12.512 1.00 55.99  ? 122 VAL A CG1 1 
ATOM   882  C  CG2 . VAL A 1 122 ? 7.582   5.116   -13.675 1.00 47.98  ? 122 VAL A CG2 1 
ATOM   883  N  N   . LEU A 1 123 ? 3.429   3.691   -12.304 1.00 58.80  ? 123 LEU A N   1 
ATOM   884  C  CA  . LEU A 1 123 ? 2.105   3.743   -11.691 1.00 59.29  ? 123 LEU A CA  1 
ATOM   885  C  C   . LEU A 1 123 ? 1.959   2.712   -10.578 1.00 60.07  ? 123 LEU A C   1 
ATOM   886  O  O   . LEU A 1 123 ? 1.179   2.916   -9.640  1.00 54.79  ? 123 LEU A O   1 
ATOM   887  C  CB  . LEU A 1 123 ? 1.027   3.540   -12.758 1.00 50.19  ? 123 LEU A CB  1 
ATOM   888  C  CG  . LEU A 1 123 ? 0.831   4.718   -13.715 1.00 66.70  ? 123 LEU A CG  1 
ATOM   889  C  CD1 . LEU A 1 123 ? -0.009  4.313   -14.917 1.00 53.40  ? 123 LEU A CD1 1 
ATOM   890  C  CD2 . LEU A 1 123 ? 0.199   5.894   -12.985 1.00 59.47  ? 123 LEU A CD2 1 
ATOM   891  N  N   . GLY A 1 124 ? 2.693   1.600   -10.662 1.00 52.97  ? 124 GLY A N   1 
ATOM   892  C  CA  . GLY A 1 124 ? 2.672   0.634   -9.577  1.00 53.72  ? 124 GLY A CA  1 
ATOM   893  C  C   . GLY A 1 124 ? 3.363   1.150   -8.328  1.00 68.63  ? 124 GLY A C   1 
ATOM   894  O  O   . GLY A 1 124 ? 2.852   0.993   -7.213  1.00 58.51  ? 124 GLY A O   1 
ATOM   895  N  N   . THR A 1 125 ? 4.528   1.781   -8.494  1.00 57.63  ? 125 THR A N   1 
ATOM   896  C  CA  . THR A 1 125 ? 5.229   2.342   -7.347  1.00 61.75  ? 125 THR A CA  1 
ATOM   897  C  C   . THR A 1 125 ? 4.457   3.497   -6.730  1.00 61.51  ? 125 THR A C   1 
ATOM   898  O  O   . THR A 1 125 ? 4.484   3.670   -5.506  1.00 65.10  ? 125 THR A O   1 
ATOM   899  C  CB  . THR A 1 125 ? 6.628   2.802   -7.753  1.00 65.60  ? 125 THR A CB  1 
ATOM   900  O  OG1 . THR A 1 125 ? 6.521   3.841   -8.736  1.00 82.71  ? 125 THR A OG1 1 
ATOM   901  C  CG2 . THR A 1 125 ? 7.418   1.643   -8.350  1.00 66.17  ? 125 THR A CG2 1 
ATOM   902  N  N   . ILE A 1 126 ? 3.769   4.289   -7.556  1.00 52.11  ? 126 ILE A N   1 
ATOM   903  C  CA  . ILE A 1 126 ? 2.938   5.369   -7.033  1.00 61.19  ? 126 ILE A CA  1 
ATOM   904  C  C   . ILE A 1 126 ? 1.818   4.806   -6.169  1.00 58.99  ? 126 ILE A C   1 
ATOM   905  O  O   . ILE A 1 126 ? 1.535   5.323   -5.083  1.00 56.53  ? 126 ILE A O   1 
ATOM   906  C  CB  . ILE A 1 126 ? 2.392   6.229   -8.189  1.00 70.75  ? 126 ILE A CB  1 
ATOM   907  C  CG1 . ILE A 1 126 ? 3.519   7.047   -8.826  1.00 62.27  ? 126 ILE A CG1 1 
ATOM   908  C  CG2 . ILE A 1 126 ? 1.263   7.141   -7.709  1.00 53.82  ? 126 ILE A CG2 1 
ATOM   909  C  CD1 . ILE A 1 126 ? 3.074   7.882   -10.013 1.00 58.06  ? 126 ILE A CD1 1 
ATOM   910  N  N   . THR A 1 127 ? 1.173   3.731   -6.630  1.00 55.47  ? 127 THR A N   1 
ATOM   911  C  CA  . THR A 1 127 ? 0.082   3.136   -5.862  1.00 59.96  ? 127 THR A CA  1 
ATOM   912  C  C   . THR A 1 127 ? 0.563   2.615   -4.513  1.00 59.53  ? 127 THR A C   1 
ATOM   913  O  O   . THR A 1 127 ? -0.203  2.605   -3.542  1.00 55.26  ? 127 THR A O   1 
ATOM   914  C  CB  . THR A 1 127 ? -0.569  2.001   -6.659  1.00 52.21  ? 127 THR A CB  1 
ATOM   915  O  OG1 . THR A 1 127 ? -0.780  2.423   -8.011  1.00 60.29  ? 127 THR A OG1 1 
ATOM   916  C  CG2 . THR A 1 127 ? -1.905  1.619   -6.042  1.00 57.25  ? 127 THR A CG2 1 
ATOM   917  N  N   . GLY A 1 128 ? 1.820   2.189   -4.431  1.00 55.24  ? 128 GLY A N   1 
ATOM   918  C  CA  . GLY A 1 128 ? 2.336   1.583   -3.219  1.00 65.65  ? 128 GLY A CA  1 
ATOM   919  C  C   . GLY A 1 128 ? 2.878   2.546   -2.182  1.00 59.56  ? 128 GLY A C   1 
ATOM   920  O  O   . GLY A 1 128 ? 2.845   2.244   -0.986  1.00 64.35  ? 128 GLY A O   1 
ATOM   921  N  N   . ILE A 1 129 ? 3.382   3.703   -2.609  1.00 53.57  ? 129 ILE A N   1 
ATOM   922  C  CA  . ILE A 1 129 ? 4.047   4.622   -1.691  1.00 65.56  ? 129 ILE A CA  1 
ATOM   923  C  C   . ILE A 1 129 ? 3.285   5.925   -1.478  1.00 62.83  ? 129 ILE A C   1 
ATOM   924  O  O   . ILE A 1 129 ? 3.525   6.597   -0.464  1.00 60.25  ? 129 ILE A O   1 
ATOM   925  C  CB  . ILE A 1 129 ? 5.491   4.926   -2.146  1.00 64.31  ? 129 ILE A CB  1 
ATOM   926  C  CG1 . ILE A 1 129 ? 5.495   5.875   -3.344  1.00 66.74  ? 129 ILE A CG1 1 
ATOM   927  C  CG2 . ILE A 1 129 ? 6.225   3.645   -2.497  1.00 62.27  ? 129 ILE A CG2 1 
ATOM   928  C  CD1 . ILE A 1 129 ? 6.884   6.234   -3.821  1.00 71.93  ? 129 ILE A CD1 1 
ATOM   929  N  N   . ALA A 1 130 ? 2.384   6.309   -2.387  1.00 65.85  ? 130 ALA A N   1 
ATOM   930  C  CA  . ALA A 1 130 ? 1.741   7.615   -2.266  1.00 63.49  ? 130 ALA A CA  1 
ATOM   931  C  C   . ALA A 1 130 ? 0.841   7.685   -1.039  1.00 62.23  ? 130 ALA A C   1 
ATOM   932  O  O   . ALA A 1 130 ? 0.787   8.720   -0.366  1.00 65.28  ? 130 ALA A O   1 
ATOM   933  C  CB  . ALA A 1 130 ? 0.949   7.939   -3.531  1.00 52.93  ? 130 ALA A CB  1 
ATOM   934  N  N   . GLY A 1 131 ? 0.133   6.596   -0.730  1.00 62.90  ? 131 GLY A N   1 
ATOM   935  C  CA  . GLY A 1 131 ? -0.745  6.602   0.428   1.00 55.07  ? 131 GLY A CA  1 
ATOM   936  C  C   . GLY A 1 131 ? 0.003   6.818   1.729   1.00 65.33  ? 131 GLY A C   1 
ATOM   937  O  O   . GLY A 1 131 ? -0.471  7.528   2.621   1.00 65.91  ? 131 GLY A O   1 
ATOM   938  N  N   . GLY A 1 132 ? 1.186   6.211   1.858   1.00 60.93  ? 132 GLY A N   1 
ATOM   939  C  CA  . GLY A 1 132 ? 1.989   6.424   3.048   1.00 57.84  ? 132 GLY A CA  1 
ATOM   940  C  C   . GLY A 1 132 ? 2.626   7.796   3.098   1.00 61.11  ? 132 GLY A C   1 
ATOM   941  O  O   . GLY A 1 132 ? 2.817   8.355   4.183   1.00 55.63  ? 132 GLY A O   1 
HETATM 942  N  N   . MSE A 1 133 ? 2.957   8.360   1.940   1.00 51.47  ? 133 MSE A N   1 
HETATM 943  C  CA  . MSE A 1 133 ? 3.563   9.686   1.879   1.00 56.49  ? 133 MSE A CA  1 
HETATM 944  C  C   . MSE A 1 133 ? 2.596   10.766  2.354   1.00 60.96  ? 133 MSE A C   1 
HETATM 945  O  O   . MSE A 1 133 ? 2.987   11.677  3.079   1.00 57.08  ? 133 MSE A O   1 
HETATM 946  C  CB  . MSE A 1 133 ? 4.037   9.992   0.459   1.00 59.51  ? 133 MSE A CB  1 
HETATM 947  C  CG  . MSE A 1 133 ? 5.316   9.275   0.069   1.00 71.94  ? 133 MSE A CG  1 
HETATM 948  SE SE  . MSE A 1 133 ? 5.661   9.328   -1.852  1.00 118.09 ? 133 MSE A SE  1 
HETATM 949  C  CE  . MSE A 1 133 ? 5.435   11.237  -2.157  1.00 54.05  ? 133 MSE A CE  1 
ATOM   950  N  N   . ILE A 1 134 ? 1.331   10.657  1.942   1.00 57.63  ? 134 ILE A N   1 
ATOM   951  C  CA  . ILE A 1 134 ? 0.329   11.615  2.396   1.00 62.93  ? 134 ILE A CA  1 
ATOM   952  C  C   . ILE A 1 134 ? 0.068   11.442  3.886   1.00 62.77  ? 134 ILE A C   1 
ATOM   953  O  O   . ILE A 1 134 ? -0.133  12.421  4.614   1.00 59.62  ? 134 ILE A O   1 
ATOM   954  C  CB  . ILE A 1 134 ? -0.963  11.471  1.573   1.00 60.60  ? 134 ILE A CB  1 
ATOM   955  C  CG1 . ILE A 1 134 ? -0.654  11.533  0.075   1.00 68.26  ? 134 ILE A CG1 1 
ATOM   956  C  CG2 . ILE A 1 134 ? -1.955  12.560  1.949   1.00 62.61  ? 134 ILE A CG2 1 
ATOM   957  C  CD1 . ILE A 1 134 ? -1.836  11.194  -0.808  1.00 46.65  ? 134 ILE A CD1 1 
ATOM   958  N  N   . ARG A 1 135 ? 0.076   10.195  4.365   1.00 57.99  ? 135 ARG A N   1 
ATOM   959  C  CA  . ARG A 1 135 ? -0.133  9.935   5.786   1.00 66.36  ? 135 ARG A CA  1 
ATOM   960  C  C   . ARG A 1 135 ? 0.992   10.525  6.628   1.00 60.73  ? 135 ARG A C   1 
ATOM   961  O  O   . ARG A 1 135 ? 0.747   11.069  7.713   1.00 68.06  ? 135 ARG A O   1 
ATOM   962  C  CB  . ARG A 1 135 ? -0.250  8.427   6.019   1.00 70.21  ? 135 ARG A CB  1 
ATOM   963  C  CG  . ARG A 1 135 ? -0.228  7.993   7.477   1.00 66.30  ? 135 ARG A CG  1 
ATOM   964  C  CD  . ARG A 1 135 ? 0.095   6.512   7.582   1.00 72.42  ? 135 ARG A CD  1 
ATOM   965  N  NE  . ARG A 1 135 ? 1.405   6.216   7.005   1.00 78.09  ? 135 ARG A NE  1 
ATOM   966  C  CZ  . ARG A 1 135 ? 1.772   5.026   6.540   1.00 85.52  ? 135 ARG A CZ  1 
ATOM   967  N  NH1 . ARG A 1 135 ? 0.924   4.005   6.571   1.00 79.74  ? 135 ARG A NH1 1 
ATOM   968  N  NH2 . ARG A 1 135 ? 2.987   4.861   6.032   1.00 63.67  ? 135 ARG A NH2 1 
ATOM   969  N  N   . ASP A 1 136 ? 2.230   10.441  6.139   1.00 58.58  ? 136 ASP A N   1 
ATOM   970  C  CA  . ASP A 1 136 ? 3.377   10.910  6.911   1.00 61.84  ? 136 ASP A CA  1 
ATOM   971  C  C   . ASP A 1 136 ? 3.462   12.433  6.947   1.00 61.83  ? 136 ASP A C   1 
ATOM   972  O  O   . ASP A 1 136 ? 3.807   13.009  7.985   1.00 62.95  ? 136 ASP A O   1 
ATOM   973  C  CB  . ASP A 1 136 ? 4.665   10.312  6.343   1.00 64.08  ? 136 ASP A CB  1 
ATOM   974  C  CG  . ASP A 1 136 ? 4.732   8.797   6.507   1.00 69.24  ? 136 ASP A CG  1 
ATOM   975  O  OD1 . ASP A 1 136 ? 3.842   8.228   7.177   1.00 64.04  ? 136 ASP A OD1 1 
ATOM   976  O  OD2 . ASP A 1 136 ? 5.673   8.174   5.965   1.00 71.10  ? 136 ASP A OD2 1 
ATOM   977  N  N   . VAL A 1 137 ? 3.129   13.102  5.841   1.00 60.54  ? 137 VAL A N   1 
ATOM   978  C  CA  . VAL A 1 137 ? 3.209   14.560  5.825   1.00 61.90  ? 137 VAL A CA  1 
ATOM   979  C  C   . VAL A 1 137 ? 2.074   15.178  6.632   1.00 70.49  ? 137 VAL A C   1 
ATOM   980  O  O   . VAL A 1 137 ? 2.221   16.282  7.174   1.00 73.69  ? 137 VAL A O   1 
ATOM   981  C  CB  . VAL A 1 137 ? 3.223   15.094  4.378   1.00 59.31  ? 137 VAL A CB  1 
ATOM   982  C  CG1 . VAL A 1 137 ? 4.425   14.554  3.619   1.00 65.99  ? 137 VAL A CG1 1 
ATOM   983  C  CG2 . VAL A 1 137 ? 1.933   14.753  3.660   1.00 73.78  ? 137 VAL A CG2 1 
ATOM   984  N  N   . LEU A 1 138 ? 0.928   14.496  6.729   1.00 61.35  ? 138 LEU A N   1 
ATOM   985  C  CA  . LEU A 1 138 ? -0.165  15.009  7.550   1.00 69.51  ? 138 LEU A CA  1 
ATOM   986  C  C   . LEU A 1 138 ? 0.197   14.983  9.028   1.00 66.81  ? 138 LEU A C   1 
ATOM   987  O  O   . LEU A 1 138 ? -0.175  15.890  9.783   1.00 65.70  ? 138 LEU A O   1 
ATOM   988  C  CB  . LEU A 1 138 ? -1.439  14.205  7.296   1.00 60.52  ? 138 LEU A CB  1 
ATOM   989  C  CG  . LEU A 1 138 ? -2.192  14.527  6.005   1.00 73.17  ? 138 LEU A CG  1 
ATOM   990  C  CD1 . LEU A 1 138 ? -3.382  13.595  5.836   1.00 53.58  ? 138 LEU A CD1 1 
ATOM   991  C  CD2 . LEU A 1 138 ? -2.638  15.983  5.996   1.00 74.54  ? 138 LEU A CD2 1 
ATOM   992  N  N   . CYS A 1 139 ? 0.923   13.956  9.460   1.00 61.31  ? 139 CYS A N   1 
ATOM   993  C  CA  . CYS A 1 139 ? 1.339   13.818  10.847  1.00 72.19  ? 139 CYS A CA  1 
ATOM   994  C  C   . CYS A 1 139 ? 2.690   14.464  11.120  1.00 63.48  ? 139 CYS A C   1 
ATOM   995  O  O   . CYS A 1 139 ? 3.225   14.305  12.221  1.00 69.86  ? 139 CYS A O   1 
ATOM   996  C  CB  . CYS A 1 139 ? 1.378   12.338  11.234  1.00 64.88  ? 139 CYS A CB  1 
ATOM   997  S  SG  . CYS A 1 139 ? -0.166  11.454  10.907  1.00 67.75  ? 139 CYS A SG  1 
ATOM   998  N  N   . ASN A 1 140 ? 3.244   15.188  10.144  1.00 63.87  ? 140 ASN A N   1 
ATOM   999  C  CA  . ASN A 1 140 ? 4.546   15.845  10.274  1.00 67.13  ? 140 ASN A CA  1 
ATOM   1000 C  C   . ASN A 1 140 ? 5.636   14.836  10.631  1.00 71.46  ? 140 ASN A C   1 
ATOM   1001 O  O   . ASN A 1 140 ? 6.497   15.092  11.475  1.00 74.10  ? 140 ASN A O   1 
ATOM   1002 C  CB  . ASN A 1 140 ? 4.497   16.985  11.294  1.00 61.25  ? 140 ASN A CB  1 
ATOM   1003 C  CG  . ASN A 1 140 ? 5.647   17.958  11.132  1.00 79.73  ? 140 ASN A CG  1 
ATOM   1004 O  OD1 . ASN A 1 140 ? 6.141   18.175  10.024  1.00 83.53  ? 140 ASN A OD1 1 
ATOM   1005 N  ND2 . ASN A 1 140 ? 6.084   18.547  12.239  1.00 90.70  ? 140 ASN A ND2 1 
ATOM   1006 N  N   . VAL A 1 141 ? 5.593   13.676  9.986   1.00 66.12  ? 141 VAL A N   1 
ATOM   1007 C  CA  . VAL A 1 141 ? 6.572   12.620  10.192  1.00 59.15  ? 141 VAL A CA  1 
ATOM   1008 C  C   . VAL A 1 141 ? 7.409   12.492  8.927   1.00 64.57  ? 141 VAL A C   1 
ATOM   1009 O  O   . VAL A 1 141 ? 6.928   12.728  7.813   1.00 66.40  ? 141 VAL A O   1 
ATOM   1010 C  CB  . VAL A 1 141 ? 5.889   11.283  10.554  1.00 71.39  ? 141 VAL A CB  1 
ATOM   1011 C  CG1 . VAL A 1 141 ? 6.918   10.223  10.903  1.00 87.00  ? 141 VAL A CG1 1 
ATOM   1012 C  CG2 . VAL A 1 141 ? 4.921   11.485  11.710  1.00 80.23  ? 141 VAL A CG2 1 
ATOM   1013 N  N   . ILE A 1 142 ? 8.678   12.134  9.109   1.00 56.74  ? 142 ILE A N   1 
ATOM   1014 C  CA  . ILE A 1 142 ? 9.583   11.973  7.965   1.00 69.17  ? 142 ILE A CA  1 
ATOM   1015 C  C   . ILE A 1 142 ? 9.048   10.877  7.049   1.00 66.51  ? 142 ILE A C   1 
ATOM   1016 O  O   . ILE A 1 142 ? 8.778   9.754   7.520   1.00 72.52  ? 142 ILE A O   1 
ATOM   1017 C  CB  . ILE A 1 142 ? 11.004  11.639  8.446   1.00 68.74  ? 142 ILE A CB  1 
ATOM   1018 C  CG1 . ILE A 1 142 ? 11.568  12.788  9.284   1.00 74.84  ? 142 ILE A CG1 1 
ATOM   1019 C  CG2 . ILE A 1 142 ? 11.910  11.339  7.262   1.00 65.88  ? 142 ILE A CG2 1 
ATOM   1020 C  CD1 . ILE A 1 142 ? 12.956  12.522  9.823   1.00 68.35  ? 142 ILE A CD1 1 
ATOM   1021 N  N   . PRO A 1 143 ? 8.871   11.138  5.754   1.00 63.96  ? 143 PRO A N   1 
ATOM   1022 C  CA  . PRO A 1 143 ? 8.342   10.106  4.856   1.00 66.77  ? 143 PRO A CA  1 
ATOM   1023 C  C   . PRO A 1 143 ? 9.270   8.902   4.773   1.00 70.34  ? 143 PRO A C   1 
ATOM   1024 O  O   . PRO A 1 143 ? 10.465  8.977   5.065   1.00 71.02  ? 143 PRO A O   1 
ATOM   1025 C  CB  . PRO A 1 143 ? 8.241   10.825  3.504   1.00 59.22  ? 143 PRO A CB  1 
ATOM   1026 C  CG  . PRO A 1 143 ? 8.216   12.278  3.842   1.00 67.61  ? 143 PRO A CG  1 
ATOM   1027 C  CD  . PRO A 1 143 ? 9.063   12.425  5.067   1.00 57.47  ? 143 PRO A CD  1 
HETATM 1028 N  N   . MSE A 1 144 ? 8.693   7.778   4.359   1.00 73.34  ? 144 MSE A N   1 
HETATM 1029 C  CA  . MSE A 1 144 ? 9.420   6.516   4.259   1.00 73.03  ? 144 MSE A CA  1 
HETATM 1030 C  C   . MSE A 1 144 ? 10.621  6.592   3.321   1.00 70.31  ? 144 MSE A C   1 
HETATM 1031 O  O   . MSE A 1 144 ? 11.671  6.016   3.603   1.00 67.41  ? 144 MSE A O   1 
HETATM 1032 C  CB  . MSE A 1 144 ? 8.480   5.405   3.789   1.00 67.53  ? 144 MSE A CB  1 
HETATM 1033 C  CG  . MSE A 1 144 ? 7.340   5.094   4.743   1.00 92.07  ? 144 MSE A CG  1 
HETATM 1034 SE SE  . MSE A 1 144 ? 7.947   4.302   6.417   1.00 135.58 ? 144 MSE A SE  1 
HETATM 1035 C  CE  . MSE A 1 144 ? 6.206   3.839   7.168   1.00 102.29 ? 144 MSE A CE  1 
ATOM   1036 N  N   . ILE A 1 145 ? 10.461  7.306   2.204   1.00 66.25  ? 145 ILE A N   1 
ATOM   1037 C  CA  . ILE A 1 145 ? 11.526  7.378   1.212   1.00 63.33  ? 145 ILE A CA  1 
ATOM   1038 C  C   . ILE A 1 145 ? 12.746  8.129   1.730   1.00 67.22  ? 145 ILE A C   1 
ATOM   1039 O  O   . ILE A 1 145 ? 13.842  7.967   1.182   1.00 68.04  ? 145 ILE A O   1 
ATOM   1040 C  CB  . ILE A 1 145 ? 11.009  8.024   -0.088  1.00 63.24  ? 145 ILE A CB  1 
ATOM   1041 C  CG1 . ILE A 1 145 ? 10.350  9.371   0.209   1.00 66.40  ? 145 ILE A CG1 1 
ATOM   1042 C  CG2 . ILE A 1 145 ? 10.045  7.090   -0.802  1.00 59.66  ? 145 ILE A CG2 1 
ATOM   1043 C  CD1 . ILE A 1 145 ? 9.923   10.129  -1.029  1.00 74.24  ? 145 ILE A CD1 1 
ATOM   1044 N  N   . LEU A 1 146 ? 12.593  8.947   2.769   1.00 61.63  ? 146 LEU A N   1 
ATOM   1045 C  CA  . LEU A 1 146 ? 13.713  9.686   3.339   1.00 68.51  ? 146 LEU A CA  1 
ATOM   1046 C  C   . LEU A 1 146 ? 14.412  8.939   4.467   1.00 67.61  ? 146 LEU A C   1 
ATOM   1047 O  O   . LEU A 1 146 ? 15.375  9.465   5.033   1.00 71.12  ? 146 LEU A O   1 
ATOM   1048 C  CB  . LEU A 1 146 ? 13.246  11.055  3.851   1.00 76.09  ? 146 LEU A CB  1 
ATOM   1049 C  CG  . LEU A 1 146 ? 13.044  12.188  2.839   1.00 72.48  ? 146 LEU A CG  1 
ATOM   1050 C  CD1 . LEU A 1 146 ? 11.694  12.084  2.149   1.00 79.45  ? 146 LEU A CD1 1 
ATOM   1051 C  CD2 . LEU A 1 146 ? 13.197  13.542  3.519   1.00 83.66  ? 146 LEU A CD2 1 
ATOM   1052 N  N   . ARG A 1 147 ? 13.955  7.738   4.812   1.00 70.64  ? 147 ARG A N   1 
ATOM   1053 C  CA  . ARG A 1 147 ? 14.578  6.963   5.873   1.00 66.49  ? 147 ARG A CA  1 
ATOM   1054 C  C   . ARG A 1 147 ? 15.645  6.035   5.298   1.00 62.08  ? 147 ARG A C   1 
ATOM   1055 O  O   . ARG A 1 147 ? 15.754  5.841   4.086   1.00 66.97  ? 147 ARG A O   1 
ATOM   1056 C  CB  . ARG A 1 147 ? 13.523  6.172   6.645   1.00 69.22  ? 147 ARG A CB  1 
ATOM   1057 C  CG  . ARG A 1 147 ? 12.449  7.048   7.267   1.00 63.65  ? 147 ARG A CG  1 
ATOM   1058 C  CD  . ARG A 1 147 ? 11.474  6.241   8.105   1.00 66.61  ? 147 ARG A CD  1 
ATOM   1059 N  NE  . ARG A 1 147 ? 10.362  7.065   8.570   1.00 74.09  ? 147 ARG A NE  1 
ATOM   1060 C  CZ  . ARG A 1 147 ? 9.388   6.631   9.364   1.00 80.51  ? 147 ARG A CZ  1 
ATOM   1061 N  NH1 . ARG A 1 147 ? 9.385   5.376   9.791   1.00 80.59  ? 147 ARG A NH1 1 
ATOM   1062 N  NH2 . ARG A 1 147 ? 8.418   7.456   9.732   1.00 79.74  ? 147 ARG A NH2 1 
ATOM   1063 N  N   . GLU A 1 148 ? 16.444  5.453   6.194   1.00 82.00  ? 148 GLU A N   1 
ATOM   1064 C  CA  . GLU A 1 148 ? 17.615  4.704   5.754   1.00 87.19  ? 148 GLU A CA  1 
ATOM   1065 C  C   . GLU A 1 148 ? 17.257  3.322   5.220   1.00 68.32  ? 148 GLU A C   1 
ATOM   1066 O  O   . GLU A 1 148 ? 17.957  2.809   4.339   1.00 74.18  ? 148 GLU A O   1 
ATOM   1067 C  CB  . GLU A 1 148 ? 18.627  4.589   6.899   1.00 84.04  ? 148 GLU A CB  1 
ATOM   1068 C  CG  . GLU A 1 148 ? 18.169  3.764   8.096   1.00 103.19 ? 148 GLU A CG  1 
ATOM   1069 C  CD  . GLU A 1 148 ? 17.390  4.571   9.120   1.00 111.90 ? 148 GLU A CD  1 
ATOM   1070 O  OE1 . GLU A 1 148 ? 16.752  5.578   8.742   1.00 97.40  ? 148 GLU A OE1 1 
ATOM   1071 O  OE2 . GLU A 1 148 ? 17.423  4.197   10.311  1.00 121.17 ? 148 GLU A OE2 1 
ATOM   1072 N  N   . GLU A 1 149 ? 16.187  2.710   5.721   1.00 63.03  ? 149 GLU A N   1 
ATOM   1073 C  CA  . GLU A 1 149 ? 15.831  1.364   5.299   1.00 76.19  ? 149 GLU A CA  1 
ATOM   1074 C  C   . GLU A 1 149 ? 15.367  1.352   3.845   1.00 75.63  ? 149 GLU A C   1 
ATOM   1075 O  O   . GLU A 1 149 ? 14.895  2.356   3.302   1.00 72.18  ? 149 GLU A O   1 
ATOM   1076 C  CB  . GLU A 1 149 ? 14.732  0.784   6.192   1.00 78.24  ? 149 GLU A CB  1 
ATOM   1077 C  CG  . GLU A 1 149 ? 15.183  0.403   7.595   1.00 82.19  ? 149 GLU A CG  1 
ATOM   1078 C  CD  . GLU A 1 149 ? 15.403  1.608   8.482   1.00 89.97  ? 149 GLU A CD  1 
ATOM   1079 O  OE1 . GLU A 1 149 ? 15.955  1.441   9.591   1.00 106.79 ? 149 GLU A OE1 1 
ATOM   1080 O  OE2 . GLU A 1 149 ? 15.025  2.723   8.068   1.00 87.89  ? 149 GLU A OE2 1 
ATOM   1081 N  N   . ILE A 1 150 ? 15.514  0.187   3.215   1.00 71.82  ? 150 ILE A N   1 
ATOM   1082 C  CA  . ILE A 1 150 ? 15.082  0.010   1.834   1.00 73.26  ? 150 ILE A CA  1 
ATOM   1083 C  C   . ILE A 1 150 ? 13.570  0.151   1.761   1.00 69.87  ? 150 ILE A C   1 
ATOM   1084 O  O   . ILE A 1 150 ? 12.833  -0.469  2.540   1.00 71.29  ? 150 ILE A O   1 
ATOM   1085 C  CB  . ILE A 1 150 ? 15.544  -1.354  1.302   1.00 74.10  ? 150 ILE A CB  1 
ATOM   1086 C  CG1 . ILE A 1 150 ? 17.069  -1.462  1.380   1.00 68.56  ? 150 ILE A CG1 1 
ATOM   1087 C  CG2 . ILE A 1 150 ? 15.055  -1.568  -0.122  1.00 70.24  ? 150 ILE A CG2 1 
ATOM   1088 C  CD1 . ILE A 1 150 ? 17.620  -2.783  0.889   1.00 71.91  ? 150 ILE A CD1 1 
ATOM   1089 N  N   . TYR A 1 151 ? 13.096  0.977   0.830   1.00 61.85  ? 151 TYR A N   1 
ATOM   1090 C  CA  . TYR A 1 151 ? 11.662  1.204   0.707   1.00 71.42  ? 151 TYR A CA  1 
ATOM   1091 C  C   . TYR A 1 151 ? 11.218  1.186   -0.751  1.00 63.82  ? 151 TYR A C   1 
ATOM   1092 O  O   . TYR A 1 151 ? 10.607  0.211   -1.200  1.00 68.63  ? 151 TYR A O   1 
ATOM   1093 C  CB  . TYR A 1 151 ? 11.271  2.525   1.374   1.00 62.49  ? 151 TYR A CB  1 
ATOM   1094 C  CG  . TYR A 1 151 ? 9.776   2.715   1.501   1.00 71.76  ? 151 TYR A CG  1 
ATOM   1095 C  CD1 . TYR A 1 151 ? 9.051   2.046   2.479   1.00 58.93  ? 151 TYR A CD1 1 
ATOM   1096 C  CD2 . TYR A 1 151 ? 9.089   3.559   0.638   1.00 62.14  ? 151 TYR A CD2 1 
ATOM   1097 C  CE1 . TYR A 1 151 ? 7.684   2.213   2.595   1.00 69.45  ? 151 TYR A CE1 1 
ATOM   1098 C  CE2 . TYR A 1 151 ? 7.723   3.734   0.747   1.00 65.23  ? 151 TYR A CE2 1 
ATOM   1099 C  CZ  . TYR A 1 151 ? 7.024   3.059   1.726   1.00 70.73  ? 151 TYR A CZ  1 
ATOM   1100 O  OH  . TYR A 1 151 ? 5.662   3.235   1.835   1.00 71.22  ? 151 TYR A OH  1 
ATOM   1101 N  N   . ALA A 1 152 ? 11.521  2.251   -1.500  1.00 71.26  ? 152 ALA A N   1 
ATOM   1102 C  CA  . ALA A 1 152 ? 11.039  2.349   -2.876  1.00 67.21  ? 152 ALA A CA  1 
ATOM   1103 C  C   . ALA A 1 152 ? 11.631  1.265   -3.765  1.00 66.64  ? 152 ALA A C   1 
ATOM   1104 O  O   . ALA A 1 152 ? 11.006  0.875   -4.758  1.00 68.40  ? 152 ALA A O   1 
ATOM   1105 C  CB  . ALA A 1 152 ? 11.351  3.728   -3.451  1.00 64.10  ? 152 ALA A CB  1 
ATOM   1106 N  N   . LEU A 1 153 ? 12.827  0.769   -3.434  1.00 72.47  ? 153 LEU A N   1 
ATOM   1107 C  CA  . LEU A 1 153 ? 13.413  -0.321  -4.207  1.00 71.57  ? 153 LEU A CA  1 
ATOM   1108 C  C   . LEU A 1 153 ? 12.517  -1.554  -4.186  1.00 74.15  ? 153 LEU A C   1 
ATOM   1109 O  O   . LEU A 1 153 ? 12.367  -2.238  -5.206  1.00 65.47  ? 153 LEU A O   1 
ATOM   1110 C  CB  . LEU A 1 153 ? 14.808  -0.654  -3.676  1.00 73.71  ? 153 LEU A CB  1 
ATOM   1111 C  CG  . LEU A 1 153 ? 15.432  -1.986  -4.108  1.00 76.98  ? 153 LEU A CG  1 
ATOM   1112 C  CD1 . LEU A 1 153 ? 15.583  -2.073  -5.621  1.00 73.51  ? 153 LEU A CD1 1 
ATOM   1113 C  CD2 . LEU A 1 153 ? 16.773  -2.208  -3.422  1.00 81.33  ? 153 LEU A CD2 1 
ATOM   1114 N  N   . ALA A 1 154 ? 11.903  -1.848  -3.037  1.00 63.49  ? 154 ALA A N   1 
ATOM   1115 C  CA  . ALA A 1 154 ? 10.965  -2.963  -2.969  1.00 67.88  ? 154 ALA A CA  1 
ATOM   1116 C  C   . ALA A 1 154 ? 9.748   -2.726  -3.852  1.00 76.78  ? 154 ALA A C   1 
ATOM   1117 O  O   . ALA A 1 154 ? 9.219   -3.672  -4.446  1.00 76.72  ? 154 ALA A O   1 
ATOM   1118 C  CB  . ALA A 1 154 ? 10.537  -3.200  -1.523  1.00 67.50  ? 154 ALA A CB  1 
ATOM   1119 N  N   . ALA A 1 155 ? 9.300   -1.475  -3.969  1.00 74.90  ? 155 ALA A N   1 
ATOM   1120 C  CA  . ALA A 1 155 ? 8.149   -1.186  -4.819  1.00 72.28  ? 155 ALA A CA  1 
ATOM   1121 C  C   . ALA A 1 155 ? 8.502   -1.343  -6.292  1.00 68.37  ? 155 ALA A C   1 
ATOM   1122 O  O   . ALA A 1 155 ? 7.743   -1.943  -7.060  1.00 70.10  ? 155 ALA A O   1 
ATOM   1123 C  CB  . ALA A 1 155 ? 7.626   0.222   -4.537  1.00 78.62  ? 155 ALA A CB  1 
HETATM 1124 N  N   . MSE A 1 156 ? 9.650   -0.812  -6.704  1.00 74.91  ? 156 MSE A N   1 
HETATM 1125 C  CA  . MSE A 1 156 ? 10.082  -0.923  -8.094  1.00 74.91  ? 156 MSE A CA  1 
HETATM 1126 C  C   . MSE A 1 156 ? 10.373  -2.375  -8.455  1.00 75.95  ? 156 MSE A C   1 
HETATM 1127 O  O   . MSE A 1 156 ? 10.194  -2.789  -9.599  1.00 72.28  ? 156 MSE A O   1 
HETATM 1128 C  CB  . MSE A 1 156 ? 11.325  -0.067  -8.350  1.00 80.45  ? 156 MSE A CB  1 
HETATM 1129 C  CG  . MSE A 1 156 ? 11.193  1.384   -7.923  1.00 83.49  ? 156 MSE A CG  1 
HETATM 1130 SE SE  . MSE A 1 156 ? 12.829  2.391   -8.259  1.00 166.70 ? 156 MSE A SE  1 
HETATM 1131 C  CE  . MSE A 1 156 ? 12.425  3.987   -7.222  1.00 98.11  ? 156 MSE A CE  1 
ATOM   1132 N  N   . LEU A 1 157 ? 10.828  -3.142  -7.462  1.00 72.83  ? 157 LEU A N   1 
ATOM   1133 C  CA  . LEU A 1 157 ? 11.149  -4.545  -7.698  1.00 72.19  ? 157 LEU A CA  1 
ATOM   1134 C  C   . LEU A 1 157 ? 9.895   -5.361  -7.987  1.00 79.97  ? 157 LEU A C   1 
ATOM   1135 O  O   . LEU A 1 157 ? 9.893   -6.204  -8.894  1.00 69.49  ? 157 LEU A O   1 
ATOM   1136 C  CB  . LEU A 1 157 ? 11.897  -5.122  -6.497  1.00 71.61  ? 157 LEU A CB  1 
ATOM   1137 C  CG  . LEU A 1 157 ? 12.255  -6.605  -6.576  1.00 71.57  ? 157 LEU A CG  1 
ATOM   1138 C  CD1 . LEU A 1 157 ? 13.222  -6.859  -7.719  1.00 68.10  ? 157 LEU A CD1 1 
ATOM   1139 C  CD2 . LEU A 1 157 ? 12.834  -7.090  -5.254  1.00 77.06  ? 157 LEU A CD2 1 
ATOM   1140 N  N   . GLY A 1 158 ? 8.822   -5.126  -7.232  1.00 72.90  ? 158 GLY A N   1 
ATOM   1141 C  CA  . GLY A 1 158 ? 7.595   -5.874  -7.456  1.00 72.87  ? 158 GLY A CA  1 
ATOM   1142 C  C   . GLY A 1 158 ? 6.992   -5.625  -8.825  1.00 73.41  ? 158 GLY A C   1 
ATOM   1143 O  O   . GLY A 1 158 ? 6.591   -6.566  -9.515  1.00 68.43  ? 158 GLY A O   1 
ATOM   1144 N  N   . GLY A 1 159 ? 6.924   -4.359  -9.241  1.00 68.83  ? 159 GLY A N   1 
ATOM   1145 C  CA  . GLY A 1 159 ? 6.330   -4.047  -10.530 1.00 67.50  ? 159 GLY A CA  1 
ATOM   1146 C  C   . GLY A 1 159 ? 7.193   -4.484  -11.699 1.00 74.89  ? 159 GLY A C   1 
ATOM   1147 O  O   . GLY A 1 159 ? 6.680   -4.937  -12.726 1.00 64.95  ? 159 GLY A O   1 
ATOM   1148 N  N   . SER A 1 160 ? 8.515   -4.353  -11.562 1.00 63.00  ? 160 SER A N   1 
ATOM   1149 C  CA  . SER A 1 160 ? 9.406   -4.754  -12.646 1.00 73.39  ? 160 SER A CA  1 
ATOM   1150 C  C   . SER A 1 160 ? 9.466   -6.271  -12.781 1.00 73.70  ? 160 SER A C   1 
ATOM   1151 O  O   . SER A 1 160 ? 9.569   -6.796  -13.897 1.00 67.00  ? 160 SER A O   1 
ATOM   1152 C  CB  . SER A 1 160 ? 10.804  -4.179  -12.420 1.00 73.54  ? 160 SER A CB  1 
ATOM   1153 O  OG  . SER A 1 160 ? 10.767  -2.764  -12.339 1.00 75.00  ? 160 SER A OG  1 
ATOM   1154 N  N   . LEU A 1 161 ? 9.404   -6.991  -11.659 1.00 73.66  ? 161 LEU A N   1 
ATOM   1155 C  CA  . LEU A 1 161 ? 9.418   -8.449  -11.719 1.00 69.03  ? 161 LEU A CA  1 
ATOM   1156 C  C   . LEU A 1 161 ? 8.147   -8.985  -12.364 1.00 74.47  ? 161 LEU A C   1 
ATOM   1157 O  O   . LEU A 1 161 ? 8.186   -9.992  -13.080 1.00 74.77  ? 161 LEU A O   1 
ATOM   1158 C  CB  . LEU A 1 161 ? 9.599   -9.034  -10.319 1.00 71.43  ? 161 LEU A CB  1 
ATOM   1159 C  CG  . LEU A 1 161 ? 9.674   -10.559 -10.228 1.00 90.00  ? 161 LEU A CG  1 
ATOM   1160 C  CD1 . LEU A 1 161 ? 10.819  -11.095 -11.075 1.00 76.41  ? 161 LEU A CD1 1 
ATOM   1161 C  CD2 . LEU A 1 161 ? 9.819   -11.001 -8.781  1.00 91.85  ? 161 LEU A CD2 1 
ATOM   1162 N  N   . PHE A 1 162 ? 7.009   -8.327  -12.123 1.00 71.01  ? 162 PHE A N   1 
ATOM   1163 C  CA  . PHE A 1 162 ? 5.774   -8.730  -12.785 1.00 74.98  ? 162 PHE A CA  1 
ATOM   1164 C  C   . PHE A 1 162 ? 5.894   -8.602  -14.297 1.00 63.26  ? 162 PHE A C   1 
ATOM   1165 O  O   . PHE A 1 162 ? 5.444   -9.481  -15.039 1.00 67.60  ? 162 PHE A O   1 
ATOM   1166 C  CB  . PHE A 1 162 ? 4.599   -7.900  -12.264 1.00 68.75  ? 162 PHE A CB  1 
ATOM   1167 C  CG  . PHE A 1 162 ? 3.336   -8.064  -13.068 1.00 75.52  ? 162 PHE A CG  1 
ATOM   1168 C  CD1 . PHE A 1 162 ? 2.525   -9.175  -12.891 1.00 69.55  ? 162 PHE A CD1 1 
ATOM   1169 C  CD2 . PHE A 1 162 ? 2.961   -7.106  -13.997 1.00 64.77  ? 162 PHE A CD2 1 
ATOM   1170 C  CE1 . PHE A 1 162 ? 1.366   -9.328  -13.630 1.00 70.33  ? 162 PHE A CE1 1 
ATOM   1171 C  CE2 . PHE A 1 162 ? 1.803   -7.255  -14.739 1.00 70.20  ? 162 PHE A CE2 1 
ATOM   1172 C  CZ  . PHE A 1 162 ? 1.005   -8.367  -14.555 1.00 71.48  ? 162 PHE A CZ  1 
ATOM   1173 N  N   . ILE A 1 163 ? 6.508   -7.515  -14.771 1.00 63.10  ? 163 ILE A N   1 
ATOM   1174 C  CA  . ILE A 1 163 ? 6.657   -7.305  -16.208 1.00 76.25  ? 163 ILE A CA  1 
ATOM   1175 C  C   . ILE A 1 163 ? 7.545   -8.381  -16.818 1.00 75.30  ? 163 ILE A C   1 
ATOM   1176 O  O   . ILE A 1 163 ? 7.274   -8.884  -17.916 1.00 66.31  ? 163 ILE A O   1 
ATOM   1177 C  CB  . ILE A 1 163 ? 7.204   -5.892  -16.486 1.00 66.29  ? 163 ILE A CB  1 
ATOM   1178 C  CG1 . ILE A 1 163 ? 6.211   -4.833  -16.001 1.00 70.02  ? 163 ILE A CG1 1 
ATOM   1179 C  CG2 . ILE A 1 163 ? 7.496   -5.710  -17.968 1.00 64.29  ? 163 ILE A CG2 1 
ATOM   1180 C  CD1 . ILE A 1 163 ? 4.860   -4.913  -16.677 1.00 72.19  ? 163 ILE A CD1 1 
ATOM   1181 N  N   . ILE A 1 164 ? 8.616   -8.755  -16.116 1.00 69.46  ? 164 ILE A N   1 
ATOM   1182 C  CA  . ILE A 1 164 ? 9.525   -9.775  -16.630 1.00 72.40  ? 164 ILE A CA  1 
ATOM   1183 C  C   . ILE A 1 164 ? 8.828   -11.131 -16.683 1.00 72.33  ? 164 ILE A C   1 
ATOM   1184 O  O   . ILE A 1 164 ? 8.902   -11.844 -17.691 1.00 71.53  ? 164 ILE A O   1 
ATOM   1185 C  CB  . ILE A 1 164 ? 10.808  -9.826  -15.781 1.00 72.42  ? 164 ILE A CB  1 
ATOM   1186 C  CG1 . ILE A 1 164 ? 11.579  -8.510  -15.906 1.00 73.19  ? 164 ILE A CG1 1 
ATOM   1187 C  CG2 . ILE A 1 164 ? 11.683  -10.995 -16.201 1.00 72.01  ? 164 ILE A CG2 1 
ATOM   1188 C  CD1 . ILE A 1 164 ? 12.850  -8.464  -15.084 1.00 72.15  ? 164 ILE A CD1 1 
ATOM   1189 N  N   . LEU A 1 165 ? 8.136   -11.504 -15.603 1.00 66.95  ? 165 LEU A N   1 
ATOM   1190 C  CA  . LEU A 1 165 ? 7.406   -12.768 -15.602 1.00 67.67  ? 165 LEU A CA  1 
ATOM   1191 C  C   . LEU A 1 165 ? 6.265   -12.747 -16.613 1.00 79.14  ? 165 LEU A C   1 
ATOM   1192 O  O   . LEU A 1 165 ? 5.961   -13.772 -17.235 1.00 69.19  ? 165 LEU A O   1 
ATOM   1193 C  CB  . LEU A 1 165 ? 6.880   -13.075 -14.199 1.00 65.01  ? 165 LEU A CB  1 
ATOM   1194 C  CG  . LEU A 1 165 ? 7.939   -13.230 -13.102 1.00 78.86  ? 165 LEU A CG  1 
ATOM   1195 C  CD1 . LEU A 1 165 ? 7.301   -13.604 -11.770 1.00 67.65  ? 165 LEU A CD1 1 
ATOM   1196 C  CD2 . LEU A 1 165 ? 8.995   -14.249 -13.504 1.00 69.39  ? 165 LEU A CD2 1 
ATOM   1197 N  N   . HIS A 1 166 ? 5.622   -11.590 -16.789 1.00 74.21  ? 166 HIS A N   1 
ATOM   1198 C  CA  . HIS A 1 166 ? 4.586   -11.475 -17.810 1.00 73.37  ? 166 HIS A CA  1 
ATOM   1199 C  C   . HIS A 1 166 ? 5.173   -11.627 -19.207 1.00 71.66  ? 166 HIS A C   1 
ATOM   1200 O  O   . HIS A 1 166 ? 4.536   -12.207 -20.094 1.00 73.22  ? 166 HIS A O   1 
ATOM   1201 C  CB  . HIS A 1 166 ? 3.860   -10.137 -17.675 1.00 67.78  ? 166 HIS A CB  1 
ATOM   1202 C  CG  . HIS A 1 166 ? 2.854   -9.886  -18.755 1.00 61.00  ? 166 HIS A CG  1 
ATOM   1203 N  ND1 . HIS A 1 166 ? 1.602   -10.462 -18.756 1.00 63.33  ? 166 HIS A ND1 1 
ATOM   1204 C  CD2 . HIS A 1 166 ? 2.918   -9.124  -19.871 1.00 52.70  ? 166 HIS A CD2 1 
ATOM   1205 C  CE1 . HIS A 1 166 ? 0.936   -10.062 -19.824 1.00 77.40  ? 166 HIS A CE1 1 
ATOM   1206 N  NE2 . HIS A 1 166 ? 1.712   -9.248  -20.518 1.00 61.47  ? 166 HIS A NE2 1 
ATOM   1207 N  N   . GLY A 1 167 ? 6.386   -11.111 -19.421 1.00 67.90  ? 167 GLY A N   1 
ATOM   1208 C  CA  . GLY A 1 167 ? 7.048   -11.295 -20.700 1.00 61.21  ? 167 GLY A CA  1 
ATOM   1209 C  C   . GLY A 1 167 ? 7.463   -12.730 -20.952 1.00 78.21  ? 167 GLY A C   1 
ATOM   1210 O  O   . GLY A 1 167 ? 7.548   -13.161 -22.105 1.00 71.65  ? 167 GLY A O   1 
ATOM   1211 N  N   . LEU A 1 168 ? 7.724   -13.487 -19.886 1.00 79.04  ? 168 LEU A N   1 
ATOM   1212 C  CA  . LEU A 1 168 ? 8.040   -14.906 -19.993 1.00 78.72  ? 168 LEU A CA  1 
ATOM   1213 C  C   . LEU A 1 168 ? 6.796   -15.777 -20.134 1.00 75.92  ? 168 LEU A C   1 
ATOM   1214 O  O   . LEU A 1 168 ? 6.901   -17.002 -20.004 1.00 81.48  ? 168 LEU A O   1 
ATOM   1215 C  CB  . LEU A 1 168 ? 8.856   -15.358 -18.779 1.00 65.43  ? 168 LEU A CB  1 
ATOM   1216 C  CG  . LEU A 1 168 ? 10.235  -14.713 -18.610 1.00 74.59  ? 168 LEU A CG  1 
ATOM   1217 C  CD1 . LEU A 1 168 ? 10.936  -15.242 -17.367 1.00 66.24  ? 168 LEU A CD1 1 
ATOM   1218 C  CD2 . LEU A 1 168 ? 11.094  -14.928 -19.847 1.00 63.20  ? 168 LEU A CD2 1 
ATOM   1219 N  N   . ASN A 1 169 ? 5.633   -15.170 -20.377 1.00 70.12  ? 169 ASN A N   1 
ATOM   1220 C  CA  . ASN A 1 169 ? 4.382   -15.892 -20.611 1.00 77.01  ? 169 ASN A CA  1 
ATOM   1221 C  C   . ASN A 1 169 ? 3.946   -16.689 -19.385 1.00 70.27  ? 169 ASN A C   1 
ATOM   1222 O  O   . ASN A 1 169 ? 3.471   -17.821 -19.494 1.00 74.87  ? 169 ASN A O   1 
ATOM   1223 C  CB  . ASN A 1 169 ? 4.482   -16.791 -21.845 1.00 78.43  ? 169 ASN A CB  1 
ATOM   1224 C  CG  . ASN A 1 169 ? 4.124   -16.062 -23.117 1.00 72.37  ? 169 ASN A CG  1 
ATOM   1225 O  OD1 . ASN A 1 169 ? 3.163   -15.293 -23.146 1.00 91.59  ? 169 ASN A OD1 1 
ATOM   1226 N  ND2 . ASN A 1 169 ? 4.895   -16.289 -24.175 1.00 70.48  ? 169 ASN A ND2 1 
ATOM   1227 N  N   . TRP A 1 170 ? 4.110   -16.094 -18.207 1.00 72.43  ? 170 TRP A N   1 
ATOM   1228 C  CA  . TRP A 1 170 ? 3.466   -16.591 -17.000 1.00 77.26  ? 170 TRP A CA  1 
ATOM   1229 C  C   . TRP A 1 170 ? 2.082   -15.964 -16.888 1.00 74.12  ? 170 TRP A C   1 
ATOM   1230 O  O   . TRP A 1 170 ? 1.885   -14.803 -17.258 1.00 79.79  ? 170 TRP A O   1 
ATOM   1231 C  CB  . TRP A 1 170 ? 4.285   -16.262 -15.749 1.00 71.35  ? 170 TRP A CB  1 
ATOM   1232 C  CG  . TRP A 1 170 ? 5.584   -17.000 -15.628 1.00 81.79  ? 170 TRP A CG  1 
ATOM   1233 C  CD1 . TRP A 1 170 ? 6.327   -17.532 -16.641 1.00 85.44  ? 170 TRP A CD1 1 
ATOM   1234 C  CD2 . TRP A 1 170 ? 6.290   -17.295 -14.415 1.00 77.01  ? 170 TRP A CD2 1 
ATOM   1235 N  NE1 . TRP A 1 170 ? 7.455   -18.134 -16.135 1.00 85.35  ? 170 TRP A NE1 1 
ATOM   1236 C  CE2 . TRP A 1 170 ? 7.454   -18.004 -14.772 1.00 76.63  ? 170 TRP A CE2 1 
ATOM   1237 C  CE3 . TRP A 1 170 ? 6.049   -17.028 -13.063 1.00 76.25  ? 170 TRP A CE3 1 
ATOM   1238 C  CZ2 . TRP A 1 170 ? 8.377   -18.448 -13.826 1.00 79.32  ? 170 TRP A CZ2 1 
ATOM   1239 C  CZ3 . TRP A 1 170 ? 6.966   -17.470 -12.126 1.00 73.29  ? 170 TRP A CZ3 1 
ATOM   1240 C  CH2 . TRP A 1 170 ? 8.116   -18.171 -12.512 1.00 78.93  ? 170 TRP A CH2 1 
ATOM   1241 N  N   . ASN A 1 171 ? 1.125   -16.737 -16.384 1.00 68.75  ? 171 ASN A N   1 
ATOM   1242 C  CA  . ASN A 1 171 ? -0.195  -16.180 -16.143 1.00 78.47  ? 171 ASN A CA  1 
ATOM   1243 C  C   . ASN A 1 171 ? -0.129  -15.154 -15.014 1.00 78.39  ? 171 ASN A C   1 
ATOM   1244 O  O   . ASN A 1 171 ? 0.822   -15.117 -14.226 1.00 81.30  ? 171 ASN A O   1 
ATOM   1245 C  CB  . ASN A 1 171 ? -1.201  -17.284 -15.810 1.00 84.99  ? 171 ASN A CB  1 
ATOM   1246 C  CG  . ASN A 1 171 ? -0.911  -17.963 -14.488 1.00 90.81  ? 171 ASN A CG  1 
ATOM   1247 O  OD1 . ASN A 1 171 ? 0.244   -18.204 -14.141 1.00 97.88  ? 171 ASN A OD1 1 
ATOM   1248 N  ND2 . ASN A 1 171 ? -1.963  -18.272 -13.739 1.00 101.65 ? 171 ASN A ND2 1 
ATOM   1249 N  N   . ASP A 1 172 ? -1.160  -14.308 -14.944 1.00 73.41  ? 172 ASP A N   1 
ATOM   1250 C  CA  . ASP A 1 172 ? -1.141  -13.201 -13.993 1.00 82.16  ? 172 ASP A CA  1 
ATOM   1251 C  C   . ASP A 1 172 ? -1.091  -13.701 -12.554 1.00 85.25  ? 172 ASP A C   1 
ATOM   1252 O  O   . ASP A 1 172 ? -0.443  -13.084 -11.701 1.00 79.49  ? 172 ASP A O   1 
ATOM   1253 C  CB  . ASP A 1 172 ? -2.359  -12.300 -14.205 1.00 76.27  ? 172 ASP A CB  1 
ATOM   1254 C  CG  . ASP A 1 172 ? -2.369  -11.651 -15.569 1.00 78.67  ? 172 ASP A CG  1 
ATOM   1255 O  OD1 . ASP A 1 172 ? -3.230  -12.012 -16.397 1.00 116.41 ? 172 ASP A OD1 1 
ATOM   1256 O  OD2 . ASP A 1 172 ? -1.498  -10.793 -15.821 1.00 83.20  ? 172 ASP A OD2 1 
ATOM   1257 N  N   . THR A 1 173 ? -1.755  -14.822 -12.267 1.00 90.52  ? 173 THR A N   1 
ATOM   1258 C  CA  . THR A 1 173 ? -1.803  -15.320 -10.896 1.00 77.87  ? 173 THR A CA  1 
ATOM   1259 C  C   . THR A 1 173 ? -0.412  -15.698 -10.396 1.00 85.05  ? 173 THR A C   1 
ATOM   1260 O  O   . THR A 1 173 ? -0.012  -15.316 -9.292  1.00 77.21  ? 173 THR A O   1 
ATOM   1261 C  CB  . THR A 1 173 ? -2.755  -16.513 -10.802 1.00 85.80  ? 173 THR A CB  1 
ATOM   1262 O  OG1 . THR A 1 173 ? -4.060  -16.121 -11.242 1.00 95.98  ? 173 THR A OG1 1 
ATOM   1263 C  CG2 . THR A 1 173 ? -2.841  -17.008 -9.366  1.00 79.78  ? 173 THR A CG2 1 
ATOM   1264 N  N   . ASN A 1 174 ? 0.347   -16.446 -11.203 1.00 85.07  ? 174 ASN A N   1 
ATOM   1265 C  CA  . ASN A 1 174 ? 1.684   -16.848 -10.775 1.00 76.16  ? 174 ASN A CA  1 
ATOM   1266 C  C   . ASN A 1 174 ? 2.674   -15.693 -10.853 1.00 75.53  ? 174 ASN A C   1 
ATOM   1267 O  O   . ASN A 1 174 ? 3.612   -15.632 -10.050 1.00 75.10  ? 174 ASN A O   1 
ATOM   1268 C  CB  . ASN A 1 174 ? 2.186   -18.021 -11.616 1.00 82.76  ? 174 ASN A CB  1 
ATOM   1269 C  CG  . ASN A 1 174 ? 1.355   -19.274 -11.426 1.00 97.22  ? 174 ASN A CG  1 
ATOM   1270 O  OD1 . ASN A 1 174 ? 0.743   -19.476 -10.377 1.00 90.97  ? 174 ASN A OD1 1 
ATOM   1271 N  ND2 . ASN A 1 174 ? 1.328   -20.125 -12.446 1.00 100.00 ? 174 ASN A ND2 1 
ATOM   1272 N  N   . ALA A 1 175 ? 2.490   -14.776 -11.803 1.00 79.65  ? 175 ALA A N   1 
ATOM   1273 C  CA  . ALA A 1 175 ? 3.419   -13.659 -11.932 1.00 68.23  ? 175 ALA A CA  1 
ATOM   1274 C  C   . ALA A 1 175 ? 3.281   -12.687 -10.766 1.00 77.64  ? 175 ALA A C   1 
ATOM   1275 O  O   . ALA A 1 175 ? 4.282   -12.142 -10.285 1.00 73.91  ? 175 ALA A O   1 
ATOM   1276 C  CB  . ALA A 1 175 ? 3.199   -12.940 -13.262 1.00 73.39  ? 175 ALA A CB  1 
HETATM 1277 N  N   . MSE A 1 176 ? 2.061   -12.464 -10.293 1.00 74.68  ? 176 MSE A N   1 
HETATM 1278 C  CA  . MSE A 1 176 ? 1.834   -11.517 -9.208  1.00 76.76  ? 176 MSE A CA  1 
HETATM 1279 C  C   . MSE A 1 176 ? 2.226   -12.100 -7.855  1.00 82.12  ? 176 MSE A C   1 
HETATM 1280 O  O   . MSE A 1 176 ? 2.772   -11.394 -7.008  1.00 77.93  ? 176 MSE A O   1 
HETATM 1281 C  CB  . MSE A 1 176 ? 0.372   -11.073 -9.185  1.00 66.84  ? 176 MSE A CB  1 
HETATM 1282 C  CG  . MSE A 1 176 ? -0.044  -10.263 -10.403 1.00 69.71  ? 176 MSE A CG  1 
HETATM 1283 SE SE  . MSE A 1 176 ? -1.913  -9.723  -10.334 1.00 111.38 ? 176 MSE A SE  1 
HETATM 1284 C  CE  . MSE A 1 176 ? -2.727  -11.482 -10.116 1.00 90.43  ? 176 MSE A CE  1 
ATOM   1285 N  N   . ILE A 1 177 ? 1.948   -13.392 -7.658  1.00 79.50  ? 177 ILE A N   1 
ATOM   1286 C  CA  . ILE A 1 177 ? 2.284   -14.042 -6.393  1.00 75.31  ? 177 ILE A CA  1 
ATOM   1287 C  C   . ILE A 1 177 ? 3.787   -13.987 -6.146  1.00 82.88  ? 177 ILE A C   1 
ATOM   1288 O  O   . ILE A 1 177 ? 4.239   -13.683 -5.034  1.00 82.12  ? 177 ILE A O   1 
ATOM   1289 C  CB  . ILE A 1 177 ? 1.758   -15.490 -6.378  1.00 83.51  ? 177 ILE A CB  1 
ATOM   1290 C  CG1 . ILE A 1 177 ? 0.245   -15.507 -6.156  1.00 83.77  ? 177 ILE A CG1 1 
ATOM   1291 C  CG2 . ILE A 1 177 ? 2.455   -16.308 -5.302  1.00 83.79  ? 177 ILE A CG2 1 
ATOM   1292 C  CD1 . ILE A 1 177 ? -0.354  -16.896 -6.158  1.00 80.65  ? 177 ILE A CD1 1 
ATOM   1293 N  N   . VAL A 1 178 ? 4.585   -14.268 -7.178  1.00 78.47  ? 178 VAL A N   1 
ATOM   1294 C  CA  . VAL A 1 178 ? 6.036   -14.184 -7.034  1.00 77.98  ? 178 VAL A CA  1 
ATOM   1295 C  C   . VAL A 1 178 ? 6.477   -12.731 -6.896  1.00 81.20  ? 178 VAL A C   1 
ATOM   1296 O  O   . VAL A 1 178 ? 7.408   -12.418 -6.144  1.00 79.42  ? 178 VAL A O   1 
ATOM   1297 C  CB  . VAL A 1 178 ? 6.728   -14.880 -8.219  1.00 80.25  ? 178 VAL A CB  1 
ATOM   1298 C  CG1 . VAL A 1 178 ? 8.243   -14.775 -8.096  1.00 66.76  ? 178 VAL A CG1 1 
ATOM   1299 C  CG2 . VAL A 1 178 ? 6.298   -16.339 -8.300  1.00 77.12  ? 178 VAL A CG2 1 
ATOM   1300 N  N   . SER A 1 179 ? 5.809   -11.819 -7.609  1.00 74.15  ? 179 SER A N   1 
ATOM   1301 C  CA  . SER A 1 179 ? 6.188   -10.410 -7.548  1.00 77.44  ? 179 SER A CA  1 
ATOM   1302 C  C   . SER A 1 179 ? 5.857   -9.801  -6.190  1.00 74.49  ? 179 SER A C   1 
ATOM   1303 O  O   . SER A 1 179 ? 6.639   -9.006  -5.655  1.00 72.42  ? 179 SER A O   1 
ATOM   1304 C  CB  . SER A 1 179 ? 5.496   -9.632  -8.665  1.00 71.47  ? 179 SER A CB  1 
ATOM   1305 O  OG  . SER A 1 179 ? 5.791   -10.191 -9.931  1.00 86.43  ? 179 SER A OG  1 
ATOM   1306 N  N   . ILE A 1 180 ? 4.700   -10.152 -5.622  1.00 68.83  ? 180 ILE A N   1 
ATOM   1307 C  CA  . ILE A 1 180 ? 4.336   -9.626  -4.310  1.00 71.95  ? 180 ILE A CA  1 
ATOM   1308 C  C   . ILE A 1 180 ? 5.255   -10.194 -3.235  1.00 80.43  ? 180 ILE A C   1 
ATOM   1309 O  O   . ILE A 1 180 ? 5.675   -9.478  -2.318  1.00 78.18  ? 180 ILE A O   1 
ATOM   1310 C  CB  . ILE A 1 180 ? 2.855   -9.921  -4.008  1.00 74.85  ? 180 ILE A CB  1 
ATOM   1311 C  CG1 . ILE A 1 180 ? 1.948   -9.153  -4.971  1.00 68.52  ? 180 ILE A CG1 1 
ATOM   1312 C  CG2 . ILE A 1 180 ? 2.517   -9.565  -2.568  1.00 68.74  ? 180 ILE A CG2 1 
ATOM   1313 C  CD1 . ILE A 1 180 ? 0.486   -9.518  -4.853  1.00 66.80  ? 180 ILE A CD1 1 
ATOM   1314 N  N   . SER A 1 181 ? 5.595   -11.481 -3.340  1.00 74.38  ? 181 SER A N   1 
ATOM   1315 C  CA  . SER A 1 181 ? 6.441   -12.110 -2.328  1.00 81.70  ? 181 SER A CA  1 
ATOM   1316 C  C   . SER A 1 181 ? 7.864   -11.567 -2.376  1.00 70.55  ? 181 SER A C   1 
ATOM   1317 O  O   . SER A 1 181 ? 8.488   -11.357 -1.328  1.00 65.66  ? 181 SER A O   1 
ATOM   1318 C  CB  . SER A 1 181 ? 6.440   -13.628 -2.513  1.00 71.77  ? 181 SER A CB  1 
ATOM   1319 O  OG  . SER A 1 181 ? 5.133   -14.158 -2.385  1.00 78.64  ? 181 SER A OG  1 
ATOM   1320 N  N   . ALA A 1 182 ? 8.399   -11.343 -3.578  1.00 66.24  ? 182 ALA A N   1 
ATOM   1321 C  CA  . ALA A 1 182 ? 9.749   -10.804 -3.692  1.00 70.20  ? 182 ALA A CA  1 
ATOM   1322 C  C   . ALA A 1 182 ? 9.823   -9.380  -3.156  1.00 79.25  ? 182 ALA A C   1 
ATOM   1323 O  O   . ALA A 1 182 ? 10.803  -9.007  -2.502  1.00 75.56  ? 182 ALA A O   1 
ATOM   1324 C  CB  . ALA A 1 182 ? 10.216  -10.855 -5.146  1.00 63.62  ? 182 ALA A CB  1 
ATOM   1325 N  N   . ALA A 1 183 ? 8.796   -8.571  -3.422  1.00 74.42  ? 183 ALA A N   1 
ATOM   1326 C  CA  . ALA A 1 183 ? 8.772   -7.213  -2.893  1.00 67.87  ? 183 ALA A CA  1 
ATOM   1327 C  C   . ALA A 1 183 ? 8.545   -7.202  -1.387  1.00 67.36  ? 183 ALA A C   1 
ATOM   1328 O  O   . ALA A 1 183 ? 9.096   -6.345  -0.687  1.00 68.10  ? 183 ALA A O   1 
ATOM   1329 C  CB  . ALA A 1 183 ? 7.694   -6.392  -3.596  1.00 68.24  ? 183 ALA A CB  1 
ATOM   1330 N  N   . LEU A 1 184 ? 7.742   -8.138  -0.875  1.00 71.00  ? 184 LEU A N   1 
ATOM   1331 C  CA  . LEU A 1 184 ? 7.468   -8.174  0.557   1.00 66.49  ? 184 LEU A CA  1 
ATOM   1332 C  C   . LEU A 1 184 ? 8.668   -8.691  1.338   1.00 73.34  ? 184 LEU A C   1 
ATOM   1333 O  O   . LEU A 1 184 ? 8.957   -8.204  2.438   1.00 80.98  ? 184 LEU A O   1 
ATOM   1334 C  CB  . LEU A 1 184 ? 6.235   -9.036  0.830   1.00 63.92  ? 184 LEU A CB  1 
ATOM   1335 C  CG  . LEU A 1 184 ? 5.802   -9.167  2.291   1.00 79.38  ? 184 LEU A CG  1 
ATOM   1336 C  CD1 . LEU A 1 184 ? 5.457   -7.805  2.877   1.00 78.13  ? 184 LEU A CD1 1 
ATOM   1337 C  CD2 . LEU A 1 184 ? 4.626   -10.123 2.414   1.00 75.74  ? 184 LEU A CD2 1 
ATOM   1338 N  N   . ALA A 1 185 ? 9.381   -9.675  0.786   1.00 72.92  ? 185 ALA A N   1 
ATOM   1339 C  CA  . ALA A 1 185 ? 10.534  -10.237 1.484   1.00 75.57  ? 185 ALA A CA  1 
ATOM   1340 C  C   . ALA A 1 185 ? 11.647  -9.208  1.635   1.00 69.90  ? 185 ALA A C   1 
ATOM   1341 O  O   . ALA A 1 185 ? 12.294  -9.136  2.686   1.00 75.92  ? 185 ALA A O   1 
ATOM   1342 C  CB  . ALA A 1 185 ? 11.043  -11.474 0.746   1.00 71.43  ? 185 ALA A CB  1 
ATOM   1343 N  N   . LEU A 1 186 ? 11.881  -8.401  0.598   1.00 72.78  ? 186 LEU A N   1 
ATOM   1344 C  CA  . LEU A 1 186 ? 12.920  -7.379  0.677   1.00 71.17  ? 186 LEU A CA  1 
ATOM   1345 C  C   . LEU A 1 186 ? 12.567  -6.309  1.702   1.00 76.39  ? 186 LEU A C   1 
ATOM   1346 O  O   . LEU A 1 186 ? 13.437  -5.846  2.449   1.00 69.03  ? 186 LEU A O   1 
ATOM   1347 C  CB  . LEU A 1 186 ? 13.145  -6.753  -0.699  1.00 67.00  ? 186 LEU A CB  1 
ATOM   1348 C  CG  . LEU A 1 186 ? 14.098  -5.557  -0.756  1.00 76.31  ? 186 LEU A CG  1 
ATOM   1349 C  CD1 . LEU A 1 186 ? 15.487  -5.943  -0.266  1.00 64.13  ? 186 LEU A CD1 1 
ATOM   1350 C  CD2 . LEU A 1 186 ? 14.160  -4.985  -2.169  1.00 69.19  ? 186 LEU A CD2 1 
ATOM   1351 N  N   . ARG A 1 187 ? 11.295  -5.906  1.757   1.00 75.30  ? 187 ARG A N   1 
ATOM   1352 C  CA  . ARG A 1 187 ? 10.902  -4.859  2.694   1.00 79.30  ? 187 ARG A CA  1 
ATOM   1353 C  C   . ARG A 1 187 ? 10.888  -5.376  4.128   1.00 66.92  ? 187 ARG A C   1 
ATOM   1354 O  O   . ARG A 1 187 ? 11.344  -4.683  5.045   1.00 73.56  ? 187 ARG A O   1 
ATOM   1355 C  CB  . ARG A 1 187 ? 9.535   -4.292  2.304   1.00 59.23  ? 187 ARG A CB  1 
ATOM   1356 C  CG  . ARG A 1 187 ? 9.009   -3.228  3.253   1.00 69.90  ? 187 ARG A CG  1 
ATOM   1357 C  CD  . ARG A 1 187 ? 10.005  -2.091  3.444   1.00 70.80  ? 187 ARG A CD  1 
ATOM   1358 N  NE  . ARG A 1 187 ? 9.560   -1.152  4.471   1.00 63.03  ? 187 ARG A NE  1 
ATOM   1359 C  CZ  . ARG A 1 187 ? 10.308  -0.169  4.961   1.00 71.40  ? 187 ARG A CZ  1 
ATOM   1360 N  NH1 . ARG A 1 187 ? 11.544  0.012   4.516   1.00 73.00  ? 187 ARG A NH1 1 
ATOM   1361 N  NH2 . ARG A 1 187 ? 9.818   0.636   5.896   1.00 59.87  ? 187 ARG A NH2 1 
ATOM   1362 N  N   . LEU A 1 188 ? 10.370  -6.588  4.344   1.00 71.87  ? 188 LEU A N   1 
ATOM   1363 C  CA  . LEU A 1 188 ? 10.345  -7.150  5.693   1.00 74.98  ? 188 LEU A CA  1 
ATOM   1364 C  C   . LEU A 1 188 ? 11.754  -7.409  6.211   1.00 77.78  ? 188 LEU A C   1 
ATOM   1365 O  O   . LEU A 1 188 ? 12.019  -7.249  7.409   1.00 70.43  ? 188 LEU A O   1 
ATOM   1366 C  CB  . LEU A 1 188 ? 9.522   -8.437  5.715   1.00 76.00  ? 188 LEU A CB  1 
ATOM   1367 C  CG  . LEU A 1 188 ? 8.005   -8.279  5.595   1.00 80.63  ? 188 LEU A CG  1 
ATOM   1368 C  CD1 . LEU A 1 188 ? 7.323   -9.636  5.655   1.00 72.23  ? 188 LEU A CD1 1 
ATOM   1369 C  CD2 . LEU A 1 188 ? 7.478   -7.360  6.685   1.00 82.34  ? 188 LEU A CD2 1 
ATOM   1370 N  N   . ALA A 1 189 ? 12.667  -7.817  5.327   1.00 72.20  ? 189 ALA A N   1 
ATOM   1371 C  CA  . ALA A 1 189 ? 14.055  -8.005  5.738   1.00 79.02  ? 189 ALA A CA  1 
ATOM   1372 C  C   . ALA A 1 189 ? 14.697  -6.677  6.118   1.00 85.57  ? 189 ALA A C   1 
ATOM   1373 O  O   . ALA A 1 189 ? 15.511  -6.617  7.047   1.00 82.78  ? 189 ALA A O   1 
ATOM   1374 C  CB  . ALA A 1 189 ? 14.846  -8.687  4.622   1.00 68.77  ? 189 ALA A CB  1 
ATOM   1375 N  N   . ALA A 1 190 ? 14.341  -5.601  5.411   1.00 79.30  ? 190 ALA A N   1 
ATOM   1376 C  CA  . ALA A 1 190 ? 14.851  -4.281  5.760   1.00 82.11  ? 190 ALA A CA  1 
ATOM   1377 C  C   . ALA A 1 190 ? 14.232  -3.746  7.043   1.00 76.95  ? 190 ALA A C   1 
ATOM   1378 O  O   . ALA A 1 190 ? 14.776  -2.808  7.634   1.00 77.29  ? 190 ALA A O   1 
ATOM   1379 C  CB  . ALA A 1 190 ? 14.607  -3.301  4.612   1.00 76.58  ? 190 ALA A CB  1 
ATOM   1380 N  N   . ILE A 1 191 ? 13.113  -4.311  7.484   1.00 74.06  ? 191 ILE A N   1 
ATOM   1381 C  CA  . ILE A 1 191 ? 12.491  -3.891  8.735   1.00 75.52  ? 191 ILE A CA  1 
ATOM   1382 C  C   . ILE A 1 191 ? 12.982  -4.732  9.907   1.00 87.34  ? 191 ILE A C   1 
ATOM   1383 O  O   . ILE A 1 191 ? 13.296  -4.197  10.974  1.00 93.10  ? 191 ILE A O   1 
ATOM   1384 C  CB  . ILE A 1 191 ? 10.956  -3.951  8.604   1.00 82.26  ? 191 ILE A CB  1 
ATOM   1385 C  CG1 . ILE A 1 191 ? 10.472  -2.942  7.558   1.00 82.09  ? 191 ILE A CG1 1 
ATOM   1386 C  CG2 . ILE A 1 191 ? 10.294  -3.696  9.952   1.00 76.00  ? 191 ILE A CG2 1 
ATOM   1387 C  CD1 . ILE A 1 191 ? 9.001   -3.064  7.231   1.00 65.20  ? 191 ILE A CD1 1 
ATOM   1388 N  N   . TYR A 1 192 ? 13.064  -6.052  9.726   1.00 82.84  ? 192 TYR A N   1 
ATOM   1389 C  CA  . TYR A 1 192 ? 13.483  -6.922  10.819  1.00 84.27  ? 192 TYR A CA  1 
ATOM   1390 C  C   . TYR A 1 192 ? 14.977  -6.808  11.096  1.00 88.07  ? 192 TYR A C   1 
ATOM   1391 O  O   . TYR A 1 192 ? 15.407  -6.999  12.239  1.00 88.84  ? 192 TYR A O   1 
ATOM   1392 C  CB  . TYR A 1 192 ? 13.121  -8.376  10.511  1.00 50.00  ? 192 TYR A CB  1 
ATOM   1393 C  CG  . TYR A 1 192 ? 11.633  -8.631  10.422  1.00 50.00  ? 192 TYR A CG  1 
ATOM   1394 C  CD1 . TYR A 1 192 ? 10.892  -8.931  11.560  1.00 50.00  ? 192 TYR A CD1 1 
ATOM   1395 C  CD2 . TYR A 1 192 ? 10.971  -8.572  9.204   1.00 50.00  ? 192 TYR A CD2 1 
ATOM   1396 C  CE1 . TYR A 1 192 ? 9.533   -9.166  11.483  1.00 50.00  ? 192 TYR A CE1 1 
ATOM   1397 C  CE2 . TYR A 1 192 ? 9.611   -8.805  9.118   1.00 50.00  ? 192 TYR A CE2 1 
ATOM   1398 C  CZ  . TYR A 1 192 ? 8.898   -9.101  10.260  1.00 50.00  ? 192 TYR A CZ  1 
ATOM   1399 O  OH  . TYR A 1 192 ? 7.543   -9.336  10.180  1.00 50.00  ? 192 TYR A OH  1 
ATOM   1400 N  N   . TRP A 1 193 ? 15.780  -6.497  10.078  1.00 81.33  ? 193 TRP A N   1 
ATOM   1401 C  CA  . TRP A 1 193 ? 17.222  -6.390  10.241  1.00 75.80  ? 193 TRP A CA  1 
ATOM   1402 C  C   . TRP A 1 193 ? 17.767  -4.990  9.986   1.00 86.18  ? 193 TRP A C   1 
ATOM   1403 O  O   . TRP A 1 193 ? 18.990  -4.809  10.022  1.00 89.82  ? 193 TRP A O   1 
ATOM   1404 C  CB  . TRP A 1 193 ? 17.941  -7.390  9.322   1.00 78.50  ? 193 TRP A CB  1 
ATOM   1405 C  CG  . TRP A 1 193 ? 17.710  -8.823  9.702   1.00 96.65  ? 193 TRP A CG  1 
ATOM   1406 C  CD1 . TRP A 1 193 ? 17.895  -9.383  10.933  1.00 94.09  ? 193 TRP A CD1 1 
ATOM   1407 C  CD2 . TRP A 1 193 ? 17.266  -9.880  8.843   1.00 94.86  ? 193 TRP A CD2 1 
ATOM   1408 N  NE1 . TRP A 1 193 ? 17.584  -10.721 10.895  1.00 99.38  ? 193 TRP A NE1 1 
ATOM   1409 C  CE2 . TRP A 1 193 ? 17.196  -11.052 9.624   1.00 97.11  ? 193 TRP A CE2 1 
ATOM   1410 C  CE3 . TRP A 1 193 ? 16.916  -9.950  7.491   1.00 91.13  ? 193 TRP A CE3 1 
ATOM   1411 C  CZ2 . TRP A 1 193 ? 16.791  -12.277 9.099   1.00 93.43  ? 193 TRP A CZ2 1 
ATOM   1412 C  CZ3 . TRP A 1 193 ? 16.515  -11.169 6.970   1.00 90.86  ? 193 TRP A CZ3 1 
ATOM   1413 C  CH2 . TRP A 1 193 ? 16.457  -12.315 7.773   1.00 95.15  ? 193 TRP A CH2 1 
ATOM   1414 N  N   . HIS A 1 194 ? 16.906  -4.006  9.727   1.00 93.43  ? 194 HIS A N   1 
ATOM   1415 C  CA  . HIS A 1 194 ? 17.314  -2.614  9.525   1.00 93.83  ? 194 HIS A CA  1 
ATOM   1416 C  C   . HIS A 1 194 ? 18.378  -2.493  8.433   1.00 86.59  ? 194 HIS A C   1 
ATOM   1417 O  O   . HIS A 1 194 ? 19.409  -1.836  8.598   1.00 82.54  ? 194 HIS A O   1 
ATOM   1418 C  CB  . HIS A 1 194 ? 17.796  -1.990  10.837  1.00 80.86  ? 194 HIS A CB  1 
ATOM   1419 C  CG  . HIS A 1 194 ? 16.684  -1.604  11.763  1.00 94.95  ? 194 HIS A CG  1 
ATOM   1420 N  ND1 . HIS A 1 194 ? 16.170  -0.327  11.814  1.00 95.07  ? 194 HIS A ND1 1 
ATOM   1421 C  CD2 . HIS A 1 194 ? 15.986  -2.329  12.670  1.00 93.30  ? 194 HIS A CD2 1 
ATOM   1422 C  CE1 . HIS A 1 194 ? 15.204  -0.279  12.715  1.00 98.11  ? 194 HIS A CE1 1 
ATOM   1423 N  NE2 . HIS A 1 194 ? 15.072  -1.481  13.248  1.00 101.83 ? 194 HIS A NE2 1 
ATOM   1424 N  N   . VAL A 1 195 ? 18.112  -3.135  7.299   1.00 82.92  ? 195 VAL A N   1 
ATOM   1425 C  CA  . VAL A 1 195 ? 19.038  -3.109  6.171   1.00 82.86  ? 195 VAL A CA  1 
ATOM   1426 C  C   . VAL A 1 195 ? 18.902  -1.778  5.446   1.00 85.91  ? 195 VAL A C   1 
ATOM   1427 O  O   . VAL A 1 195 ? 17.789  -1.324  5.154   1.00 85.70  ? 195 VAL A O   1 
ATOM   1428 C  CB  . VAL A 1 195 ? 18.779  -4.288  5.220   1.00 80.10  ? 195 VAL A CB  1 
ATOM   1429 C  CG1 . VAL A 1 195 ? 19.816  -4.307  4.105   1.00 70.07  ? 195 VAL A CG1 1 
ATOM   1430 C  CG2 . VAL A 1 195 ? 18.781  -5.600  5.987   1.00 76.42  ? 195 VAL A CG2 1 
ATOM   1431 N  N   . SER A 1 196 ? 20.038  -1.150  5.150   1.00 85.91  ? 196 SER A N   1 
ATOM   1432 C  CA  . SER A 1 196 ? 20.065  0.155   4.512   1.00 80.39  ? 196 SER A CA  1 
ATOM   1433 C  C   . SER A 1 196 ? 20.984  0.120   3.300   1.00 95.05  ? 196 SER A C   1 
ATOM   1434 O  O   . SER A 1 196 ? 21.863  -0.737  3.182   1.00 106.58 ? 196 SER A O   1 
ATOM   1435 C  CB  . SER A 1 196 ? 20.528  1.246   5.487   1.00 85.30  ? 196 SER A CB  1 
ATOM   1436 O  OG  . SER A 1 196 ? 19.681  1.307   6.621   1.00 90.44  ? 196 SER A OG  1 
ATOM   1437 N  N   . LEU A 1 197 ? 20.765  1.072   2.396   1.00 105.17 ? 197 LEU A N   1 
ATOM   1438 C  CA  . LEU A 1 197 ? 21.570  1.212   1.193   1.00 104.10 ? 197 LEU A CA  1 
ATOM   1439 C  C   . LEU A 1 197 ? 22.401  2.482   1.266   1.00 107.82 ? 197 LEU A C   1 
ATOM   1440 O  O   . LEU A 1 197 ? 21.879  3.539   1.644   1.00 104.56 ? 197 LEU A O   1 
ATOM   1441 C  CB  . LEU A 1 197 ? 20.680  1.239   -0.055  1.00 98.01  ? 197 LEU A CB  1 
ATOM   1442 C  CG  . LEU A 1 197 ? 20.266  -0.106  -0.657  1.00 108.37 ? 197 LEU A CG  1 
ATOM   1443 C  CD1 . LEU A 1 197 ? 19.358  -0.864  0.302   1.00 82.96  ? 197 LEU A CD1 1 
ATOM   1444 C  CD2 . LEU A 1 197 ? 19.582  0.096   -1.997  1.00 105.35 ? 197 LEU A CD2 1 
ATOM   1445 N  N   . PRO A 1 198 ? 23.692  2.422   0.907   1.00 111.57 ? 198 PRO A N   1 
ATOM   1446 C  CA  . PRO A 1 198 ? 24.562  3.600   0.910   1.00 119.28 ? 198 PRO A CA  1 
ATOM   1447 C  C   . PRO A 1 198 ? 24.279  4.539   -0.260  1.00 106.86 ? 198 PRO A C   1 
ATOM   1448 O  O   . PRO A 1 198 ? 23.963  5.707   -0.035  1.00 104.64 ? 198 PRO A O   1 
ATOM   1449 C  CB  . PRO A 1 198 ? 25.964  2.996   0.793   1.00 105.51 ? 198 PRO A CB  1 
ATOM   1450 C  CG  . PRO A 1 198 ? 25.753  1.727   0.052   1.00 108.50 ? 198 PRO A CG  1 
ATOM   1451 C  CD  . PRO A 1 198 ? 24.417  1.202   0.511   1.00 105.43 ? 198 PRO A CD  1 
HETATM 1452 CD CD  . CD  B 2 .   ? -11.762 14.798  14.847  1.00 80.02  ? 301 CD  A CD  1 
HETATM 1453 CD CD  . CD  C 2 .   ? 2.794   -7.890  -22.794 0.94 80.29  ? 302 CD  A CD  1 
HETATM 1454 CD CD  . CD  D 2 .   ? 14.594  3.856   10.497  1.00 112.80 ? 303 CD  A CD  1 
HETATM 1455 CD CD  . CD  E 2 .   ? -6.487  -2.664  -8.416  1.00 213.45 ? 304 CD  A CD  1 
HETATM 1456 O  O   . HOH F 3 .   ? 15.774  7.236   0.108   1.00 72.74  ? 401 HOH A O   1 
HETATM 1457 O  O   . HOH F 3 .   ? 6.589   -12.535 -24.168 1.00 82.93  ? 402 HOH A O   1 
HETATM 1458 O  O   . HOH F 3 .   ? 17.863  1.354   11.834  1.00 101.47 ? 403 HOH A O   1 
HETATM 1459 O  O   . HOH F 3 .   ? 3.193   -11.417 -21.922 1.00 67.02  ? 404 HOH A O   1 
HETATM 1460 O  O   . HOH F 3 .   ? 13.538  -1.961  15.068  1.00 91.68  ? 405 HOH A O   1 
HETATM 1461 O  O   . HOH F 3 .   ? -7.466  0.074   -6.049  1.00 50.00  ? 406 HOH A O   1 
HETATM 1462 O  O   . HOH F 3 .   ? 0.124   -2.151  -21.909 1.00 62.62  ? 407 HOH A O   1 
HETATM 1463 O  O   . HOH F 3 .   ? -4.671  3.007   -2.733  1.00 61.95  ? 408 HOH A O   1 
HETATM 1464 O  O   . HOH F 3 .   ? 2.543   3.661   1.220   1.00 67.90  ? 409 HOH A O   1 
HETATM 1465 O  O   . HOH F 3 .   ? -8.533  -1.057  -8.563  1.00 50.00  ? 410 HOH A O   1 
HETATM 1466 O  O   . HOH F 3 .   ? 0.238   3.853   -1.166  1.00 52.59  ? 411 HOH A O   1 
HETATM 1467 O  O   . HOH F 3 .   ? -2.642  4.040   -1.046  1.00 57.03  ? 412 HOH A O   1 
HETATM 1468 O  O   . HOH F 3 .   ? -9.332  13.178  -18.294 1.00 50.00  ? 413 HOH A O   1 
HETATM 1469 O  O   . HOH F 3 .   ? 1.436   -13.129 -19.843 1.00 85.05  ? 414 HOH A O   1 
HETATM 1470 O  O   . HOH F 3 .   ? 12.543  3.503   4.748   1.00 56.88  ? 415 HOH A O   1 
HETATM 1471 O  O   . HOH F 3 .   ? -14.560 15.308  14.983  1.00 50.31  ? 416 HOH A O   1 
HETATM 1472 O  O   . HOH F 3 .   ? 6.811   -0.405  5.205   1.00 71.91  ? 417 HOH A O   1 
HETATM 1473 O  O   . HOH F 3 .   ? 6.552   15.740  7.187   1.00 82.63  ? 418 HOH A O   1 
HETATM 1474 O  O   . HOH F 3 .   ? 4.144   -14.579 -26.716 1.00 52.97  ? 419 HOH A O   1 
HETATM 1475 O  O   . HOH F 3 .   ? 8.572   20.607  11.681  0.33 86.54  ? 420 HOH A O   1 
HETATM 1476 O  O   . HOH F 3 .   ? 12.916  5.312   -1.250  1.00 37.30  ? 421 HOH A O   1 
HETATM 1477 O  O   . HOH F 3 .   ? 5.356   19.216  6.905   0.33 81.24  ? 422 HOH A O   1 
HETATM 1478 O  O   . HOH F 3 .   ? -5.907  -14.260 -16.330 0.50 84.28  ? 423 HOH A O   1 
HETATM 1479 O  O   . HOH F 3 .   ? 20.998  2.596   11.548  1.00 83.71  ? 424 HOH A O   1 
HETATM 1480 O  O   . HOH F 3 .   ? 5.367   -9.533  -23.203 1.00 66.36  ? 425 HOH A O   1 
HETATM 1481 O  O   . HOH F 3 .   ? 5.931   -21.866 -14.183 1.00 107.51 ? 426 HOH A O   1 
HETATM 1482 O  O   . HOH F 3 .   ? 10.499  21.440  14.544  0.33 109.04 ? 427 HOH A O   1 
# 
